data_8FFW
#
_entry.id   8FFW
#
loop_
_entity.id
_entity.type
_entity.pdbx_description
1 polymer 'Heat shock protein HSP 90-alpha'
2 polymer 'Glucocorticoid receptor'
3 polymer 'Peptidyl-prolyl cis-trans isomerase FKBP5'
4 non-polymer "ADENOSINE-5'-TRIPHOSPHATE"
5 non-polymer 'MAGNESIUM ION'
6 non-polymer DEXAMETHASONE
#
loop_
_entity_poly.entity_id
_entity_poly.type
_entity_poly.pdbx_seq_one_letter_code
_entity_poly.pdbx_strand_id
1 'polypeptide(L)'
;PEETQTQDQPMEEEEVETFAFQAEIAQLMSLIINTFYSNKEIFLRELISNSSDALDKIRYESLTDPSKLDSGKELHINLI
PNKQDRTLTIVDTGIGMTKADLINNLGTIAKSGTKAFMEALQAGADISMIGQFGVGFYSAYLVAEKVTVITKHNDDEQYA
WESSAGGSFTVRTDTGEPMGRGTKVILHLKEDQTEYLEERRIKEIVKKHSQFIGYPITLFVEKERDKEVSDDEAEEKEDK
EEEKEKEEKESEDKPEIEDVGSDEEEEKKDGDKKKKKKIKEKYIDQEELNKTKPIWTRNPDDITNEEYGEFYKSLTNDWE
DHLAVKHFSVEGQLEFRALLFVPRRAPFDLFENRKKKNNIKLYVRRVFIMDNCEELIPEYLNFIRGVVDSEDLPLNISRE
MLQQSKILKVIRKNLVKKCLELFTELAEDKENYKKFYEQFSKNIKLGIHEDSQNRKKLSELLRYYTSASGDEMVSLKDYC
TRMKENQKHIYYITGETKDQVANSAFVERLRKHGLEVIYMIEPIDEYCVQQLKEFEGKTLVSVTKEGLELPEDEEEKKKQ
EEKKTKFENLCKIMKDILEKKVEKVVVSNRLVTSPCCIVTSTYGWTANMERIMKAQALRDNSTMGYMAAKKHLEINPDHS
IIETLRQKAEADKNDKSVKDLVILLYETALLSSGFSLEDPQTHANRIYRMIKLGLGIDEDDPTADDTSAAVTEEMPPLEG
DDDTSRMEEVD
;
A,B
2 'polypeptide(L)'
;PKLCLVCSDEASGCHYGVLTCGSCKVFFKRAVEGQHNYLCAGRNDCIIDKIRRKNCPACRYRKCLQAGMNLEARKTKKKI
KGIQQATTGVSQETSENPGNKTIVPATLPQLTPTLVSLLEVIEPEVLYAGYDSSVPDSTWRIMTTLNMLGGRQVIAAVKW
AKAIPGFRNLHLDDQMTLLQYSWMSLMAFALGWRSYRQSSANLLCFAPDLIINEQRMTLPCMYDQCKHMLYVSSELHRLQ
VSYEEYLCMKTLLLLSSVPKDGLKSQELFDEIRMTYIKELGKAIVKREGNSSQNWQRFYQLTKLLDSMHEVVENLLNYCF
QTFLDKTMSIEFPEMLAEIITNQIPKYSNGNIKKLLFHQK
;
C
3 'polypeptide(L)'
;TTDEGAKNNEESPTATVAEQGEDITSKKDRGVLKIVKRVGNGEETPMIGDKVYVHYKGKLSNGKKFDSSHDRNEPFVFSL
GKGQVIKAWDIGVATMKKGEICHLLCKPEYAYGSAGSLPKIPSNATLFFEIELLDFKGEDLFEDGGIIRRTKRKGEGYSN
PNEGATVEIHLEGRCGGRMFDCRDVAFTVGEGEDHDIPIGIDKALEKMQREEQCILYLGPRYGFGEAGKPKFGIEPNAEL
IYEVTLKSFEKAKESWEMDTKEKLEQAAIVKEKGTVYFKGGKYMQAVIQYGKIVSWLEMEYGLSEKESKASESFLLAAFL
NLAMCYLKLREYTKAVECCDKALGLDSANEKGLYRRGEAQLLMNEFESAKGDFEKVLEVNPQNKAARLQISMCQKKAKEH
NERDRRIYANMFKKFAEQDAKEEANKAMGKKTSEGVTNEKGTDSQAMEEEKPEGHV
;
D
#
# COMPACT_ATOMS: atom_id res chain seq x y z
N GLU A 14 70.19 13.29 -36.82
CA GLU A 14 69.14 12.27 -37.01
C GLU A 14 68.01 12.81 -37.91
N GLU A 15 67.77 12.13 -39.06
CA GLU A 15 66.70 12.44 -40.01
C GLU A 15 65.43 11.81 -39.49
N VAL A 16 64.38 12.59 -39.34
CA VAL A 16 63.18 12.08 -38.73
C VAL A 16 62.02 12.06 -39.68
N GLU A 17 61.38 10.91 -39.80
CA GLU A 17 60.27 10.78 -40.73
C GLU A 17 58.97 11.25 -40.11
N THR A 18 58.15 11.93 -40.90
CA THR A 18 56.87 12.42 -40.39
C THR A 18 55.73 11.81 -41.14
N PHE A 19 54.74 11.36 -40.39
CA PHE A 19 53.58 10.71 -40.94
C PHE A 19 52.29 11.33 -40.49
N ALA A 20 51.27 11.24 -41.30
CA ALA A 20 49.94 11.67 -40.90
C ALA A 20 49.21 10.48 -40.32
N PHE A 21 48.17 10.72 -39.54
CA PHE A 21 47.35 9.60 -39.10
C PHE A 21 46.34 9.22 -40.15
N GLN A 22 46.05 7.93 -40.22
CA GLN A 22 45.04 7.34 -41.09
C GLN A 22 44.05 6.58 -40.25
N ALA A 23 43.06 5.97 -40.88
CA ALA A 23 42.10 5.18 -40.16
C ALA A 23 41.65 4.05 -41.04
N GLU A 24 41.24 2.95 -40.44
CA GLU A 24 40.69 1.87 -41.22
C GLU A 24 39.21 1.97 -41.22
N ILE A 25 38.67 2.22 -42.38
CA ILE A 25 37.26 2.46 -42.53
C ILE A 25 36.44 1.26 -42.18
N ALA A 26 36.88 0.09 -42.56
CA ALA A 26 36.06 -1.05 -42.25
C ALA A 26 35.84 -1.24 -40.77
N GLN A 27 36.85 -0.95 -39.98
CA GLN A 27 36.70 -1.20 -38.57
C GLN A 27 36.00 -0.04 -37.95
N LEU A 28 36.20 1.13 -38.50
CA LEU A 28 35.60 2.29 -37.94
C LEU A 28 34.12 2.16 -38.09
N MET A 29 33.67 1.67 -39.24
CA MET A 29 32.27 1.53 -39.45
C MET A 29 31.71 0.54 -38.47
N SER A 30 32.44 -0.55 -38.20
CA SER A 30 31.92 -1.52 -37.27
C SER A 30 31.74 -0.90 -35.91
N LEU A 31 32.68 -0.09 -35.44
CA LEU A 31 32.50 0.50 -34.11
C LEU A 31 31.29 1.42 -34.06
N ILE A 32 31.08 2.14 -35.13
CA ILE A 32 29.98 3.07 -35.18
C ILE A 32 28.68 2.35 -34.96
N ILE A 33 28.55 1.19 -35.54
CA ILE A 33 27.33 0.45 -35.40
C ILE A 33 27.25 -0.39 -34.16
N ASN A 34 28.31 -1.08 -33.84
CA ASN A 34 28.24 -2.05 -32.77
C ASN A 34 28.69 -1.66 -31.38
N THR A 35 29.49 -0.62 -31.20
CA THR A 35 29.96 -0.29 -29.86
C THR A 35 29.77 1.15 -29.42
N PHE A 36 28.92 1.85 -30.13
CA PHE A 36 28.53 3.05 -29.40
C PHE A 36 27.18 3.12 -28.76
N TYR A 37 26.26 2.25 -29.10
CA TYR A 37 24.95 2.47 -28.54
C TYR A 37 24.42 1.33 -27.71
N SER A 38 23.74 1.71 -26.64
CA SER A 38 23.13 0.82 -25.69
C SER A 38 21.76 0.36 -26.08
N ASN A 39 21.16 1.06 -27.02
CA ASN A 39 19.79 0.76 -27.37
C ASN A 39 19.51 1.07 -28.82
N LYS A 40 18.29 0.82 -29.25
CA LYS A 40 17.91 1.04 -30.62
C LYS A 40 16.85 2.10 -30.79
N GLU A 41 16.44 2.76 -29.74
CA GLU A 41 15.34 3.74 -29.81
C GLU A 41 15.79 5.01 -30.49
N ILE A 42 17.07 4.99 -30.57
CA ILE A 42 17.73 6.20 -30.72
C ILE A 42 17.95 6.27 -32.20
N PHE A 43 17.64 5.18 -32.93
CA PHE A 43 17.89 5.33 -34.33
C PHE A 43 16.89 6.34 -34.84
N LEU A 44 15.73 6.40 -34.21
CA LEU A 44 14.74 7.29 -34.69
C LEU A 44 15.04 8.63 -34.17
N ARG A 45 15.48 8.65 -32.93
CA ARG A 45 15.77 9.91 -32.28
C ARG A 45 16.77 10.67 -33.13
N GLU A 46 17.77 9.99 -33.63
CA GLU A 46 18.75 10.67 -34.42
C GLU A 46 18.22 11.12 -35.75
N LEU A 47 17.42 10.32 -36.41
CA LEU A 47 16.93 10.74 -37.70
C LEU A 47 16.07 11.97 -37.56
N ILE A 48 15.27 12.02 -36.51
CA ILE A 48 14.41 13.16 -36.32
C ILE A 48 15.22 14.38 -36.01
N SER A 49 16.21 14.26 -35.15
CA SER A 49 17.00 15.41 -34.83
C SER A 49 17.68 15.98 -36.04
N ASN A 50 18.18 15.15 -36.92
CA ASN A 50 18.84 15.74 -38.04
C ASN A 50 17.83 16.38 -38.94
N SER A 51 16.66 15.81 -39.00
CA SER A 51 15.63 16.39 -39.81
C SER A 51 15.23 17.75 -39.30
N SER A 52 15.08 17.92 -38.00
CA SER A 52 14.65 19.21 -37.51
C SER A 52 15.69 20.26 -37.75
N ASP A 53 16.95 19.86 -37.78
CA ASP A 53 17.94 20.86 -38.08
C ASP A 53 17.82 21.26 -39.52
N ALA A 54 17.53 20.32 -40.38
CA ALA A 54 17.40 20.68 -41.78
C ALA A 54 16.31 21.71 -41.97
N LEU A 55 15.22 21.55 -41.24
CA LEU A 55 14.13 22.50 -41.33
C LEU A 55 14.53 23.80 -40.77
N ASP A 56 15.26 23.78 -39.70
CA ASP A 56 15.59 25.03 -39.11
C ASP A 56 16.56 25.78 -39.99
N LYS A 57 17.41 25.08 -40.70
CA LYS A 57 18.32 25.79 -41.59
C LYS A 57 17.56 26.52 -42.66
N ILE A 58 16.55 25.88 -43.24
CA ILE A 58 15.85 26.61 -44.27
C ILE A 58 15.05 27.72 -43.72
N ARG A 59 14.48 27.52 -42.56
CA ARG A 59 13.70 28.58 -41.98
C ARG A 59 14.60 29.78 -41.85
N TYR A 60 15.81 29.57 -41.38
CA TYR A 60 16.73 30.65 -41.26
C TYR A 60 17.03 31.31 -42.58
N GLU A 61 17.31 30.53 -43.61
CA GLU A 61 17.67 31.18 -44.85
C GLU A 61 16.55 32.06 -45.41
N SER A 62 15.32 31.60 -45.22
CA SER A 62 14.16 32.27 -45.77
C SER A 62 13.94 33.63 -45.13
N LEU A 63 14.65 33.92 -44.04
CA LEU A 63 14.51 35.17 -43.36
C LEU A 63 15.01 36.31 -44.19
N THR A 64 16.03 36.07 -45.02
CA THR A 64 16.53 37.16 -45.82
C THR A 64 16.16 36.95 -47.27
N ASP A 65 15.82 35.73 -47.63
CA ASP A 65 15.45 35.44 -49.00
C ASP A 65 14.25 34.49 -49.02
N PRO A 66 13.04 35.00 -49.10
CA PRO A 66 11.81 34.26 -48.98
C PRO A 66 11.58 33.33 -50.14
N SER A 67 12.32 33.53 -51.24
CA SER A 67 12.09 32.74 -52.44
C SER A 67 12.56 31.34 -52.19
N LYS A 68 13.29 31.14 -51.12
CA LYS A 68 13.78 29.84 -50.80
C LYS A 68 12.62 28.91 -50.52
N LEU A 69 11.48 29.47 -50.15
CA LEU A 69 10.33 28.68 -49.83
C LEU A 69 9.39 28.57 -51.01
N ASP A 70 9.80 29.05 -52.17
CA ASP A 70 8.90 28.98 -53.31
C ASP A 70 8.56 27.55 -53.64
N SER A 71 9.49 26.64 -53.38
CA SER A 71 9.30 25.23 -53.62
C SER A 71 8.38 24.56 -52.60
N GLY A 72 8.00 25.27 -51.54
CA GLY A 72 7.11 24.76 -50.51
C GLY A 72 7.31 25.47 -49.18
N LYS A 73 6.20 25.88 -48.55
CA LYS A 73 6.25 26.61 -47.29
C LYS A 73 5.95 25.84 -46.01
N GLU A 74 5.45 24.63 -46.09
CA GLU A 74 5.11 23.96 -44.85
C GLU A 74 6.31 23.23 -44.26
N LEU A 75 6.73 23.63 -43.08
CA LEU A 75 7.88 23.03 -42.44
C LEU A 75 7.40 22.00 -41.48
N HIS A 76 7.56 20.74 -41.82
CA HIS A 76 7.01 19.71 -41.00
C HIS A 76 7.69 18.38 -41.22
N ILE A 77 7.48 17.45 -40.30
CA ILE A 77 8.04 16.11 -40.42
C ILE A 77 7.02 15.02 -40.51
N ASN A 78 7.14 14.18 -41.49
CA ASN A 78 6.24 13.08 -41.67
C ASN A 78 6.85 11.71 -41.46
N LEU A 79 6.23 10.90 -40.63
CA LEU A 79 6.70 9.54 -40.40
C LEU A 79 5.74 8.61 -41.05
N ILE A 80 6.24 7.81 -41.96
CA ILE A 80 5.37 6.94 -42.69
C ILE A 80 5.85 5.51 -42.69
N PRO A 81 5.44 4.67 -41.77
CA PRO A 81 5.81 3.29 -41.72
C PRO A 81 5.09 2.62 -42.83
N ASN A 82 5.63 1.54 -43.31
CA ASN A 82 5.00 0.75 -44.33
C ASN A 82 5.16 -0.69 -44.01
N LYS A 83 4.14 -1.28 -43.42
CA LYS A 83 4.30 -2.67 -43.04
C LYS A 83 4.47 -3.58 -44.22
N GLN A 84 3.78 -3.30 -45.30
CA GLN A 84 3.85 -4.23 -46.42
C GLN A 84 5.23 -4.39 -47.00
N ASP A 85 5.97 -3.31 -47.07
CA ASP A 85 7.31 -3.35 -47.63
C ASP A 85 8.36 -3.53 -46.58
N ARG A 86 7.93 -3.62 -45.33
CA ARG A 86 8.82 -3.66 -44.20
C ARG A 86 9.79 -2.47 -44.23
N THR A 87 9.26 -1.27 -44.46
CA THR A 87 10.09 -0.08 -44.51
C THR A 87 9.56 1.03 -43.65
N LEU A 88 10.43 1.98 -43.41
CA LEU A 88 10.03 3.22 -42.75
C LEU A 88 10.53 4.42 -43.47
N THR A 89 9.65 5.35 -43.76
CA THR A 89 10.10 6.53 -44.44
C THR A 89 9.94 7.77 -43.61
N ILE A 90 10.99 8.58 -43.56
CA ILE A 90 10.93 9.84 -42.86
C ILE A 90 11.11 11.00 -43.79
N VAL A 91 10.13 11.88 -43.80
CA VAL A 91 10.15 12.98 -44.75
C VAL A 91 10.12 14.36 -44.18
N ASP A 92 11.01 15.21 -44.65
CA ASP A 92 10.95 16.58 -44.21
C ASP A 92 10.95 17.50 -45.40
N THR A 93 10.94 18.78 -45.12
CA THR A 93 10.93 19.84 -46.10
C THR A 93 12.02 20.83 -45.79
N GLY A 94 13.13 20.33 -45.30
CA GLY A 94 14.20 21.23 -44.91
C GLY A 94 15.04 21.58 -46.11
N ILE A 95 16.25 22.01 -45.88
CA ILE A 95 17.09 22.44 -46.99
C ILE A 95 17.26 21.38 -48.06
N GLY A 96 17.53 20.14 -47.66
CA GLY A 96 17.83 19.09 -48.64
C GLY A 96 19.34 19.11 -48.92
N MET A 97 19.83 18.27 -49.83
CA MET A 97 21.28 18.22 -50.09
C MET A 97 21.60 18.23 -51.56
N THR A 98 22.72 18.85 -51.95
CA THR A 98 23.11 18.82 -53.36
C THR A 98 23.88 17.54 -53.62
N LYS A 99 24.14 17.20 -54.87
CA LYS A 99 24.89 15.97 -55.11
C LYS A 99 26.19 15.96 -54.33
N ALA A 100 26.84 17.11 -54.31
CA ALA A 100 28.11 17.30 -53.65
C ALA A 100 28.03 17.03 -52.16
N ASP A 101 26.90 17.33 -51.54
CA ASP A 101 26.80 17.17 -50.12
C ASP A 101 26.46 15.74 -49.84
N LEU A 102 25.74 15.09 -50.72
CA LEU A 102 25.44 13.71 -50.40
C LEU A 102 26.74 12.96 -50.33
N ILE A 103 27.64 13.28 -51.23
CA ILE A 103 28.89 12.60 -51.20
C ILE A 103 29.74 13.07 -50.03
N ASN A 104 29.92 14.37 -49.84
CA ASN A 104 30.80 14.74 -48.76
C ASN A 104 30.30 14.46 -47.37
N ASN A 105 29.02 14.67 -47.12
CA ASN A 105 28.54 14.51 -45.78
C ASN A 105 28.07 13.13 -45.44
N LEU A 106 27.56 12.36 -46.39
CA LEU A 106 27.16 11.03 -45.98
C LEU A 106 28.27 10.06 -46.22
N GLY A 107 29.23 10.43 -47.07
CA GLY A 107 30.31 9.52 -47.36
C GLY A 107 31.52 9.71 -46.45
N THR A 108 31.48 10.68 -45.54
CA THR A 108 32.64 10.92 -44.72
C THR A 108 32.29 10.72 -43.27
N ILE A 109 33.00 9.84 -42.64
CA ILE A 109 32.81 9.57 -41.25
C ILE A 109 33.42 10.68 -40.47
N ALA A 110 32.66 11.17 -39.54
CA ALA A 110 33.01 12.26 -38.67
C ALA A 110 33.03 13.63 -39.36
N LYS A 111 32.43 13.73 -40.54
CA LYS A 111 32.25 15.04 -41.14
C LYS A 111 30.99 15.63 -40.56
N SER A 112 30.97 16.92 -40.29
CA SER A 112 29.74 17.54 -39.82
C SER A 112 29.38 18.78 -40.58
N GLY A 113 28.33 18.65 -41.40
CA GLY A 113 27.90 19.74 -42.24
C GLY A 113 27.23 20.77 -41.38
N THR A 114 26.54 20.27 -40.38
CA THR A 114 25.81 21.10 -39.49
C THR A 114 26.77 21.96 -38.75
N LYS A 115 27.86 21.39 -38.30
CA LYS A 115 28.80 22.17 -37.58
C LYS A 115 29.37 23.23 -38.46
N ALA A 116 29.70 22.88 -39.68
CA ALA A 116 30.27 23.88 -40.57
C ALA A 116 29.31 25.02 -40.78
N PHE A 117 28.04 24.69 -40.89
CA PHE A 117 27.02 25.68 -41.09
C PHE A 117 27.06 26.61 -39.93
N MET A 118 27.06 26.08 -38.72
CA MET A 118 27.03 26.93 -37.58
C MET A 118 28.24 27.82 -37.52
N GLU A 119 29.38 27.29 -37.91
CA GLU A 119 30.60 28.05 -37.90
C GLU A 119 30.52 29.22 -38.86
N ALA A 120 29.80 29.02 -39.94
CA ALA A 120 29.65 30.00 -40.98
C ALA A 120 28.63 31.09 -40.64
N LEU A 121 27.96 30.98 -39.52
CA LEU A 121 26.95 31.96 -39.17
C LEU A 121 27.49 33.22 -38.56
N GLN A 122 26.70 34.25 -38.73
CA GLN A 122 26.94 35.52 -38.09
C GLN A 122 26.89 35.35 -36.59
N ALA A 123 27.63 36.20 -35.88
CA ALA A 123 27.69 36.13 -34.42
C ALA A 123 26.34 36.27 -33.73
N GLY A 124 25.44 37.04 -34.31
CA GLY A 124 24.14 37.28 -33.69
C GLY A 124 23.07 36.23 -34.03
N ALA A 125 23.41 35.17 -34.74
CA ALA A 125 22.40 34.19 -35.13
C ALA A 125 21.81 33.51 -33.90
N ASP A 126 20.52 33.24 -33.97
CA ASP A 126 19.76 32.58 -32.91
C ASP A 126 19.44 31.15 -33.25
N ILE A 127 20.27 30.53 -34.05
CA ILE A 127 19.90 29.21 -34.41
C ILE A 127 20.41 28.23 -33.41
N SER A 128 19.53 27.79 -32.56
CA SER A 128 19.90 26.84 -31.54
C SER A 128 19.84 25.46 -32.13
N MET A 129 20.82 25.19 -32.96
CA MET A 129 20.94 24.01 -33.76
C MET A 129 21.31 22.85 -32.91
N ILE A 130 20.82 21.66 -33.20
CA ILE A 130 21.35 20.57 -32.42
C ILE A 130 22.74 20.42 -32.96
N GLY A 131 23.73 20.46 -32.10
CA GLY A 131 25.08 20.38 -32.62
C GLY A 131 25.40 18.95 -32.87
N GLN A 132 26.59 18.67 -33.31
CA GLN A 132 26.85 17.29 -33.57
C GLN A 132 28.28 16.97 -33.72
N PHE A 133 28.50 15.69 -33.77
CA PHE A 133 29.73 15.05 -34.06
C PHE A 133 29.43 14.68 -35.47
N GLY A 134 30.30 14.06 -36.20
CA GLY A 134 29.90 13.76 -37.58
C GLY A 134 29.30 12.38 -37.72
N VAL A 135 29.04 11.74 -36.61
CA VAL A 135 28.51 10.42 -36.66
C VAL A 135 27.22 10.31 -35.95
N GLY A 136 26.24 9.77 -36.64
CA GLY A 136 24.92 9.59 -36.06
C GLY A 136 23.96 9.09 -37.10
N PHE A 137 24.10 9.56 -38.32
CA PHE A 137 23.28 9.07 -39.40
C PHE A 137 23.33 7.57 -39.47
N TYR A 138 24.50 7.05 -39.30
CA TYR A 138 24.85 5.67 -39.44
C TYR A 138 24.13 4.79 -38.47
N SER A 139 23.55 5.36 -37.44
CA SER A 139 22.80 4.61 -36.46
C SER A 139 21.61 3.99 -37.13
N ALA A 140 21.27 4.45 -38.31
CA ALA A 140 20.19 3.89 -39.05
C ALA A 140 20.43 2.41 -39.28
N TYR A 141 21.68 2.02 -39.38
CA TYR A 141 22.02 0.65 -39.70
C TYR A 141 21.93 -0.24 -38.48
N LEU A 142 21.53 0.34 -37.36
CA LEU A 142 21.29 -0.44 -36.19
C LEU A 142 20.05 -1.26 -36.48
N VAL A 143 19.09 -0.68 -37.22
CA VAL A 143 17.85 -1.38 -37.47
C VAL A 143 17.60 -1.68 -38.94
N ALA A 144 18.38 -1.05 -39.82
CA ALA A 144 18.19 -1.25 -41.24
C ALA A 144 19.23 -2.13 -41.91
N GLU A 145 18.79 -2.83 -42.95
CA GLU A 145 19.68 -3.62 -43.81
C GLU A 145 20.19 -2.73 -44.91
N LYS A 146 19.34 -1.82 -45.35
CA LYS A 146 19.73 -0.87 -46.39
C LYS A 146 19.13 0.48 -46.12
N VAL A 147 19.86 1.52 -46.44
CA VAL A 147 19.36 2.85 -46.30
C VAL A 147 19.41 3.62 -47.60
N THR A 148 18.28 4.22 -47.97
CA THR A 148 18.18 5.03 -49.18
C THR A 148 17.82 6.47 -48.86
N VAL A 149 18.54 7.41 -49.41
CA VAL A 149 18.22 8.80 -49.15
C VAL A 149 17.90 9.55 -50.42
N ILE A 150 16.72 10.12 -50.47
CA ILE A 150 16.30 10.86 -51.64
C ILE A 150 16.28 12.32 -51.30
N THR A 151 16.91 13.13 -52.10
CA THR A 151 16.85 14.52 -51.74
C THR A 151 16.74 15.47 -52.89
N LYS A 152 16.14 16.61 -52.59
CA LYS A 152 16.02 17.72 -53.51
C LYS A 152 16.48 19.00 -52.88
N HIS A 153 17.47 19.60 -53.48
CA HIS A 153 17.94 20.87 -52.98
C HIS A 153 17.43 21.91 -53.94
N ASN A 154 17.18 23.11 -53.50
CA ASN A 154 16.71 24.10 -54.45
C ASN A 154 17.66 24.35 -55.61
N ASP A 155 18.95 24.21 -55.38
CA ASP A 155 19.94 24.51 -56.38
C ASP A 155 20.38 23.30 -57.19
N ASP A 156 19.72 22.15 -57.03
CA ASP A 156 20.16 20.98 -57.76
C ASP A 156 19.01 20.05 -58.09
N GLU A 157 19.32 18.98 -58.76
CA GLU A 157 18.35 17.99 -59.15
C GLU A 157 18.12 17.02 -58.05
N GLN A 158 17.21 16.10 -58.26
CA GLN A 158 17.03 15.12 -57.24
C GLN A 158 18.00 14.00 -57.43
N TYR A 159 18.56 13.56 -56.33
CA TYR A 159 19.50 12.45 -56.32
C TYR A 159 19.13 11.43 -55.30
N ALA A 160 19.50 10.21 -55.60
CA ALA A 160 19.28 9.10 -54.69
C ALA A 160 20.60 8.51 -54.22
N TRP A 161 20.83 8.56 -52.93
CA TRP A 161 22.04 8.02 -52.31
C TRP A 161 21.71 6.66 -51.75
N GLU A 162 22.57 5.69 -51.94
CA GLU A 162 22.26 4.39 -51.38
C GLU A 162 23.43 3.72 -50.73
N SER A 163 23.20 3.06 -49.60
CA SER A 163 24.28 2.28 -49.01
C SER A 163 23.81 1.22 -48.06
N SER A 164 24.55 0.13 -47.99
CA SER A 164 24.36 -0.95 -47.04
C SER A 164 25.47 -0.91 -46.00
N ALA A 165 26.24 0.17 -46.04
CA ALA A 165 27.41 0.44 -45.19
C ALA A 165 28.47 -0.64 -45.33
N GLY A 166 28.72 -1.08 -46.55
CA GLY A 166 29.70 -2.12 -46.83
C GLY A 166 31.08 -1.56 -47.18
N GLY A 167 31.25 -0.25 -47.04
CA GLY A 167 32.48 0.39 -47.40
C GLY A 167 32.35 1.12 -48.73
N SER A 168 31.11 1.04 -49.20
CA SER A 168 30.77 1.95 -50.26
C SER A 168 29.34 2.42 -50.22
N PHE A 169 29.09 3.41 -51.05
CA PHE A 169 27.78 3.96 -51.27
C PHE A 169 27.69 4.39 -52.71
N THR A 170 26.49 4.54 -53.22
CA THR A 170 26.33 4.96 -54.59
C THR A 170 25.47 6.18 -54.75
N VAL A 171 25.64 6.83 -55.90
CA VAL A 171 24.80 7.97 -56.24
C VAL A 171 24.16 7.80 -57.62
N ARG A 172 22.84 7.92 -57.62
CA ARG A 172 21.98 7.80 -58.77
C ARG A 172 21.23 9.08 -59.01
N THR A 173 20.78 9.31 -60.22
CA THR A 173 19.92 10.45 -60.43
C THR A 173 18.53 9.98 -60.06
N ASP A 174 17.80 10.77 -59.34
CA ASP A 174 16.47 10.38 -58.97
C ASP A 174 15.51 10.60 -60.12
N THR A 175 14.88 9.52 -60.58
CA THR A 175 13.97 9.55 -61.73
C THR A 175 12.51 9.39 -61.33
N GLY A 176 12.22 9.44 -60.03
CA GLY A 176 10.86 9.25 -59.52
C GLY A 176 10.11 10.56 -59.32
N GLU A 177 9.16 10.54 -58.41
CA GLU A 177 8.29 11.66 -58.14
C GLU A 177 9.11 12.83 -57.59
N PRO A 178 8.77 14.07 -57.95
CA PRO A 178 9.41 15.24 -57.47
C PRO A 178 9.04 15.46 -56.03
N MET A 179 9.95 16.04 -55.29
CA MET A 179 9.71 16.42 -53.92
C MET A 179 9.48 17.89 -53.72
N GLY A 180 9.87 18.71 -54.66
CA GLY A 180 9.82 20.16 -54.47
C GLY A 180 11.09 20.57 -53.77
N ARG A 181 11.25 20.08 -52.55
CA ARG A 181 12.42 20.30 -51.74
C ARG A 181 12.45 19.32 -50.57
N GLY A 182 13.63 19.04 -50.04
CA GLY A 182 13.74 18.33 -48.77
C GLY A 182 14.33 16.94 -48.85
N THR A 183 14.34 16.25 -47.72
CA THR A 183 14.95 14.95 -47.66
C THR A 183 14.00 13.87 -47.22
N LYS A 184 14.06 12.76 -47.94
CA LYS A 184 13.29 11.57 -47.67
C LYS A 184 14.18 10.38 -47.36
N VAL A 185 14.10 9.85 -46.16
CA VAL A 185 14.97 8.76 -45.81
C VAL A 185 14.20 7.47 -45.68
N ILE A 186 14.63 6.47 -46.40
CA ILE A 186 13.93 5.22 -46.38
C ILE A 186 14.78 4.12 -45.78
N LEU A 187 14.24 3.47 -44.77
CA LEU A 187 14.95 2.36 -44.20
C LEU A 187 14.31 1.09 -44.65
N HIS A 188 15.12 0.13 -45.03
CA HIS A 188 14.64 -1.19 -45.35
C HIS A 188 15.05 -1.97 -44.14
N LEU A 189 14.07 -2.42 -43.39
CA LEU A 189 14.37 -2.98 -42.09
C LEU A 189 14.79 -4.39 -42.04
N LYS A 190 15.56 -4.66 -40.99
CA LYS A 190 16.03 -5.97 -40.68
C LYS A 190 14.89 -6.90 -40.48
N GLU A 191 15.10 -8.10 -40.97
CA GLU A 191 14.06 -9.13 -40.94
C GLU A 191 13.40 -9.30 -39.58
N ASP A 192 14.16 -9.25 -38.53
CA ASP A 192 13.61 -9.51 -37.22
C ASP A 192 13.34 -8.30 -36.34
N GLN A 193 13.29 -7.10 -36.89
CA GLN A 193 13.01 -5.95 -36.04
C GLN A 193 11.84 -5.17 -36.58
N THR A 194 10.65 -5.70 -36.38
CA THR A 194 9.47 -5.14 -36.96
C THR A 194 8.61 -4.39 -35.98
N GLU A 195 9.06 -4.28 -34.73
CA GLU A 195 8.25 -3.55 -33.75
C GLU A 195 8.26 -2.07 -34.07
N TYR A 196 9.16 -1.65 -34.92
CA TYR A 196 9.28 -0.26 -35.23
C TYR A 196 8.30 0.13 -36.30
N LEU A 197 7.53 -0.84 -36.76
CA LEU A 197 6.48 -0.58 -37.70
C LEU A 197 5.15 -0.42 -36.97
N GLU A 198 5.16 -0.56 -35.62
CA GLU A 198 3.92 -0.49 -34.87
C GLU A 198 3.70 0.89 -34.30
N GLU A 199 2.44 1.27 -34.22
CA GLU A 199 2.11 2.58 -33.73
C GLU A 199 2.50 2.77 -32.30
N ARG A 200 2.34 1.74 -31.50
CA ARG A 200 2.63 1.96 -30.12
C ARG A 200 4.08 2.22 -29.89
N ARG A 201 4.93 1.45 -30.54
CA ARG A 201 6.32 1.60 -30.29
C ARG A 201 6.78 2.97 -30.77
N ILE A 202 6.23 3.40 -31.89
CA ILE A 202 6.66 4.68 -32.39
C ILE A 202 6.24 5.77 -31.48
N LYS A 203 5.00 5.75 -31.04
CA LYS A 203 4.57 6.83 -30.22
C LYS A 203 5.35 6.92 -28.95
N GLU A 204 5.69 5.78 -28.36
CA GLU A 204 6.42 5.83 -27.13
C GLU A 204 7.76 6.47 -27.32
N ILE A 205 8.42 6.13 -28.41
CA ILE A 205 9.73 6.64 -28.65
C ILE A 205 9.70 8.11 -28.88
N VAL A 206 8.76 8.57 -29.68
CA VAL A 206 8.77 9.96 -29.96
C VAL A 206 8.45 10.75 -28.73
N LYS A 207 7.44 10.33 -28.00
CA LYS A 207 7.12 11.10 -26.84
C LYS A 207 8.26 11.14 -25.88
N LYS A 208 8.92 10.01 -25.69
CA LYS A 208 9.98 9.94 -24.75
C LYS A 208 11.17 10.82 -25.04
N HIS A 209 11.61 10.86 -26.28
CA HIS A 209 12.82 11.60 -26.54
C HIS A 209 12.69 12.96 -27.20
N SER A 210 11.71 13.11 -28.07
CA SER A 210 11.60 14.26 -28.93
C SER A 210 10.32 15.08 -28.87
N GLN A 211 9.58 15.01 -27.80
CA GLN A 211 8.32 15.73 -27.81
C GLN A 211 8.44 17.24 -27.86
N PHE A 212 9.61 17.81 -27.62
CA PHE A 212 9.68 19.27 -27.66
C PHE A 212 10.33 19.85 -28.89
N ILE A 213 10.37 19.10 -29.95
CA ILE A 213 10.87 19.65 -31.20
C ILE A 213 9.85 20.61 -31.76
N GLY A 214 10.32 21.78 -32.18
CA GLY A 214 9.49 22.87 -32.67
C GLY A 214 8.69 22.66 -33.96
N TYR A 215 9.02 21.67 -34.74
CA TYR A 215 8.28 21.47 -35.97
C TYR A 215 7.31 20.33 -35.74
N PRO A 216 6.09 20.40 -36.23
CA PRO A 216 5.09 19.39 -36.04
C PRO A 216 5.46 18.11 -36.68
N ILE A 217 5.17 17.04 -35.99
CA ILE A 217 5.43 15.70 -36.44
C ILE A 217 4.17 14.92 -36.63
N THR A 218 3.96 14.43 -37.83
CA THR A 218 2.75 13.68 -38.11
C THR A 218 3.00 12.24 -38.48
N LEU A 219 2.28 11.35 -37.85
CA LEU A 219 2.37 9.94 -38.11
C LEU A 219 1.24 9.48 -39.01
N PHE A 220 1.58 8.83 -40.12
CA PHE A 220 0.61 8.41 -41.12
C PHE A 220 0.37 6.91 -41.16
N VAL A 221 -0.78 6.46 -40.69
CA VAL A 221 -1.02 5.02 -40.64
C VAL A 221 -2.33 4.59 -41.27
N GLU A 222 -2.42 3.33 -41.66
CA GLU A 222 -3.65 2.84 -42.30
C GLU A 222 -4.63 2.13 -41.40
N LYS A 223 -5.91 2.46 -41.58
CA LYS A 223 -7.01 1.82 -40.86
C LYS A 223 -8.33 1.91 -41.64
N GLU A 224 -9.35 1.09 -41.28
CA GLU A 224 -10.68 1.08 -41.93
C GLU A 224 -11.60 2.10 -41.26
N LYS A 282 -9.95 1.32 -46.97
CA LYS A 282 -9.31 1.89 -45.81
C LYS A 282 -8.81 3.30 -46.16
N TYR A 283 -8.23 4.00 -45.17
CA TYR A 283 -7.73 5.38 -45.30
C TYR A 283 -6.53 5.58 -44.42
N ILE A 284 -5.82 6.66 -44.67
CA ILE A 284 -4.70 6.98 -43.83
C ILE A 284 -5.07 8.04 -42.85
N ASP A 285 -4.80 7.72 -41.61
CA ASP A 285 -5.03 8.52 -40.44
C ASP A 285 -3.79 9.36 -40.14
N GLN A 286 -3.91 10.67 -40.21
CA GLN A 286 -2.79 11.56 -39.99
C GLN A 286 -2.83 12.08 -38.59
N GLU A 287 -2.00 11.53 -37.72
CA GLU A 287 -2.02 11.89 -36.32
C GLU A 287 -0.83 12.72 -35.84
N GLU A 288 -1.07 13.93 -35.38
CA GLU A 288 0.03 14.76 -34.90
C GLU A 288 0.42 14.30 -33.53
N LEU A 289 1.72 14.25 -33.23
CA LEU A 289 2.14 13.81 -31.91
C LEU A 289 2.65 14.91 -30.96
N ASN A 290 3.50 15.80 -31.45
CA ASN A 290 4.12 16.80 -30.58
C ASN A 290 3.31 18.07 -30.45
N LYS A 291 2.24 17.97 -29.72
CA LYS A 291 1.30 19.09 -29.59
C LYS A 291 1.60 20.08 -28.49
N THR A 292 2.54 19.73 -27.62
CA THR A 292 2.84 20.56 -26.46
C THR A 292 4.04 21.42 -26.68
N LYS A 293 3.92 22.68 -26.32
CA LYS A 293 5.04 23.57 -26.47
C LYS A 293 5.88 23.62 -25.21
N PRO A 294 7.19 23.80 -25.31
CA PRO A 294 8.12 23.94 -24.23
C PRO A 294 8.04 25.32 -23.67
N ILE A 295 7.01 25.58 -22.90
CA ILE A 295 6.76 26.93 -22.43
C ILE A 295 7.84 27.52 -21.60
N TRP A 296 8.75 26.71 -21.09
CA TRP A 296 9.81 27.24 -20.26
C TRP A 296 10.76 28.17 -20.99
N THR A 297 10.66 28.17 -22.30
CA THR A 297 11.51 28.98 -23.13
C THR A 297 10.97 30.39 -23.19
N ARG A 298 9.74 30.56 -22.75
CA ARG A 298 9.08 31.84 -22.76
C ARG A 298 9.44 32.62 -21.53
N ASN A 299 9.32 33.91 -21.59
CA ASN A 299 9.55 34.70 -20.41
C ASN A 299 8.49 34.30 -19.40
N PRO A 300 8.84 33.94 -18.16
CA PRO A 300 7.93 33.53 -17.13
C PRO A 300 6.75 34.43 -16.88
N ASP A 301 6.93 35.72 -17.10
CA ASP A 301 5.88 36.69 -16.82
C ASP A 301 4.72 36.61 -17.76
N ASP A 302 4.93 36.00 -18.89
CA ASP A 302 3.90 35.95 -19.89
C ASP A 302 3.12 34.68 -19.85
N ILE A 303 3.35 33.84 -18.85
CA ILE A 303 2.66 32.58 -18.83
C ILE A 303 1.56 32.64 -17.80
N THR A 304 0.35 32.27 -18.21
CA THR A 304 -0.77 32.32 -17.29
C THR A 304 -0.80 31.07 -16.47
N ASN A 305 -1.61 31.08 -15.43
CA ASN A 305 -1.69 29.91 -14.61
C ASN A 305 -2.34 28.76 -15.31
N GLU A 306 -3.23 29.05 -16.22
CA GLU A 306 -3.86 27.97 -16.94
C GLU A 306 -2.83 27.32 -17.79
N GLU A 307 -1.99 28.12 -18.43
CA GLU A 307 -0.99 27.53 -19.27
C GLU A 307 -0.05 26.66 -18.51
N TYR A 308 0.35 27.08 -17.31
CA TYR A 308 1.23 26.22 -16.58
C TYR A 308 0.51 24.96 -16.26
N GLY A 309 -0.75 25.07 -15.89
CA GLY A 309 -1.49 23.90 -15.52
C GLY A 309 -1.65 22.94 -16.66
N GLU A 310 -1.91 23.44 -17.85
CA GLU A 310 -2.12 22.51 -18.93
C GLU A 310 -0.84 21.85 -19.29
N PHE A 311 0.24 22.61 -19.24
CA PHE A 311 1.53 22.08 -19.54
C PHE A 311 1.82 20.97 -18.60
N TYR A 312 1.64 21.25 -17.33
CA TYR A 312 1.87 20.30 -16.28
C TYR A 312 1.08 19.06 -16.50
N LYS A 313 -0.20 19.18 -16.75
CA LYS A 313 -0.98 17.98 -16.88
C LYS A 313 -0.48 17.13 -18.03
N SER A 314 -0.15 17.76 -19.16
CA SER A 314 0.33 16.98 -20.28
C SER A 314 1.65 16.35 -19.98
N LEU A 315 2.49 17.08 -19.26
CA LEU A 315 3.82 16.64 -18.91
C LEU A 315 3.82 15.43 -18.02
N THR A 316 2.94 15.43 -17.02
CA THR A 316 2.89 14.36 -16.06
C THR A 316 1.73 13.40 -16.21
N ASN A 317 0.86 13.61 -17.19
CA ASN A 317 -0.32 12.79 -17.41
C ASN A 317 -1.21 12.82 -16.17
N ASP A 318 -1.30 13.99 -15.59
CA ASP A 318 -2.10 14.25 -14.40
C ASP A 318 -3.44 14.77 -14.86
N TRP A 319 -4.31 15.07 -13.92
CA TRP A 319 -5.59 15.64 -14.23
C TRP A 319 -5.77 16.75 -13.24
N GLU A 320 -4.99 16.68 -12.19
CA GLU A 320 -5.06 17.72 -11.18
C GLU A 320 -4.12 18.79 -11.63
N ASP A 321 -4.34 20.00 -11.19
CA ASP A 321 -3.41 21.03 -11.57
C ASP A 321 -2.25 21.03 -10.63
N HIS A 322 -1.30 21.89 -10.84
CA HIS A 322 -0.22 21.96 -9.92
C HIS A 322 -0.65 22.78 -8.75
N LEU A 323 0.03 22.62 -7.64
CA LEU A 323 -0.28 23.38 -6.47
C LEU A 323 0.52 24.66 -6.48
N ALA A 324 1.76 24.55 -6.89
CA ALA A 324 2.64 25.70 -6.93
C ALA A 324 3.70 25.50 -7.97
N VAL A 325 4.22 26.57 -8.52
CA VAL A 325 5.29 26.44 -9.48
C VAL A 325 6.30 27.54 -9.42
N LYS A 326 7.53 27.16 -9.66
CA LYS A 326 8.62 28.10 -9.75
C LYS A 326 9.30 28.01 -11.10
N HIS A 327 9.31 29.12 -11.82
CA HIS A 327 9.92 29.19 -13.15
C HIS A 327 11.14 30.03 -12.96
N PHE A 328 12.25 29.39 -13.13
CA PHE A 328 13.54 29.88 -12.80
C PHE A 328 14.61 29.76 -13.85
N SER A 329 15.56 30.70 -13.86
CA SER A 329 16.67 30.57 -14.78
C SER A 329 18.00 30.94 -14.18
N VAL A 330 19.04 30.33 -14.74
CA VAL A 330 20.42 30.56 -14.38
C VAL A 330 21.25 31.00 -15.52
N GLU A 331 21.94 32.11 -15.34
CA GLU A 331 22.83 32.61 -16.35
C GLU A 331 24.17 32.95 -15.76
N GLY A 332 25.00 31.95 -15.61
CA GLY A 332 26.31 32.10 -15.00
C GLY A 332 27.27 31.40 -15.91
N GLN A 333 28.14 30.58 -15.35
CA GLN A 333 29.05 29.82 -16.19
C GLN A 333 28.22 28.82 -16.97
N LEU A 334 27.21 28.29 -16.31
CA LEU A 334 26.30 27.36 -16.91
C LEU A 334 25.06 28.11 -17.23
N GLU A 335 24.35 27.66 -18.25
CA GLU A 335 23.10 28.28 -18.55
C GLU A 335 22.01 27.27 -18.70
N PHE A 336 20.93 27.50 -17.98
CA PHE A 336 19.78 26.64 -18.05
C PHE A 336 18.54 27.30 -17.50
N ARG A 337 17.42 26.69 -17.80
CA ARG A 337 16.18 27.12 -17.22
C ARG A 337 15.48 25.94 -16.63
N ALA A 338 14.58 26.20 -15.70
CA ALA A 338 13.82 25.09 -15.18
C ALA A 338 12.44 25.44 -14.66
N LEU A 339 11.57 24.46 -14.73
CA LEU A 339 10.25 24.54 -14.15
C LEU A 339 10.08 23.50 -13.11
N LEU A 340 9.77 23.96 -11.92
CA LEU A 340 9.58 23.04 -10.82
C LEU A 340 8.17 23.15 -10.30
N PHE A 341 7.49 22.03 -10.34
CA PHE A 341 6.12 22.00 -9.89
C PHE A 341 5.93 21.19 -8.64
N VAL A 342 5.06 21.70 -7.78
CA VAL A 342 4.65 21.01 -6.59
C VAL A 342 3.25 20.49 -6.86
N PRO A 343 3.00 19.19 -6.81
CA PRO A 343 1.73 18.54 -6.99
C PRO A 343 0.72 18.89 -5.94
N ARG A 344 -0.56 18.75 -6.25
CA ARG A 344 -1.63 18.99 -5.27
C ARG A 344 -1.93 17.80 -4.43
N ARG A 345 -1.31 16.71 -4.76
CA ARG A 345 -1.49 15.49 -4.03
C ARG A 345 -0.18 14.77 -4.02
N ALA A 346 0.14 14.11 -2.92
CA ALA A 346 1.38 13.39 -2.93
C ALA A 346 1.33 12.40 -4.09
N PRO A 347 2.44 12.21 -4.82
CA PRO A 347 2.57 11.33 -5.94
C PRO A 347 2.57 9.92 -5.47
N PHE A 348 2.23 9.03 -6.36
CA PHE A 348 2.25 7.63 -6.06
C PHE A 348 2.45 6.84 -7.33
N ASP A 349 2.79 5.57 -7.18
CA ASP A 349 3.02 4.76 -8.34
C ASP A 349 1.73 4.19 -8.90
N LEU A 350 1.06 5.00 -9.71
CA LEU A 350 -0.20 4.54 -10.30
C LEU A 350 0.12 3.38 -11.23
N PHE A 351 1.24 3.49 -11.93
CA PHE A 351 1.71 2.45 -12.83
C PHE A 351 3.15 2.12 -12.50
N GLU A 352 3.54 0.88 -12.80
CA GLU A 352 4.89 0.42 -12.55
C GLU A 352 5.97 1.25 -13.20
N ASN A 353 6.98 1.56 -12.40
CA ASN A 353 8.14 2.34 -12.79
C ASN A 353 9.30 1.93 -11.88
N ARG A 354 10.46 2.53 -12.08
CA ARG A 354 11.59 2.24 -11.22
C ARG A 354 11.17 2.73 -9.84
N LYS A 355 11.33 1.87 -8.85
CA LYS A 355 10.90 2.25 -7.54
C LYS A 355 11.72 3.42 -7.05
N LYS A 356 11.04 4.46 -6.63
CA LYS A 356 11.64 5.70 -6.13
C LYS A 356 12.57 6.36 -7.13
N LYS A 357 12.15 6.36 -8.37
CA LYS A 357 12.86 7.06 -9.40
C LYS A 357 12.75 8.51 -9.01
N ASN A 358 13.76 9.31 -9.29
CA ASN A 358 13.62 10.72 -8.95
C ASN A 358 12.73 11.32 -10.04
N ASN A 359 12.44 12.62 -9.96
CA ASN A 359 11.52 13.18 -10.94
C ASN A 359 11.92 14.42 -11.71
N ILE A 360 13.19 14.72 -11.84
CA ILE A 360 13.56 15.86 -12.65
C ILE A 360 14.24 15.42 -13.90
N LYS A 361 13.70 15.81 -15.03
CA LYS A 361 14.26 15.42 -16.30
C LYS A 361 15.20 16.47 -16.85
N LEU A 362 16.28 16.02 -17.46
CA LEU A 362 17.23 16.90 -18.07
C LEU A 362 17.23 16.83 -19.56
N TYR A 363 17.08 17.99 -20.16
CA TYR A 363 17.08 18.19 -21.58
C TYR A 363 18.22 19.08 -21.97
N VAL A 364 18.74 18.85 -23.16
CA VAL A 364 19.74 19.74 -23.71
C VAL A 364 19.28 20.17 -25.06
N ARG A 365 19.16 21.46 -25.25
CA ARG A 365 18.66 21.97 -26.49
C ARG A 365 17.35 21.34 -26.86
N ARG A 366 16.46 21.20 -25.89
CA ARG A 366 15.15 20.60 -26.06
C ARG A 366 15.12 19.14 -26.42
N VAL A 367 16.20 18.43 -26.23
CA VAL A 367 16.21 17.00 -26.49
C VAL A 367 16.41 16.25 -25.21
N PHE A 368 15.60 15.25 -24.97
CA PHE A 368 15.75 14.57 -23.72
C PHE A 368 17.05 13.84 -23.57
N ILE A 369 17.72 14.03 -22.44
CA ILE A 369 18.97 13.35 -22.20
C ILE A 369 18.90 12.31 -21.10
N MET A 370 18.49 12.72 -19.91
CA MET A 370 18.54 11.82 -18.75
C MET A 370 17.36 12.05 -17.80
N ASP A 371 16.84 10.99 -17.18
CA ASP A 371 15.72 11.18 -16.25
C ASP A 371 15.79 10.61 -14.84
N ASN A 372 16.91 10.09 -14.41
CA ASN A 372 16.98 9.56 -13.06
C ASN A 372 18.36 9.78 -12.51
N CYS A 373 18.73 11.03 -12.43
CA CYS A 373 20.05 11.33 -11.96
C CYS A 373 19.96 11.63 -10.51
N GLU A 374 20.46 10.73 -9.71
CA GLU A 374 20.37 10.85 -8.28
C GLU A 374 21.15 12.04 -7.82
N GLU A 375 22.21 12.31 -8.53
CA GLU A 375 23.08 13.39 -8.21
C GLU A 375 22.44 14.75 -8.29
N LEU A 376 21.31 14.90 -8.97
CA LEU A 376 20.71 16.22 -9.09
C LEU A 376 19.98 16.75 -7.90
N ILE A 377 19.40 15.91 -7.07
CA ILE A 377 18.61 16.52 -6.02
C ILE A 377 18.43 15.50 -4.90
N PRO A 378 18.42 15.89 -3.61
CA PRO A 378 18.20 15.01 -2.49
C PRO A 378 16.88 14.32 -2.58
N GLU A 379 16.81 13.10 -2.07
CA GLU A 379 15.58 12.32 -2.10
C GLU A 379 14.44 12.97 -1.38
N TYR A 380 14.71 13.75 -0.36
CA TYR A 380 13.63 14.37 0.37
C TYR A 380 12.85 15.35 -0.50
N LEU A 381 13.41 15.76 -1.63
CA LEU A 381 12.73 16.66 -2.54
C LEU A 381 12.31 15.95 -3.80
N ASN A 382 12.08 14.66 -3.72
CA ASN A 382 11.71 13.89 -4.91
C ASN A 382 10.23 13.96 -5.31
N PHE A 383 9.45 14.79 -4.66
CA PHE A 383 8.06 14.92 -5.00
C PHE A 383 7.80 16.11 -5.89
N ILE A 384 8.87 16.87 -5.97
CA ILE A 384 8.92 17.86 -7.03
C ILE A 384 9.06 17.27 -8.39
N ARG A 385 8.22 17.74 -9.30
CA ARG A 385 8.26 17.26 -10.66
C ARG A 385 8.84 18.37 -11.49
N GLY A 386 9.66 18.08 -12.46
CA GLY A 386 10.13 19.22 -13.22
C GLY A 386 11.09 18.92 -14.35
N VAL A 387 11.46 20.01 -15.00
CA VAL A 387 12.33 20.00 -16.15
C VAL A 387 13.45 21.00 -16.10
N VAL A 388 14.65 20.54 -16.46
CA VAL A 388 15.80 21.42 -16.60
C VAL A 388 16.25 21.37 -18.04
N ASP A 389 16.36 22.51 -18.67
CA ASP A 389 16.75 22.59 -20.06
C ASP A 389 17.94 23.46 -20.25
N SER A 390 19.04 22.85 -20.54
CA SER A 390 20.30 23.54 -20.66
C SER A 390 20.80 23.59 -22.07
N GLU A 391 21.81 24.40 -22.25
CA GLU A 391 22.48 24.43 -23.53
C GLU A 391 23.98 24.30 -23.28
N ASP A 392 24.68 23.76 -24.26
CA ASP A 392 26.12 23.62 -24.25
C ASP A 392 26.78 22.87 -23.11
N LEU A 393 26.20 21.77 -22.67
CA LEU A 393 26.89 20.97 -21.69
C LEU A 393 27.66 19.97 -22.50
N PRO A 394 28.84 19.54 -22.09
CA PRO A 394 29.56 18.52 -22.78
C PRO A 394 28.86 17.21 -22.63
N LEU A 395 28.62 16.53 -23.72
CA LEU A 395 27.93 15.26 -23.64
C LEU A 395 28.74 14.14 -24.18
N ASN A 396 28.41 12.97 -23.71
CA ASN A 396 28.97 11.72 -24.10
C ASN A 396 28.72 11.46 -25.54
N ILE A 397 29.60 10.72 -26.19
CA ILE A 397 29.42 10.40 -27.59
C ILE A 397 28.08 9.77 -27.91
N SER A 398 27.51 9.01 -27.00
CA SER A 398 26.23 8.39 -27.26
C SER A 398 25.05 9.34 -27.08
N ARG A 399 25.33 10.49 -26.49
CA ARG A 399 24.37 11.50 -26.08
C ARG A 399 23.36 10.98 -25.07
N GLU A 400 23.73 9.95 -24.32
CA GLU A 400 22.88 9.42 -23.27
C GLU A 400 23.32 9.88 -21.90
N MET A 401 24.51 10.43 -21.80
CA MET A 401 25.10 10.82 -20.54
C MET A 401 25.85 12.10 -20.63
N LEU A 402 25.92 12.78 -19.52
CA LEU A 402 26.66 14.02 -19.38
C LEU A 402 28.11 13.73 -19.00
N GLN A 403 29.05 14.49 -19.57
CA GLN A 403 30.45 14.33 -19.19
C GLN A 403 30.74 15.28 -18.04
N GLN A 404 31.78 15.02 -17.25
CA GLN A 404 32.15 15.96 -16.20
C GLN A 404 31.04 16.17 -15.18
N SER A 405 30.83 15.17 -14.34
CA SER A 405 29.74 15.11 -13.36
C SER A 405 29.76 16.23 -12.33
N LYS A 406 30.86 16.98 -12.25
CA LYS A 406 30.97 18.12 -11.34
C LYS A 406 29.87 19.13 -11.68
N ILE A 407 29.36 19.08 -12.90
CA ILE A 407 28.31 19.93 -13.35
C ILE A 407 27.05 19.63 -12.59
N LEU A 408 26.77 18.35 -12.34
CA LEU A 408 25.56 17.96 -11.67
C LEU A 408 25.57 18.51 -10.29
N LYS A 409 26.75 18.54 -9.68
CA LYS A 409 26.84 19.09 -8.35
C LYS A 409 26.38 20.53 -8.35
N VAL A 410 26.80 21.29 -9.34
CA VAL A 410 26.38 22.68 -9.40
C VAL A 410 24.90 22.80 -9.62
N ILE A 411 24.35 21.98 -10.48
CA ILE A 411 22.94 22.07 -10.72
C ILE A 411 22.17 21.78 -9.46
N ARG A 412 22.56 20.76 -8.72
CA ARG A 412 21.88 20.43 -7.50
C ARG A 412 21.88 21.55 -6.53
N LYS A 413 23.00 22.23 -6.39
CA LYS A 413 23.04 23.34 -5.48
C LYS A 413 21.98 24.35 -5.80
N ASN A 414 21.85 24.68 -7.07
CA ASN A 414 20.86 25.68 -7.40
C ASN A 414 19.44 25.17 -7.29
N LEU A 415 19.19 23.91 -7.60
CA LEU A 415 17.83 23.44 -7.52
C LEU A 415 17.33 23.46 -6.11
N VAL A 416 18.17 23.08 -5.17
CA VAL A 416 17.69 23.05 -3.83
C VAL A 416 17.46 24.46 -3.33
N LYS A 417 18.39 25.36 -3.60
CA LYS A 417 18.22 26.71 -3.13
C LYS A 417 16.89 27.29 -3.52
N LYS A 418 16.47 27.06 -4.75
CA LYS A 418 15.21 27.61 -5.18
C LYS A 418 14.01 26.83 -4.67
N CYS A 419 14.15 25.55 -4.38
CA CYS A 419 13.01 24.83 -3.86
C CYS A 419 12.66 25.45 -2.52
N LEU A 420 13.67 25.80 -1.76
CA LEU A 420 13.41 26.38 -0.47
C LEU A 420 12.73 27.72 -0.60
N GLU A 421 13.11 28.53 -1.60
CA GLU A 421 12.42 29.80 -1.73
C GLU A 421 10.98 29.56 -2.03
N LEU A 422 10.69 28.56 -2.85
CA LEU A 422 9.31 28.31 -3.19
C LEU A 422 8.50 27.96 -1.99
N PHE A 423 9.02 27.11 -1.13
CA PHE A 423 8.21 26.73 0.01
C PHE A 423 8.04 27.88 0.96
N THR A 424 9.06 28.71 1.08
CA THR A 424 8.96 29.84 1.97
C THR A 424 7.84 30.74 1.55
N GLU A 425 7.75 30.98 0.26
CA GLU A 425 6.70 31.81 -0.28
C GLU A 425 5.34 31.13 -0.25
N LEU A 426 5.31 29.83 -0.49
CA LEU A 426 4.07 29.08 -0.53
C LEU A 426 3.37 29.29 0.77
N ALA A 427 4.15 29.22 1.84
CA ALA A 427 3.71 29.31 3.22
C ALA A 427 3.04 30.60 3.60
N GLU A 428 3.18 31.63 2.80
CA GLU A 428 2.51 32.87 3.13
C GLU A 428 0.99 32.69 3.03
N ASP A 429 0.55 31.77 2.17
CA ASP A 429 -0.85 31.47 2.00
C ASP A 429 -1.20 30.39 2.97
N LYS A 430 -1.84 30.77 4.06
CA LYS A 430 -2.05 29.81 5.12
C LYS A 430 -2.87 28.62 4.71
N GLU A 431 -3.86 28.83 3.87
CA GLU A 431 -4.68 27.71 3.51
C GLU A 431 -3.92 26.79 2.62
N ASN A 432 -3.17 27.36 1.71
CA ASN A 432 -2.46 26.46 0.85
C ASN A 432 -1.33 25.80 1.58
N TYR A 433 -0.77 26.46 2.56
CA TYR A 433 0.32 25.84 3.24
C TYR A 433 -0.22 24.63 3.91
N LYS A 434 -1.37 24.76 4.49
CA LYS A 434 -1.97 23.62 5.11
C LYS A 434 -2.14 22.50 4.10
N LYS A 435 -2.69 22.80 2.93
CA LYS A 435 -2.90 21.73 1.97
C LYS A 435 -1.61 21.03 1.62
N PHE A 436 -0.56 21.81 1.51
CA PHE A 436 0.78 21.40 1.22
C PHE A 436 1.31 20.42 2.23
N TYR A 437 1.07 20.84 3.46
CA TYR A 437 1.89 20.38 4.54
C TYR A 437 1.29 19.07 4.88
N GLU A 438 0.00 18.97 4.68
CA GLU A 438 -0.71 17.75 4.97
C GLU A 438 -0.20 16.59 4.15
N GLN A 439 0.23 16.86 2.93
CA GLN A 439 0.74 15.82 2.06
C GLN A 439 2.24 15.69 2.16
N PHE A 440 2.91 16.82 2.39
CA PHE A 440 4.36 16.84 2.34
C PHE A 440 5.20 17.09 3.61
N SER A 441 4.61 17.13 4.79
CA SER A 441 5.38 17.40 6.00
C SER A 441 6.43 16.35 6.29
N LYS A 442 6.21 15.12 5.85
CA LYS A 442 7.17 14.07 6.11
C LYS A 442 8.47 14.36 5.43
N ASN A 443 8.40 14.97 4.26
CA ASN A 443 9.61 15.20 3.56
C ASN A 443 10.35 16.33 4.16
N ILE A 444 9.64 17.28 4.70
CA ILE A 444 10.36 18.38 5.30
C ILE A 444 11.13 17.84 6.45
N LYS A 445 10.50 17.01 7.24
CA LYS A 445 11.18 16.49 8.40
C LYS A 445 12.41 15.67 8.03
N LEU A 446 12.37 14.90 6.95
CA LEU A 446 13.56 14.16 6.58
C LEU A 446 14.68 15.11 6.26
N GLY A 447 14.34 16.25 5.72
CA GLY A 447 15.33 17.26 5.37
C GLY A 447 15.98 17.90 6.59
N ILE A 448 15.43 17.68 7.77
CA ILE A 448 16.00 18.20 8.98
C ILE A 448 17.00 17.20 9.43
N HIS A 449 16.58 15.95 9.37
CA HIS A 449 17.42 14.88 9.82
C HIS A 449 18.71 14.88 9.00
N GLU A 450 18.54 14.96 7.69
CA GLU A 450 19.58 14.97 6.69
C GLU A 450 19.89 16.39 6.25
N ASP A 451 20.85 16.54 5.34
CA ASP A 451 21.10 17.85 4.73
C ASP A 451 21.27 18.93 5.79
N SER A 452 22.23 18.73 6.67
CA SER A 452 22.37 19.57 7.84
C SER A 452 22.57 21.03 7.62
N GLN A 453 23.15 21.42 6.52
CA GLN A 453 23.38 22.84 6.30
C GLN A 453 22.10 23.62 6.11
N ASN A 454 20.99 22.94 5.83
CA ASN A 454 19.73 23.60 5.62
C ASN A 454 18.77 23.52 6.80
N ARG A 455 19.19 22.98 7.93
CA ARG A 455 18.25 22.87 9.03
C ARG A 455 17.74 24.20 9.49
N LYS A 456 18.61 25.18 9.43
CA LYS A 456 18.32 26.52 9.88
C LYS A 456 17.19 27.19 9.13
N LYS A 457 16.86 26.70 7.93
CA LYS A 457 15.75 27.27 7.21
C LYS A 457 14.59 26.30 7.16
N LEU A 458 14.88 25.03 7.09
CA LEU A 458 13.82 24.07 6.97
C LEU A 458 12.97 24.02 8.18
N SER A 459 13.55 24.22 9.33
CA SER A 459 12.81 24.13 10.57
C SER A 459 11.71 25.15 10.66
N GLU A 460 11.77 26.22 9.90
CA GLU A 460 10.79 27.25 9.98
C GLU A 460 9.53 26.87 9.27
N LEU A 461 9.58 25.78 8.55
CA LEU A 461 8.47 25.29 7.79
C LEU A 461 7.72 24.23 8.57
N LEU A 462 8.17 23.92 9.76
CA LEU A 462 7.51 22.91 10.55
C LEU A 462 6.33 23.48 11.27
N ARG A 463 5.31 22.67 11.47
CA ARG A 463 4.16 23.11 12.21
C ARG A 463 3.80 22.06 13.23
N TYR A 464 3.44 22.50 14.43
CA TYR A 464 3.06 21.57 15.49
C TYR A 464 1.83 21.94 16.26
N TYR A 465 1.18 20.94 16.83
CA TYR A 465 0.10 21.24 17.76
C TYR A 465 0.71 21.58 19.08
N THR A 466 0.16 22.53 19.78
CA THR A 466 0.69 22.86 21.08
C THR A 466 -0.47 22.96 22.01
N SER A 467 -0.22 23.02 23.30
CA SER A 467 -1.33 23.10 24.22
C SER A 467 -2.21 24.33 24.07
N ALA A 468 -1.65 25.44 23.64
CA ALA A 468 -2.45 26.66 23.46
C ALA A 468 -3.06 26.80 22.08
N SER A 469 -2.82 25.85 21.19
CA SER A 469 -3.30 26.02 19.83
C SER A 469 -4.64 25.40 19.55
N GLY A 470 -5.16 24.58 20.43
CA GLY A 470 -6.38 23.92 20.06
C GLY A 470 -6.05 23.03 18.88
N ASP A 471 -6.81 23.15 17.80
CA ASP A 471 -6.57 22.30 16.63
C ASP A 471 -5.69 22.95 15.57
N GLU A 472 -5.15 24.11 15.86
CA GLU A 472 -4.29 24.75 14.91
C GLU A 472 -2.87 24.28 15.07
N MET A 473 -2.11 24.29 14.02
CA MET A 473 -0.72 23.96 14.19
C MET A 473 0.00 25.25 14.09
N VAL A 474 1.04 25.42 14.87
CA VAL A 474 1.75 26.67 14.82
C VAL A 474 3.20 26.53 14.55
N SER A 475 3.81 27.63 14.20
CA SER A 475 5.21 27.68 13.92
C SER A 475 6.00 27.80 15.16
N LEU A 476 7.23 27.44 15.07
CA LEU A 476 8.08 27.53 16.21
C LEU A 476 8.29 28.97 16.60
N LYS A 477 8.15 29.88 15.64
CA LYS A 477 8.31 31.28 15.99
C LYS A 477 7.15 31.75 16.84
N ASP A 478 6.03 31.03 16.80
CA ASP A 478 4.86 31.45 17.50
C ASP A 478 5.06 31.03 18.93
N TYR A 479 5.66 29.87 19.08
CA TYR A 479 5.95 29.43 20.41
C TYR A 479 6.84 30.48 21.01
N CYS A 480 7.87 30.87 20.26
CA CYS A 480 8.83 31.82 20.77
C CYS A 480 8.26 33.15 21.15
N THR A 481 7.40 33.70 20.33
CA THR A 481 6.89 35.02 20.67
C THR A 481 6.05 34.97 21.93
N ARG A 482 5.42 33.84 22.20
CA ARG A 482 4.58 33.71 23.37
C ARG A 482 5.35 33.33 24.63
N MET A 483 6.67 33.17 24.56
CA MET A 483 7.43 32.74 25.72
C MET A 483 7.44 33.76 26.82
N LYS A 484 7.45 33.25 28.05
CA LYS A 484 7.54 34.10 29.22
C LYS A 484 8.97 34.50 29.38
N GLU A 485 9.19 35.58 30.11
CA GLU A 485 10.53 36.12 30.32
C GLU A 485 11.43 35.20 31.12
N ASN A 486 10.83 34.24 31.79
CA ASN A 486 11.58 33.32 32.60
C ASN A 486 11.89 32.03 31.86
N GLN A 487 11.50 31.93 30.60
CA GLN A 487 11.80 30.72 29.87
C GLN A 487 13.10 30.85 29.14
N LYS A 488 13.88 29.79 29.18
CA LYS A 488 15.12 29.72 28.46
C LYS A 488 15.01 28.54 27.57
N HIS A 489 13.93 27.83 27.81
CA HIS A 489 13.73 26.59 27.14
C HIS A 489 12.37 26.50 26.52
N ILE A 490 12.34 25.72 25.46
CA ILE A 490 11.14 25.37 24.76
C ILE A 490 10.77 23.98 25.14
N TYR A 491 9.60 23.83 25.67
CA TYR A 491 9.27 22.53 26.18
C TYR A 491 8.48 21.71 25.20
N TYR A 492 8.84 20.46 25.08
CA TYR A 492 8.08 19.58 24.23
C TYR A 492 7.97 18.24 24.85
N ILE A 493 6.97 17.54 24.43
CA ILE A 493 6.70 16.21 24.86
C ILE A 493 6.44 15.36 23.67
N THR A 494 6.83 14.11 23.72
CA THR A 494 6.56 13.27 22.59
C THR A 494 5.71 12.09 23.00
N GLY A 495 4.95 11.54 22.06
CA GLY A 495 4.15 10.37 22.38
C GLY A 495 3.46 9.75 21.19
N GLU A 496 2.50 8.88 21.45
CA GLU A 496 1.81 8.15 20.39
C GLU A 496 0.62 8.86 19.73
N THR A 497 -0.23 9.51 20.53
CA THR A 497 -1.44 10.15 20.01
C THR A 497 -1.51 11.52 20.58
N LYS A 498 -2.45 12.33 20.13
CA LYS A 498 -2.56 13.66 20.70
C LYS A 498 -3.02 13.61 22.13
N ASP A 499 -3.84 12.59 22.38
CA ASP A 499 -4.69 12.80 23.52
C ASP A 499 -3.89 12.30 24.69
N GLN A 500 -3.07 11.29 24.39
CA GLN A 500 -2.29 10.66 25.43
C GLN A 500 -1.18 11.54 25.89
N VAL A 501 -0.83 12.47 25.06
CA VAL A 501 0.22 13.37 25.37
C VAL A 501 -0.37 14.52 26.10
N ALA A 502 -1.43 15.05 25.54
CA ALA A 502 -2.03 16.23 26.09
C ALA A 502 -2.48 16.07 27.52
N ASN A 503 -2.95 14.88 27.89
CA ASN A 503 -3.42 14.65 29.23
C ASN A 503 -2.39 14.07 30.18
N SER A 504 -1.17 13.93 29.73
CA SER A 504 -0.19 13.24 30.54
C SER A 504 0.18 13.89 31.83
N ALA A 505 0.52 13.04 32.78
CA ALA A 505 0.97 13.45 34.09
C ALA A 505 2.21 14.31 33.99
N PHE A 506 2.98 14.08 32.96
CA PHE A 506 4.25 14.77 32.81
C PHE A 506 4.12 16.25 32.61
N VAL A 507 2.97 16.72 32.23
CA VAL A 507 2.84 18.13 31.98
C VAL A 507 1.95 18.81 32.98
N GLU A 508 1.63 18.14 34.08
CA GLU A 508 0.72 18.75 35.02
C GLU A 508 1.22 20.02 35.64
N ARG A 509 2.49 20.11 35.98
CA ARG A 509 2.88 21.36 36.59
C ARG A 509 3.14 22.40 35.52
N LEU A 510 3.46 21.97 34.32
CA LEU A 510 3.66 22.96 33.29
C LEU A 510 2.33 23.62 33.04
N ARG A 511 1.26 22.84 33.07
CA ARG A 511 -0.02 23.44 32.86
C ARG A 511 -0.35 24.35 34.01
N LYS A 512 -0.03 23.95 35.23
CA LYS A 512 -0.32 24.78 36.38
C LYS A 512 0.27 26.16 36.26
N HIS A 513 1.46 26.25 35.75
CA HIS A 513 2.11 27.53 35.66
C HIS A 513 1.90 28.25 34.36
N GLY A 514 1.08 27.71 33.48
CA GLY A 514 0.82 28.34 32.20
C GLY A 514 1.91 28.25 31.14
N LEU A 515 2.71 27.21 31.15
CA LEU A 515 3.73 27.11 30.14
C LEU A 515 3.25 26.32 28.95
N GLU A 516 3.66 26.76 27.77
CA GLU A 516 3.29 26.15 26.51
C GLU A 516 4.04 24.85 26.23
N VAL A 517 3.34 23.80 25.87
CA VAL A 517 4.09 22.58 25.53
C VAL A 517 3.74 22.12 24.14
N ILE A 518 4.75 21.73 23.39
CA ILE A 518 4.58 21.24 22.03
C ILE A 518 4.33 19.76 22.02
N TYR A 519 3.30 19.31 21.29
CA TYR A 519 3.01 17.90 21.25
C TYR A 519 3.55 17.25 19.99
N MET A 520 4.59 16.45 20.11
CA MET A 520 5.16 15.81 18.94
C MET A 520 4.60 14.42 18.88
N ILE A 521 4.22 14.01 17.69
CA ILE A 521 3.46 12.78 17.55
C ILE A 521 4.03 11.74 16.60
N GLU A 522 4.53 12.15 15.46
CA GLU A 522 4.85 11.15 14.46
C GLU A 522 6.15 10.45 14.82
N PRO A 523 6.37 9.18 14.44
CA PRO A 523 7.61 8.49 14.66
C PRO A 523 8.82 9.30 14.22
N ILE A 524 8.64 10.03 13.14
CA ILE A 524 9.68 10.87 12.59
C ILE A 524 10.15 11.92 13.54
N ASP A 525 9.25 12.44 14.34
CA ASP A 525 9.60 13.51 15.22
C ASP A 525 10.77 13.11 16.13
N GLU A 526 10.89 11.83 16.47
CA GLU A 526 11.95 11.42 17.37
C GLU A 526 13.31 11.43 16.75
N TYR A 527 13.37 11.42 15.44
CA TYR A 527 14.62 11.30 14.79
C TYR A 527 15.38 12.57 14.67
N CYS A 528 14.69 13.68 14.36
CA CYS A 528 14.53 15.09 14.06
C CYS A 528 14.78 15.96 15.25
N VAL A 529 14.19 15.55 16.34
CA VAL A 529 14.32 16.28 17.58
C VAL A 529 15.74 16.22 18.09
N GLN A 530 16.47 15.23 17.63
CA GLN A 530 17.81 15.01 18.02
C GLN A 530 18.75 15.98 17.37
N GLN A 531 18.33 16.61 16.29
CA GLN A 531 19.18 17.51 15.58
C GLN A 531 18.82 18.93 15.92
N LEU A 532 17.56 19.16 16.22
CA LEU A 532 17.09 20.49 16.48
C LEU A 532 17.35 20.88 17.89
N LYS A 533 18.58 21.17 18.15
CA LYS A 533 18.97 21.46 19.50
C LYS A 533 18.54 22.84 19.93
N GLU A 534 18.55 23.76 18.98
CA GLU A 534 18.30 25.13 19.29
C GLU A 534 17.49 25.84 18.23
N PHE A 535 16.57 26.67 18.68
CA PHE A 535 15.77 27.46 17.76
C PHE A 535 15.80 28.90 18.14
N GLU A 536 16.35 29.73 17.29
CA GLU A 536 16.48 31.15 17.60
C GLU A 536 17.13 31.40 18.95
N GLY A 537 18.13 30.61 19.28
CA GLY A 537 18.84 30.79 20.53
C GLY A 537 18.19 30.11 21.73
N LYS A 538 17.04 29.49 21.57
CA LYS A 538 16.41 28.88 22.72
C LYS A 538 16.71 27.40 22.71
N THR A 539 16.86 26.81 23.87
CA THR A 539 17.15 25.39 23.92
C THR A 539 15.90 24.57 23.92
N LEU A 540 15.90 23.52 23.14
CA LEU A 540 14.74 22.65 23.11
C LEU A 540 14.91 21.53 24.15
N VAL A 541 13.93 21.36 25.06
CA VAL A 541 14.04 20.36 26.11
C VAL A 541 12.85 19.46 26.25
N SER A 542 13.06 18.29 26.82
CA SER A 542 11.97 17.36 27.02
C SER A 542 11.59 17.14 28.44
N VAL A 543 10.33 16.79 28.49
CA VAL A 543 9.65 16.99 29.74
C VAL A 543 9.44 15.62 30.27
N THR A 544 10.03 14.67 29.61
CA THR A 544 9.94 13.29 30.03
C THR A 544 11.29 12.82 30.53
N LYS A 545 12.25 13.73 30.64
CA LYS A 545 13.56 13.42 31.17
C LYS A 545 13.72 14.01 32.55
N GLU A 546 14.58 13.39 33.31
CA GLU A 546 14.89 13.82 34.64
C GLU A 546 15.60 15.14 34.57
N GLY A 547 15.49 15.91 35.62
CA GLY A 547 16.20 17.17 35.67
C GLY A 547 15.44 18.31 34.99
N LEU A 548 14.14 18.17 34.81
CA LEU A 548 13.44 19.24 34.15
C LEU A 548 13.46 20.47 35.00
N GLU A 549 13.86 21.57 34.40
CA GLU A 549 13.93 22.83 35.06
C GLU A 549 12.68 23.68 34.88
N LEU A 550 12.17 24.17 35.99
CA LEU A 550 11.05 25.06 35.99
C LEU A 550 11.50 26.29 36.77
N PRO A 551 11.01 27.49 36.45
CA PRO A 551 11.35 28.74 37.13
C PRO A 551 10.65 28.91 38.45
N GLU A 552 10.96 28.03 39.38
CA GLU A 552 10.36 28.01 40.70
C GLU A 552 11.05 28.95 41.68
N ASP A 553 10.30 29.41 42.67
CA ASP A 553 10.75 30.26 43.76
C ASP A 553 11.52 29.53 44.85
N GLU A 554 12.24 30.32 45.64
CA GLU A 554 13.06 29.84 46.72
C GLU A 554 12.28 29.15 47.82
N GLU A 555 11.09 29.62 48.10
CA GLU A 555 10.36 29.04 49.21
C GLU A 555 9.96 27.62 48.90
N GLU A 556 9.55 27.38 47.66
CA GLU A 556 9.18 26.03 47.31
C GLU A 556 10.40 25.16 47.32
N LYS A 557 11.52 25.69 46.85
CA LYS A 557 12.72 24.87 46.82
C LYS A 557 13.10 24.41 48.22
N LYS A 558 12.96 25.29 49.20
CA LYS A 558 13.28 24.89 50.55
C LYS A 558 12.35 23.80 51.01
N LYS A 559 11.07 23.93 50.67
CA LYS A 559 10.09 22.94 51.05
C LYS A 559 10.41 21.61 50.42
N GLN A 560 10.91 21.63 49.19
CA GLN A 560 11.24 20.41 48.51
C GLN A 560 12.35 19.69 49.24
N GLU A 561 13.31 20.44 49.77
CA GLU A 561 14.38 19.79 50.48
C GLU A 561 13.88 19.18 51.76
N GLU A 562 12.93 19.86 52.40
CA GLU A 562 12.36 19.34 53.62
C GLU A 562 11.64 18.03 53.31
N LYS A 563 10.98 18.01 52.17
CA LYS A 563 10.27 16.82 51.74
C LYS A 563 11.25 15.71 51.47
N LYS A 564 12.36 16.02 50.85
CA LYS A 564 13.33 14.96 50.62
C LYS A 564 13.76 14.35 51.91
N THR A 565 13.97 15.18 52.90
CA THR A 565 14.43 14.69 54.16
C THR A 565 13.44 13.70 54.76
N LYS A 566 12.16 14.04 54.77
CA LYS A 566 11.24 13.09 55.37
C LYS A 566 10.95 11.89 54.48
N PHE A 567 11.10 12.06 53.18
CA PHE A 567 10.77 10.96 52.31
C PHE A 567 11.93 10.09 51.91
N GLU A 568 13.15 10.46 52.26
CA GLU A 568 14.28 9.64 51.88
C GLU A 568 14.15 8.23 52.39
N ASN A 569 13.54 8.05 53.54
CA ASN A 569 13.41 6.71 54.02
C ASN A 569 12.70 5.86 53.00
N LEU A 570 11.70 6.41 52.31
CA LEU A 570 11.04 5.63 51.33
C LEU A 570 11.90 5.46 50.15
N CYS A 571 12.66 6.47 49.79
CA CYS A 571 13.46 6.30 48.59
C CYS A 571 14.30 5.07 48.75
N LYS A 572 14.90 4.93 49.92
CA LYS A 572 15.73 3.78 50.14
C LYS A 572 14.94 2.50 50.19
N ILE A 573 13.82 2.50 50.88
CA ILE A 573 13.07 1.27 51.00
C ILE A 573 12.56 0.81 49.66
N MET A 574 12.05 1.73 48.88
CA MET A 574 11.50 1.39 47.60
C MET A 574 12.56 0.86 46.67
N LYS A 575 13.77 1.40 46.75
CA LYS A 575 14.87 0.90 45.96
C LYS A 575 15.24 -0.52 46.38
N ASP A 576 15.11 -0.83 47.66
CA ASP A 576 15.42 -2.18 48.12
C ASP A 576 14.37 -3.13 47.55
N ILE A 577 13.17 -2.61 47.44
CA ILE A 577 12.06 -3.30 46.84
C ILE A 577 12.32 -2.98 45.40
N LEU A 578 12.03 -3.93 44.53
CA LEU A 578 11.96 -3.38 43.16
C LEU A 578 13.39 -2.97 42.72
N GLU A 579 14.38 -3.66 43.27
CA GLU A 579 15.78 -3.37 43.05
C GLU A 579 16.28 -3.28 41.64
N LYS A 580 15.81 -4.18 40.80
CA LYS A 580 16.33 -4.27 39.45
C LYS A 580 15.55 -3.50 38.42
N LYS A 581 14.54 -2.79 38.84
CA LYS A 581 13.74 -2.11 37.86
C LYS A 581 14.15 -0.68 37.62
N VAL A 582 14.76 -0.03 38.59
CA VAL A 582 15.11 1.36 38.43
C VAL A 582 16.52 1.62 38.81
N GLU A 583 17.05 2.72 38.34
CA GLU A 583 18.38 3.14 38.76
C GLU A 583 18.31 3.74 40.14
N LYS A 584 17.23 4.47 40.39
CA LYS A 584 17.03 5.16 41.65
C LYS A 584 15.58 5.56 41.84
N VAL A 585 15.24 5.88 43.07
CA VAL A 585 13.94 6.41 43.40
C VAL A 585 14.16 7.75 44.02
N VAL A 586 13.50 8.77 43.50
CA VAL A 586 13.68 10.11 44.03
C VAL A 586 12.39 10.83 44.30
N VAL A 587 12.50 11.86 45.12
CA VAL A 587 11.41 12.76 45.41
C VAL A 587 11.35 13.75 44.29
N SER A 588 10.17 13.96 43.75
CA SER A 588 9.98 14.86 42.63
C SER A 588 9.11 16.05 42.87
N ASN A 589 9.34 17.07 42.06
CA ASN A 589 8.56 18.27 42.08
C ASN A 589 7.81 18.49 40.79
N ARG A 590 7.54 17.44 40.04
CA ARG A 590 6.88 17.64 38.77
C ARG A 590 5.44 17.17 38.66
N LEU A 591 4.98 16.35 39.58
CA LEU A 591 3.66 15.76 39.49
C LEU A 591 2.68 16.48 40.37
N VAL A 592 1.40 16.44 40.02
CA VAL A 592 0.40 17.02 40.88
C VAL A 592 -0.52 15.97 41.40
N THR A 593 -1.15 15.20 40.51
CA THR A 593 -2.14 14.26 40.97
C THR A 593 -1.69 12.83 40.91
N SER A 594 -0.70 12.54 40.09
CA SER A 594 -0.26 11.18 40.04
C SER A 594 0.68 10.97 41.19
N PRO A 595 0.63 9.88 41.92
CA PRO A 595 1.54 9.57 42.97
C PRO A 595 2.95 9.34 42.46
N CYS A 596 3.08 9.04 41.17
CA CYS A 596 4.38 8.73 40.61
C CYS A 596 4.47 8.69 39.07
N CYS A 597 5.68 8.64 38.55
CA CYS A 597 5.87 8.44 37.11
C CYS A 597 7.24 7.86 36.80
N ILE A 598 7.43 7.39 35.58
CA ILE A 598 8.75 6.90 35.19
C ILE A 598 9.38 7.91 34.28
N VAL A 599 10.58 8.33 34.62
CA VAL A 599 11.25 9.37 33.88
C VAL A 599 12.56 8.86 33.27
N THR A 600 12.91 9.37 32.10
CA THR A 600 14.10 9.01 31.36
C THR A 600 15.32 9.76 31.89
N SER A 601 16.50 9.21 31.64
CA SER A 601 17.76 9.81 32.01
C SER A 601 18.11 11.06 31.23
N THR A 602 19.05 11.86 31.76
CA THR A 602 19.45 13.06 31.02
C THR A 602 20.12 12.74 29.71
N TYR A 603 20.87 11.67 29.71
CA TYR A 603 21.51 11.22 28.50
C TYR A 603 21.03 9.84 28.28
N GLY A 604 20.41 9.65 27.16
CA GLY A 604 19.83 8.38 26.90
C GLY A 604 18.66 8.58 25.99
N TRP A 605 17.80 7.60 25.98
CA TRP A 605 16.70 7.59 25.07
C TRP A 605 15.39 7.50 25.79
N THR A 606 14.40 8.12 25.22
CA THR A 606 13.07 8.12 25.78
C THR A 606 12.32 6.88 25.47
N ALA A 607 11.20 6.71 26.14
CA ALA A 607 10.38 5.55 25.89
C ALA A 607 9.93 5.52 24.46
N ASN A 608 9.68 6.68 23.89
CA ASN A 608 9.22 6.67 22.53
C ASN A 608 10.33 6.22 21.63
N MET A 609 11.54 6.56 21.96
CA MET A 609 12.57 6.10 21.08
C MET A 609 12.68 4.63 21.18
N GLU A 610 12.54 4.09 22.37
CA GLU A 610 12.67 2.68 22.43
C GLU A 610 11.57 1.98 21.69
N ARG A 611 10.35 2.46 21.78
CA ARG A 611 9.34 1.68 21.12
C ARG A 611 9.50 1.75 19.63
N ILE A 612 10.04 2.84 19.13
CA ILE A 612 10.22 2.91 17.72
C ILE A 612 11.29 1.97 17.30
N MET A 613 12.42 2.00 17.99
CA MET A 613 13.52 1.16 17.56
C MET A 613 13.18 -0.29 17.68
N LYS A 614 12.36 -0.63 18.65
CA LYS A 614 12.01 -2.01 18.88
C LYS A 614 10.94 -2.47 17.95
N ALA A 615 10.46 -1.60 17.10
CA ALA A 615 9.46 -1.97 16.15
C ALA A 615 10.03 -2.03 14.74
N GLN A 616 11.31 -1.80 14.55
CA GLN A 616 11.76 -1.74 13.18
C GLN A 616 12.18 -3.05 12.62
N ALA A 617 12.03 -3.15 11.31
CA ALA A 617 12.45 -4.30 10.55
C ALA A 617 13.96 -4.51 10.56
N LEU A 618 14.71 -3.41 10.64
CA LEU A 618 16.15 -3.52 10.61
C LEU A 618 16.69 -3.38 12.01
N ARG A 619 17.23 -4.47 12.49
CA ARG A 619 17.69 -4.58 13.85
C ARG A 619 19.04 -5.23 14.01
N ASP A 620 19.59 -5.00 15.19
CA ASP A 620 20.79 -5.65 15.67
C ASP A 620 20.61 -5.76 17.17
N ASN A 621 21.54 -6.38 17.84
CA ASN A 621 21.43 -6.50 19.28
C ASN A 621 22.05 -5.30 19.90
N SER A 622 23.03 -4.77 19.19
CA SER A 622 23.76 -3.62 19.64
C SER A 622 22.88 -2.40 19.59
N THR A 623 21.88 -2.42 18.71
CA THR A 623 21.04 -1.25 18.62
C THR A 623 20.41 -0.95 19.94
N MET A 624 19.79 -1.94 20.57
CA MET A 624 19.18 -1.63 21.86
C MET A 624 20.15 -1.82 22.99
N GLY A 625 21.22 -2.60 22.79
CA GLY A 625 22.19 -2.74 23.86
C GLY A 625 22.69 -1.35 24.18
N TYR A 626 22.76 -0.50 23.15
CA TYR A 626 23.15 0.87 23.27
C TYR A 626 21.97 1.82 23.54
N MET A 627 20.88 1.73 22.78
CA MET A 627 19.79 2.71 22.91
C MET A 627 18.76 2.45 23.99
N ALA A 628 18.86 1.37 24.74
CA ALA A 628 17.90 1.14 25.78
C ALA A 628 17.97 2.26 26.80
N ALA A 629 16.81 2.66 27.27
CA ALA A 629 16.66 3.71 28.24
C ALA A 629 16.96 3.27 29.65
N LYS A 630 17.45 4.21 30.43
CA LYS A 630 17.59 3.98 31.84
C LYS A 630 16.30 4.50 32.42
N LYS A 631 15.84 3.93 33.52
CA LYS A 631 14.62 4.42 34.12
C LYS A 631 14.86 4.91 35.51
N HIS A 632 14.13 5.94 35.91
CA HIS A 632 14.20 6.44 37.26
C HIS A 632 12.76 6.62 37.74
N LEU A 633 12.50 6.38 39.01
CA LEU A 633 11.13 6.55 39.51
C LEU A 633 10.96 7.81 40.31
N GLU A 634 9.96 8.58 39.94
CA GLU A 634 9.68 9.81 40.64
C GLU A 634 8.46 9.73 41.49
N ILE A 635 8.60 10.24 42.70
CA ILE A 635 7.54 10.26 43.69
C ILE A 635 6.95 11.60 44.03
N ASN A 636 5.62 11.65 44.01
CA ASN A 636 4.87 12.84 44.38
C ASN A 636 4.74 12.87 45.90
N PRO A 637 5.39 13.77 46.62
CA PRO A 637 5.49 13.76 48.06
C PRO A 637 4.19 14.16 48.72
N ASP A 638 3.40 14.74 47.84
CA ASP A 638 2.34 15.56 48.32
C ASP A 638 1.09 14.72 48.22
N HIS A 639 1.26 13.53 47.66
CA HIS A 639 0.15 12.64 47.40
C HIS A 639 -0.27 11.88 48.64
N SER A 640 -1.56 11.64 48.80
CA SER A 640 -2.02 10.91 49.97
C SER A 640 -1.59 9.44 50.04
N ILE A 641 -1.34 8.80 48.91
CA ILE A 641 -0.89 7.42 48.97
C ILE A 641 0.51 7.43 49.50
N ILE A 642 1.28 8.37 49.01
CA ILE A 642 2.67 8.47 49.39
C ILE A 642 2.82 8.81 50.86
N GLU A 643 2.00 9.70 51.39
CA GLU A 643 2.17 9.98 52.80
C GLU A 643 1.85 8.72 53.59
N THR A 644 0.84 7.98 53.16
CA THR A 644 0.48 6.77 53.87
C THR A 644 1.63 5.80 53.87
N LEU A 645 2.27 5.62 52.74
CA LEU A 645 3.39 4.73 52.71
C LEU A 645 4.51 5.21 53.57
N ARG A 646 4.79 6.50 53.61
CA ARG A 646 5.91 6.89 54.44
C ARG A 646 5.67 6.43 55.84
N GLN A 647 4.47 6.68 56.34
CA GLN A 647 4.18 6.34 57.70
C GLN A 647 4.20 4.85 57.96
N LYS A 648 3.64 4.10 57.04
CA LYS A 648 3.53 2.68 57.22
C LYS A 648 4.86 2.00 57.10
N ALA A 649 5.63 2.37 56.10
CA ALA A 649 6.90 1.77 55.86
C ALA A 649 7.87 2.05 56.99
N GLU A 650 7.83 3.26 57.55
CA GLU A 650 8.72 3.53 58.65
C GLU A 650 8.34 2.70 59.85
N ALA A 651 7.03 2.56 60.08
CA ALA A 651 6.60 1.77 61.21
C ALA A 651 7.08 0.33 61.13
N ASP A 652 7.06 -0.25 59.93
CA ASP A 652 7.56 -1.60 59.75
C ASP A 652 8.15 -1.80 58.36
N LYS A 653 9.46 -1.85 58.28
CA LYS A 653 10.14 -1.94 57.01
C LYS A 653 9.90 -3.25 56.30
N ASN A 654 9.42 -4.23 57.04
CA ASN A 654 9.18 -5.52 56.46
C ASN A 654 7.70 -5.80 56.30
N ASP A 655 6.88 -4.78 56.33
CA ASP A 655 5.47 -5.03 56.15
C ASP A 655 5.28 -5.38 54.69
N LYS A 656 4.91 -6.62 54.44
CA LYS A 656 4.79 -7.13 53.09
C LYS A 656 3.72 -6.42 52.29
N SER A 657 2.80 -5.75 52.95
CA SER A 657 1.80 -5.04 52.18
C SER A 657 2.45 -3.81 51.56
N VAL A 658 3.54 -3.31 52.13
CA VAL A 658 4.22 -2.18 51.55
C VAL A 658 4.83 -2.68 50.31
N LYS A 659 5.44 -3.84 50.40
CA LYS A 659 6.07 -4.37 49.21
C LYS A 659 5.08 -4.41 48.04
N ASP A 660 3.87 -4.90 48.26
CA ASP A 660 2.93 -4.96 47.15
C ASP A 660 2.48 -3.60 46.65
N LEU A 661 2.32 -2.64 47.54
CA LEU A 661 1.92 -1.31 47.11
C LEU A 661 2.98 -0.67 46.26
N VAL A 662 4.23 -0.89 46.61
CA VAL A 662 5.32 -0.33 45.86
C VAL A 662 5.29 -0.88 44.47
N ILE A 663 5.05 -2.17 44.35
CA ILE A 663 5.01 -2.71 43.02
C ILE A 663 3.88 -2.15 42.21
N LEU A 664 2.68 -2.03 42.76
CA LEU A 664 1.64 -1.49 41.90
C LEU A 664 1.90 -0.09 41.47
N LEU A 665 2.43 0.75 42.35
CA LEU A 665 2.65 2.11 41.90
C LEU A 665 3.64 2.14 40.78
N TYR A 666 4.69 1.35 40.90
CA TYR A 666 5.66 1.32 39.85
C TYR A 666 5.09 0.85 38.54
N GLU A 667 4.40 -0.27 38.60
CA GLU A 667 3.87 -0.91 37.42
C GLU A 667 2.86 -0.04 36.71
N THR A 668 2.00 0.62 37.47
CA THR A 668 1.02 1.51 36.89
C THR A 668 1.73 2.67 36.26
N ALA A 669 2.74 3.19 36.94
CA ALA A 669 3.52 4.30 36.46
C ALA A 669 4.21 3.93 35.18
N LEU A 670 4.55 2.67 35.02
CA LEU A 670 5.23 2.29 33.83
C LEU A 670 4.30 2.49 32.64
N LEU A 671 3.06 2.03 32.77
CA LEU A 671 2.14 2.15 31.66
C LEU A 671 1.82 3.56 31.32
N SER A 672 1.66 4.35 32.35
CA SER A 672 1.25 5.73 32.20
C SER A 672 2.36 6.61 31.69
N SER A 673 3.57 6.06 31.63
CA SER A 673 4.74 6.80 31.21
C SER A 673 5.16 6.38 29.83
N GLY A 674 4.39 5.50 29.20
CA GLY A 674 4.73 5.08 27.85
C GLY A 674 5.62 3.86 27.69
N PHE A 675 5.78 3.04 28.69
CA PHE A 675 6.64 1.88 28.49
C PHE A 675 5.83 0.61 28.34
N SER A 676 6.32 -0.31 27.56
CA SER A 676 5.66 -1.59 27.47
C SER A 676 5.79 -2.30 28.78
N LEU A 677 4.75 -3.01 29.17
CA LEU A 677 4.79 -3.78 30.39
C LEU A 677 5.05 -5.21 29.99
N GLU A 678 6.24 -5.70 30.32
CA GLU A 678 6.67 -6.99 29.86
C GLU A 678 6.11 -8.24 30.50
N ASP A 679 5.48 -8.16 31.65
CA ASP A 679 5.01 -9.40 32.23
C ASP A 679 4.15 -10.20 31.24
N PRO A 680 3.05 -9.65 30.71
CA PRO A 680 2.24 -8.54 31.13
C PRO A 680 1.18 -9.10 32.08
N GLN A 681 1.19 -10.43 32.16
CA GLN A 681 0.15 -11.21 32.77
C GLN A 681 0.05 -10.94 34.24
N THR A 682 1.16 -10.66 34.87
CA THR A 682 1.16 -10.41 36.27
C THR A 682 0.30 -9.20 36.59
N HIS A 683 0.36 -8.16 35.76
CA HIS A 683 -0.39 -6.97 36.06
C HIS A 683 -1.82 -7.36 36.06
N ALA A 684 -2.20 -8.09 35.05
CA ALA A 684 -3.57 -8.48 34.96
C ALA A 684 -4.01 -9.31 36.14
N ASN A 685 -3.14 -10.18 36.61
CA ASN A 685 -3.53 -11.04 37.70
C ASN A 685 -3.73 -10.27 38.97
N ARG A 686 -2.94 -9.23 39.20
CA ARG A 686 -3.14 -8.47 40.42
C ARG A 686 -4.50 -7.83 40.38
N ILE A 687 -4.86 -7.35 39.23
CA ILE A 687 -6.15 -6.75 39.10
C ILE A 687 -7.25 -7.76 39.26
N TYR A 688 -7.12 -8.94 38.69
CA TYR A 688 -8.17 -9.91 38.85
C TYR A 688 -8.40 -10.20 40.31
N ARG A 689 -7.35 -10.29 41.10
CA ARG A 689 -7.55 -10.53 42.51
C ARG A 689 -8.36 -9.41 43.15
N MET A 690 -8.05 -8.17 42.79
CA MET A 690 -8.77 -7.07 43.38
C MET A 690 -10.22 -7.09 42.97
N ILE A 691 -10.49 -7.49 41.76
CA ILE A 691 -11.84 -7.60 41.31
C ILE A 691 -12.57 -8.65 42.07
N LYS A 692 -11.98 -9.81 42.28
CA LYS A 692 -12.73 -10.79 43.02
C LYS A 692 -13.18 -10.22 44.34
N LEU A 693 -12.32 -9.46 45.01
CA LEU A 693 -12.80 -8.87 46.24
C LEU A 693 -13.95 -7.93 46.01
N GLY A 694 -13.79 -7.03 45.06
CA GLY A 694 -14.78 -6.01 44.81
C GLY A 694 -16.13 -6.58 44.45
N LEU A 695 -16.11 -7.69 43.76
CA LEU A 695 -17.26 -8.42 43.28
C LEU A 695 -17.88 -9.33 44.33
N GLY A 696 -17.23 -9.49 45.49
CA GLY A 696 -17.76 -10.36 46.51
C GLY A 696 -17.44 -11.83 46.34
N ILE A 697 -16.39 -12.13 45.62
CA ILE A 697 -15.97 -13.48 45.42
C ILE A 697 -14.96 -13.77 46.50
N ASP A 698 -15.13 -14.86 47.22
CA ASP A 698 -14.23 -15.13 48.32
C ASP A 698 -12.95 -15.80 47.82
N GLU A 699 -12.04 -16.06 48.74
CA GLU A 699 -10.76 -16.72 48.43
C GLU A 699 -10.94 -18.16 47.90
N ASP A 700 -11.90 -18.91 48.49
CA ASP A 700 -12.25 -20.30 48.19
C ASP A 700 -13.67 -20.34 47.57
N GLU B 14 20.82 3.03 -65.61
CA GLU B 14 21.47 4.36 -65.67
C GLU B 14 22.96 4.22 -65.28
N GLU B 15 23.71 5.34 -65.29
CA GLU B 15 25.11 5.43 -64.85
C GLU B 15 25.11 5.72 -63.37
N VAL B 16 25.69 4.82 -62.59
CA VAL B 16 25.67 4.96 -61.16
C VAL B 16 27.06 5.07 -60.64
N GLU B 17 27.34 6.13 -59.92
CA GLU B 17 28.67 6.30 -59.40
C GLU B 17 28.82 5.53 -58.12
N THR B 18 29.98 4.94 -57.91
CA THR B 18 30.24 4.23 -56.66
C THR B 18 31.41 4.87 -55.96
N PHE B 19 31.24 5.07 -54.66
CA PHE B 19 32.25 5.71 -53.85
C PHE B 19 32.59 4.91 -52.61
N ALA B 20 33.81 5.04 -52.15
CA ALA B 20 34.22 4.44 -50.89
C ALA B 20 33.85 5.37 -49.77
N PHE B 21 33.78 4.88 -48.56
CA PHE B 21 33.63 5.80 -47.45
C PHE B 21 35.00 6.29 -47.05
N GLN B 22 35.07 7.53 -46.62
CA GLN B 22 36.28 8.17 -46.11
C GLN B 22 36.02 8.64 -44.71
N ALA B 23 37.02 9.25 -44.09
CA ALA B 23 36.83 9.78 -42.76
C ALA B 23 37.66 11.01 -42.58
N GLU B 24 37.21 11.89 -41.73
CA GLU B 24 38.01 13.05 -41.41
C GLU B 24 38.78 12.77 -40.17
N ILE B 25 40.08 12.67 -40.33
CA ILE B 25 40.95 12.31 -39.24
C ILE B 25 40.95 13.31 -38.14
N ALA B 26 40.95 14.57 -38.47
CA ALA B 26 41.01 15.55 -37.43
C ALA B 26 39.86 15.45 -36.47
N GLN B 27 38.67 15.14 -36.97
CA GLN B 27 37.56 15.12 -36.07
C GLN B 27 37.53 13.82 -35.37
N LEU B 28 38.00 12.79 -36.03
CA LEU B 28 37.95 11.52 -35.40
C LEU B 28 38.85 11.52 -34.20
N MET B 29 40.02 12.13 -34.34
CA MET B 29 40.94 12.17 -33.23
C MET B 29 40.34 12.93 -32.06
N SER B 30 39.68 14.04 -32.36
CA SER B 30 39.08 14.82 -31.31
C SER B 30 38.02 14.04 -30.57
N LEU B 31 37.18 13.33 -31.28
CA LEU B 31 36.13 12.59 -30.60
C LEU B 31 36.66 11.51 -29.72
N ILE B 32 37.68 10.81 -30.15
CA ILE B 32 38.15 9.75 -29.31
C ILE B 32 38.61 10.29 -27.99
N ILE B 33 39.36 11.37 -28.05
CA ILE B 33 39.87 11.96 -26.86
C ILE B 33 38.82 12.61 -25.97
N ASN B 34 37.90 13.38 -26.54
CA ASN B 34 36.96 14.11 -25.74
C ASN B 34 35.61 13.50 -25.41
N THR B 35 35.10 12.58 -26.21
CA THR B 35 33.76 12.10 -25.95
C THR B 35 33.63 10.62 -25.63
N PHE B 36 34.70 9.84 -25.71
CA PHE B 36 34.50 8.42 -25.49
C PHE B 36 34.64 8.01 -24.05
N TYR B 37 35.36 8.77 -23.25
CA TYR B 37 35.58 8.33 -21.90
C TYR B 37 35.27 9.43 -20.91
N SER B 38 34.70 9.08 -19.76
CA SER B 38 34.45 10.07 -18.72
C SER B 38 35.40 10.05 -17.53
N ASN B 39 36.08 8.94 -17.33
CA ASN B 39 36.96 8.79 -16.19
C ASN B 39 38.39 8.87 -16.57
N LYS B 40 39.04 9.97 -16.29
CA LYS B 40 40.40 10.09 -16.76
C LYS B 40 41.34 9.00 -16.28
N GLU B 41 41.12 8.49 -15.09
CA GLU B 41 42.03 7.51 -14.51
C GLU B 41 42.19 6.25 -15.32
N ILE B 42 41.25 5.94 -16.18
CA ILE B 42 41.32 4.67 -16.90
C ILE B 42 42.47 4.65 -17.86
N PHE B 43 43.10 5.78 -18.12
CA PHE B 43 44.18 5.76 -19.06
C PHE B 43 45.23 4.79 -18.58
N LEU B 44 45.35 4.61 -17.28
CA LEU B 44 46.36 3.73 -16.82
C LEU B 44 45.94 2.33 -17.11
N ARG B 45 44.66 2.07 -16.96
CA ARG B 45 44.13 0.75 -17.16
C ARG B 45 44.44 0.30 -18.55
N GLU B 46 44.26 1.18 -19.50
CA GLU B 46 44.54 0.75 -20.84
C GLU B 46 46.02 0.58 -21.14
N LEU B 47 46.87 1.45 -20.63
CA LEU B 47 48.25 1.26 -20.98
C LEU B 47 48.74 -0.08 -20.46
N ILE B 48 48.26 -0.48 -19.29
CA ILE B 48 48.62 -1.75 -18.75
C ILE B 48 48.05 -2.87 -19.59
N SER B 49 46.81 -2.77 -20.01
CA SER B 49 46.28 -3.85 -20.81
C SER B 49 47.08 -4.05 -22.07
N ASN B 50 47.52 -2.98 -22.70
CA ASN B 50 48.29 -3.19 -23.91
C ASN B 50 49.55 -3.92 -23.59
N SER B 51 50.14 -3.57 -22.47
CA SER B 51 51.36 -4.16 -22.06
C SER B 51 51.21 -5.64 -21.76
N SER B 52 50.14 -6.02 -21.07
CA SER B 52 50.03 -7.43 -20.77
C SER B 52 49.83 -8.23 -22.03
N ASP B 53 49.22 -7.63 -23.06
CA ASP B 53 49.10 -8.39 -24.27
C ASP B 53 50.48 -8.55 -24.85
N ALA B 54 51.29 -7.51 -24.80
CA ALA B 54 52.61 -7.62 -25.39
C ALA B 54 53.41 -8.76 -24.77
N LEU B 55 53.27 -8.92 -23.46
CA LEU B 55 53.99 -9.98 -22.79
C LEU B 55 53.42 -11.30 -23.14
N ASP B 56 52.11 -11.38 -23.23
CA ASP B 56 51.55 -12.66 -23.48
C ASP B 56 51.88 -13.12 -24.89
N LYS B 57 51.98 -12.20 -25.82
CA LYS B 57 52.29 -12.62 -27.17
C LYS B 57 53.68 -13.21 -27.24
N ILE B 58 54.65 -12.62 -26.55
CA ILE B 58 55.96 -13.24 -26.63
C ILE B 58 55.99 -14.54 -25.94
N ARG B 59 55.27 -14.65 -24.85
CA ARG B 59 55.26 -15.90 -24.17
C ARG B 59 54.77 -16.95 -25.12
N TYR B 60 53.72 -16.66 -25.87
CA TYR B 60 53.21 -17.62 -26.81
C TYR B 60 54.25 -18.04 -27.82
N GLU B 61 54.94 -17.08 -28.42
CA GLU B 61 55.88 -17.48 -29.45
C GLU B 61 56.99 -18.38 -28.93
N SER B 62 57.42 -18.09 -27.71
CA SER B 62 58.53 -18.80 -27.09
C SER B 62 58.19 -20.25 -26.81
N LEU B 63 56.91 -20.62 -26.91
CA LEU B 63 56.48 -21.97 -26.63
C LEU B 63 57.04 -22.94 -27.63
N THR B 64 57.21 -22.50 -28.87
CA THR B 64 57.75 -23.41 -29.86
C THR B 64 59.15 -22.98 -30.27
N ASP B 65 59.49 -21.73 -29.98
CA ASP B 65 60.80 -21.23 -30.33
C ASP B 65 61.41 -20.49 -29.14
N PRO B 66 62.17 -21.17 -28.30
CA PRO B 66 62.70 -20.66 -27.06
C PRO B 66 63.74 -19.58 -27.26
N SER B 67 64.23 -19.42 -28.49
CA SER B 67 65.30 -18.45 -28.71
C SER B 67 64.72 -17.06 -28.66
N LYS B 68 63.40 -16.97 -28.68
CA LYS B 68 62.74 -15.70 -28.67
C LYS B 68 63.07 -14.97 -27.39
N LEU B 69 63.40 -15.70 -26.34
CA LEU B 69 63.66 -15.07 -25.08
C LEU B 69 65.13 -14.90 -24.84
N ASP B 70 65.95 -15.12 -25.85
CA ASP B 70 67.37 -14.94 -25.66
C ASP B 70 67.70 -13.50 -25.29
N SER B 71 66.89 -12.57 -25.77
CA SER B 71 67.05 -11.16 -25.51
C SER B 71 66.64 -10.74 -24.08
N GLY B 72 66.05 -11.66 -23.31
CA GLY B 72 65.62 -11.41 -21.94
C GLY B 72 64.48 -12.34 -21.51
N LYS B 73 64.58 -12.93 -20.32
CA LYS B 73 63.55 -13.89 -19.89
C LYS B 73 62.53 -13.45 -18.84
N GLU B 74 62.70 -12.30 -18.21
CA GLU B 74 61.74 -11.94 -17.19
C GLU B 74 60.54 -11.21 -17.80
N LEU B 75 59.34 -11.71 -17.56
CA LEU B 75 58.15 -11.07 -18.09
C LEU B 75 57.47 -10.31 -16.98
N HIS B 76 57.56 -9.00 -17.03
CA HIS B 76 57.04 -8.17 -15.96
C HIS B 76 56.73 -6.77 -16.41
N ILE B 77 55.98 -6.04 -15.61
CA ILE B 77 55.69 -4.66 -15.90
C ILE B 77 56.17 -3.71 -14.83
N ASN B 78 56.92 -2.70 -15.22
CA ASN B 78 57.36 -1.72 -14.25
C ASN B 78 56.66 -0.39 -14.40
N LEU B 79 56.29 0.22 -13.28
CA LEU B 79 55.70 1.54 -13.30
C LEU B 79 56.64 2.47 -12.62
N ILE B 80 57.06 3.50 -13.31
CA ILE B 80 58.03 4.41 -12.79
C ILE B 80 57.59 5.86 -12.87
N PRO B 81 56.98 6.42 -11.86
CA PRO B 81 56.59 7.78 -11.84
C PRO B 81 57.85 8.57 -11.67
N ASN B 82 57.83 9.78 -12.13
CA ASN B 82 58.90 10.72 -11.97
C ASN B 82 58.33 12.05 -11.60
N LYS B 83 58.55 12.48 -10.36
CA LYS B 83 57.95 13.71 -9.91
C LYS B 83 58.54 14.88 -10.62
N GLN B 84 59.84 14.71 -10.84
CA GLN B 84 60.54 15.94 -11.09
C GLN B 84 60.19 16.51 -12.46
N ASP B 85 60.03 15.63 -13.44
CA ASP B 85 59.77 16.02 -14.81
C ASP B 85 58.32 15.87 -15.25
N ARG B 86 57.44 15.60 -14.31
CA ARG B 86 56.04 15.34 -14.61
C ARG B 86 55.88 14.21 -15.62
N THR B 87 56.53 13.08 -15.38
CA THR B 87 56.37 12.01 -16.33
C THR B 87 56.05 10.70 -15.67
N LEU B 88 55.49 9.83 -16.45
CA LEU B 88 55.26 8.46 -16.02
C LEU B 88 55.76 7.50 -17.04
N THR B 89 56.56 6.56 -16.61
CA THR B 89 57.03 5.59 -17.56
C THR B 89 56.50 4.20 -17.26
N ILE B 90 56.05 3.53 -18.30
CA ILE B 90 55.60 2.17 -18.18
C ILE B 90 56.49 1.28 -19.00
N VAL B 91 57.05 0.25 -18.40
CA VAL B 91 57.98 -0.60 -19.12
C VAL B 91 57.65 -2.05 -19.15
N ASP B 92 57.73 -2.67 -20.32
CA ASP B 92 57.54 -4.10 -20.38
C ASP B 92 58.64 -4.75 -21.16
N THR B 93 58.56 -6.07 -21.28
CA THR B 93 59.49 -6.92 -21.96
C THR B 93 58.78 -7.79 -22.99
N GLY B 94 57.73 -7.26 -23.57
CA GLY B 94 56.93 -8.07 -24.49
C GLY B 94 57.48 -8.06 -25.88
N ILE B 95 56.67 -8.41 -26.85
CA ILE B 95 57.18 -8.50 -28.21
C ILE B 95 57.88 -7.25 -28.71
N GLY B 96 57.31 -6.08 -28.46
CA GLY B 96 57.89 -4.84 -28.97
C GLY B 96 57.39 -4.62 -30.39
N MET B 97 57.83 -3.57 -31.07
CA MET B 97 57.35 -3.34 -32.43
C MET B 97 58.47 -3.01 -33.38
N THR B 98 58.36 -3.48 -34.61
CA THR B 98 59.34 -3.18 -35.65
C THR B 98 59.02 -1.84 -36.21
N LYS B 99 59.90 -1.23 -36.99
CA LYS B 99 59.53 0.09 -37.50
C LYS B 99 58.22 0.05 -38.26
N ALA B 100 58.04 -0.97 -39.08
CA ALA B 100 56.84 -1.06 -39.88
C ALA B 100 55.59 -1.21 -39.05
N ASP B 101 55.68 -1.97 -37.98
CA ASP B 101 54.52 -2.20 -37.17
C ASP B 101 54.23 -0.98 -36.34
N LEU B 102 55.27 -0.28 -35.96
CA LEU B 102 55.12 0.88 -35.13
C LEU B 102 54.31 1.90 -35.87
N ILE B 103 54.65 2.10 -37.12
CA ILE B 103 53.94 3.06 -37.92
C ILE B 103 52.55 2.58 -38.22
N ASN B 104 52.37 1.34 -38.61
CA ASN B 104 51.04 0.95 -38.96
C ASN B 104 50.06 0.88 -37.81
N ASN B 105 50.50 0.45 -36.63
CA ASN B 105 49.58 0.34 -35.53
C ASN B 105 49.39 1.62 -34.75
N LEU B 106 50.41 2.44 -34.62
CA LEU B 106 50.13 3.65 -33.89
C LEU B 106 49.64 4.72 -34.83
N GLY B 107 49.88 4.58 -36.13
CA GLY B 107 49.43 5.60 -37.05
C GLY B 107 48.05 5.36 -37.62
N THR B 108 47.39 4.26 -37.27
CA THR B 108 46.09 4.00 -37.86
C THR B 108 45.09 3.95 -36.74
N ILE B 109 44.12 4.81 -36.80
CA ILE B 109 43.17 4.94 -35.73
C ILE B 109 42.37 3.73 -35.39
N ALA B 110 41.93 2.98 -36.34
CA ALA B 110 41.11 1.85 -35.97
C ALA B 110 41.81 0.53 -36.17
N LYS B 111 43.13 0.54 -36.28
CA LYS B 111 43.79 -0.72 -36.50
C LYS B 111 44.07 -1.45 -35.22
N SER B 112 43.83 -2.74 -35.17
CA SER B 112 44.21 -3.45 -33.98
C SER B 112 45.10 -4.61 -34.30
N GLY B 113 46.36 -4.43 -33.98
CA GLY B 113 47.37 -5.43 -34.25
C GLY B 113 47.05 -6.67 -33.47
N THR B 114 46.50 -6.48 -32.27
CA THR B 114 46.14 -7.57 -31.41
C THR B 114 45.11 -8.41 -32.05
N LYS B 115 44.12 -7.76 -32.61
CA LYS B 115 43.08 -8.51 -33.25
C LYS B 115 43.67 -9.33 -34.36
N ALA B 116 44.49 -8.69 -35.18
CA ALA B 116 45.06 -9.38 -36.31
C ALA B 116 45.89 -10.55 -35.88
N PHE B 117 46.61 -10.36 -34.81
CA PHE B 117 47.46 -11.39 -34.29
C PHE B 117 46.64 -12.58 -33.95
N MET B 118 45.58 -12.40 -33.21
CA MET B 118 44.84 -13.57 -32.84
C MET B 118 44.22 -14.24 -34.02
N GLU B 119 43.86 -13.48 -35.01
CA GLU B 119 43.27 -14.04 -36.20
C GLU B 119 44.28 -14.86 -36.95
N ALA B 120 45.55 -14.52 -36.79
CA ALA B 120 46.65 -15.21 -37.42
C ALA B 120 47.04 -16.49 -36.69
N LEU B 121 46.39 -16.79 -35.58
CA LEU B 121 46.73 -17.98 -34.84
C LEU B 121 45.82 -19.11 -35.16
N GLN B 122 46.30 -20.30 -34.88
CA GLN B 122 45.54 -21.50 -35.13
C GLN B 122 44.52 -21.76 -34.06
N ALA B 123 43.49 -22.48 -34.43
CA ALA B 123 42.51 -22.86 -33.45
C ALA B 123 43.23 -23.73 -32.46
N GLY B 124 42.89 -23.57 -31.19
CA GLY B 124 43.51 -24.35 -30.14
C GLY B 124 44.49 -23.53 -29.33
N ALA B 125 44.88 -22.36 -29.83
CA ALA B 125 45.78 -21.54 -29.03
C ALA B 125 44.98 -21.20 -27.79
N ASP B 126 45.65 -21.11 -26.65
CA ASP B 126 44.93 -20.84 -25.42
C ASP B 126 44.93 -19.40 -24.94
N ILE B 127 45.38 -18.55 -25.85
CA ILE B 127 45.81 -17.30 -25.28
C ILE B 127 44.70 -16.31 -25.54
N SER B 128 44.37 -15.53 -24.53
CA SER B 128 43.27 -14.59 -24.65
C SER B 128 43.73 -13.20 -24.35
N MET B 129 43.64 -12.37 -25.36
CA MET B 129 44.11 -11.00 -25.34
C MET B 129 43.07 -10.07 -24.82
N ILE B 130 43.49 -8.92 -24.35
CA ILE B 130 42.54 -7.94 -23.90
C ILE B 130 42.01 -7.05 -25.00
N GLY B 131 42.90 -6.51 -25.86
CA GLY B 131 42.44 -5.52 -26.84
C GLY B 131 41.81 -6.07 -28.12
N GLN B 132 41.24 -5.15 -28.95
CA GLN B 132 40.62 -5.50 -30.23
C GLN B 132 40.06 -4.29 -31.00
N PHE B 133 39.87 -3.14 -30.35
CA PHE B 133 39.25 -1.99 -31.02
C PHE B 133 40.18 -1.05 -31.76
N GLY B 134 41.45 -1.02 -31.41
CA GLY B 134 42.39 -0.13 -32.07
C GLY B 134 42.49 1.30 -31.54
N VAL B 135 41.65 1.67 -30.59
CA VAL B 135 41.71 3.04 -30.13
C VAL B 135 42.16 3.26 -28.70
N GLY B 136 42.33 2.22 -27.94
CA GLY B 136 42.66 2.42 -26.54
C GLY B 136 43.92 3.23 -26.33
N PHE B 137 44.89 3.09 -27.19
CA PHE B 137 46.12 3.79 -27.01
C PHE B 137 45.94 5.26 -26.81
N TYR B 138 45.02 5.85 -27.54
CA TYR B 138 44.92 7.28 -27.57
C TYR B 138 44.38 7.84 -26.29
N SER B 139 43.92 6.99 -25.39
CA SER B 139 43.39 7.42 -24.11
C SER B 139 44.50 8.03 -23.30
N ALA B 140 45.73 7.80 -23.71
CA ALA B 140 46.85 8.40 -23.04
C ALA B 140 46.70 9.90 -23.04
N TYR B 141 46.10 10.44 -24.07
CA TYR B 141 46.00 11.86 -24.22
C TYR B 141 44.94 12.45 -23.35
N LEU B 142 44.26 11.63 -22.58
CA LEU B 142 43.31 12.17 -21.66
C LEU B 142 44.10 12.95 -20.64
N VAL B 143 45.28 12.43 -20.27
CA VAL B 143 46.09 13.08 -19.27
C VAL B 143 47.43 13.55 -19.76
N ALA B 144 47.86 13.06 -20.92
CA ALA B 144 49.16 13.43 -21.45
C ALA B 144 49.10 14.61 -22.39
N GLU B 145 50.15 15.42 -22.37
CA GLU B 145 50.30 16.50 -23.33
C GLU B 145 50.98 15.94 -24.55
N LYS B 146 51.91 15.04 -24.29
CA LYS B 146 52.70 14.40 -25.34
C LYS B 146 53.05 13.02 -24.91
N VAL B 147 53.22 12.11 -25.86
CA VAL B 147 53.72 10.83 -25.45
C VAL B 147 54.92 10.44 -26.30
N THR B 148 55.77 9.59 -25.74
CA THR B 148 56.90 9.03 -26.46
C THR B 148 56.93 7.53 -26.28
N VAL B 149 57.15 6.78 -27.34
CA VAL B 149 57.24 5.35 -27.19
C VAL B 149 58.53 4.81 -27.74
N ILE B 150 59.27 4.09 -26.92
CA ILE B 150 60.52 3.53 -27.36
C ILE B 150 60.38 2.03 -27.49
N THR B 151 60.74 1.46 -28.61
CA THR B 151 60.58 0.02 -28.67
C THR B 151 61.62 -0.74 -29.42
N LYS B 152 61.81 -1.97 -28.96
CA LYS B 152 62.73 -2.94 -29.52
C LYS B 152 62.07 -4.24 -29.84
N HIS B 153 62.16 -4.64 -31.07
CA HIS B 153 61.64 -5.92 -31.48
C HIS B 153 62.81 -6.83 -31.70
N ASN B 154 62.65 -8.13 -31.53
CA ASN B 154 63.80 -8.99 -31.77
C ASN B 154 64.37 -8.88 -33.17
N ASP B 155 63.55 -8.59 -34.15
CA ASP B 155 63.98 -8.54 -35.51
C ASP B 155 64.35 -7.15 -36.02
N ASP B 156 64.43 -6.15 -35.15
CA ASP B 156 64.73 -4.81 -35.65
C ASP B 156 65.50 -3.96 -34.63
N GLU B 157 65.81 -2.75 -35.03
CA GLU B 157 66.51 -1.79 -34.21
C GLU B 157 65.55 -1.09 -33.31
N GLN B 158 66.07 -0.25 -32.46
CA GLN B 158 65.17 0.50 -31.62
C GLN B 158 64.76 1.76 -32.31
N TYR B 159 63.49 2.07 -32.18
CA TYR B 159 62.90 3.27 -32.73
C TYR B 159 62.13 4.03 -31.69
N ALA B 160 62.11 5.33 -31.85
CA ALA B 160 61.37 6.20 -30.96
C ALA B 160 60.24 6.91 -31.68
N TRP B 161 59.02 6.63 -31.24
CA TRP B 161 57.82 7.20 -31.82
C TRP B 161 57.44 8.38 -30.98
N GLU B 162 57.06 9.48 -31.58
CA GLU B 162 56.67 10.58 -30.73
C GLU B 162 55.61 11.46 -31.30
N SER B 163 54.63 11.83 -30.48
CA SER B 163 53.62 12.74 -30.96
C SER B 163 52.76 13.38 -29.90
N SER B 164 52.13 14.46 -30.30
CA SER B 164 51.04 15.08 -29.61
C SER B 164 49.87 14.62 -30.45
N ALA B 165 48.63 14.77 -30.02
CA ALA B 165 47.56 14.33 -30.92
C ALA B 165 47.21 15.46 -31.90
N GLY B 166 48.18 15.81 -32.74
CA GLY B 166 48.15 16.92 -33.68
C GLY B 166 47.85 16.55 -35.13
N GLY B 167 47.51 15.30 -35.40
CA GLY B 167 47.23 14.87 -36.77
C GLY B 167 48.42 14.20 -37.46
N SER B 168 49.58 14.26 -36.83
CA SER B 168 50.78 13.65 -37.35
C SER B 168 51.67 13.16 -36.23
N PHE B 169 52.61 12.30 -36.58
CA PHE B 169 53.56 11.74 -35.64
C PHE B 169 54.87 11.48 -36.29
N THR B 170 55.92 11.33 -35.49
CA THR B 170 57.20 11.04 -36.10
C THR B 170 57.88 9.80 -35.62
N VAL B 171 58.81 9.31 -36.43
CA VAL B 171 59.65 8.18 -36.07
C VAL B 171 61.13 8.50 -36.24
N ARG B 172 61.87 8.30 -35.16
CA ARG B 172 63.29 8.51 -35.06
C ARG B 172 63.99 7.20 -34.83
N THR B 173 65.24 7.09 -35.21
CA THR B 173 65.99 5.93 -34.81
C THR B 173 66.26 6.19 -33.35
N ASP B 174 66.14 5.18 -32.52
CA ASP B 174 66.42 5.37 -31.12
C ASP B 174 67.91 5.33 -30.91
N THR B 175 68.46 6.44 -30.47
CA THR B 175 69.90 6.56 -30.31
C THR B 175 70.30 6.40 -28.85
N GLY B 176 69.34 6.04 -28.00
CA GLY B 176 69.59 5.89 -26.58
C GLY B 176 70.01 4.46 -26.21
N GLU B 177 69.87 4.16 -24.94
CA GLU B 177 70.27 2.89 -24.37
C GLU B 177 69.43 1.75 -24.94
N PRO B 178 70.01 0.56 -25.14
CA PRO B 178 69.32 -0.61 -25.58
C PRO B 178 68.45 -1.07 -24.46
N MET B 179 67.31 -1.62 -24.77
CA MET B 179 66.48 -2.18 -23.73
C MET B 179 66.36 -3.67 -23.84
N GLY B 180 67.11 -4.27 -24.73
CA GLY B 180 67.05 -5.73 -24.91
C GLY B 180 65.86 -6.13 -25.75
N ARG B 181 64.68 -5.93 -25.21
CA ARG B 181 63.42 -6.21 -25.86
C ARG B 181 62.25 -5.53 -25.16
N GLY B 182 61.22 -5.15 -25.93
CA GLY B 182 59.97 -4.67 -25.34
C GLY B 182 59.65 -3.22 -25.60
N THR B 183 58.63 -2.72 -24.91
CA THR B 183 58.17 -1.38 -25.15
C THR B 183 58.19 -0.52 -23.89
N LYS B 184 58.70 0.68 -24.04
CA LYS B 184 58.76 1.67 -22.99
C LYS B 184 57.92 2.89 -23.33
N VAL B 185 56.91 3.16 -22.53
CA VAL B 185 56.01 4.26 -22.82
C VAL B 185 56.15 5.40 -21.87
N ILE B 186 56.41 6.58 -22.38
CA ILE B 186 56.60 7.74 -21.53
C ILE B 186 55.52 8.75 -21.72
N LEU B 187 54.85 9.11 -20.65
CA LEU B 187 53.86 10.14 -20.79
C LEU B 187 54.43 11.40 -20.24
N HIS B 188 54.18 12.49 -20.92
CA HIS B 188 54.56 13.80 -20.41
C HIS B 188 53.23 14.34 -19.98
N LEU B 189 53.04 14.44 -18.69
CA LEU B 189 51.74 14.76 -18.18
C LEU B 189 51.36 16.18 -18.17
N LYS B 190 50.07 16.39 -18.31
CA LYS B 190 49.47 17.71 -18.25
C LYS B 190 49.81 18.35 -16.96
N GLU B 191 50.13 19.62 -17.05
CA GLU B 191 50.52 20.37 -15.86
C GLU B 191 49.53 20.22 -14.70
N ASP B 192 48.25 20.14 -14.98
CA ASP B 192 47.25 20.05 -13.92
C ASP B 192 46.78 18.65 -13.58
N GLN B 193 47.45 17.63 -14.08
CA GLN B 193 47.03 16.26 -13.85
C GLN B 193 48.01 15.47 -13.02
N THR B 194 48.79 16.14 -12.20
CA THR B 194 49.84 15.53 -11.42
C THR B 194 49.35 14.63 -10.31
N GLU B 195 48.06 14.62 -10.06
CA GLU B 195 47.53 13.74 -9.05
C GLU B 195 47.80 12.30 -9.44
N TYR B 196 47.95 12.04 -10.73
CA TYR B 196 48.14 10.67 -11.17
C TYR B 196 49.57 10.26 -11.07
N LEU B 197 50.40 11.17 -10.62
CA LEU B 197 51.78 10.94 -10.47
C LEU B 197 52.08 10.47 -9.05
N GLU B 198 51.11 10.65 -8.13
CA GLU B 198 51.32 10.31 -6.73
C GLU B 198 51.23 8.84 -6.45
N GLU B 199 52.08 8.38 -5.57
CA GLU B 199 52.14 6.97 -5.25
C GLU B 199 50.88 6.42 -4.67
N ARG B 200 50.19 7.20 -3.90
CA ARG B 200 48.98 6.68 -3.35
C ARG B 200 47.94 6.51 -4.42
N ARG B 201 47.77 7.54 -5.25
CA ARG B 201 46.72 7.46 -6.22
C ARG B 201 46.95 6.35 -7.18
N ILE B 202 48.20 6.11 -7.53
CA ILE B 202 48.56 5.06 -8.45
C ILE B 202 48.07 3.76 -7.94
N LYS B 203 48.30 3.64 -6.65
CA LYS B 203 48.30 2.34 -6.15
C LYS B 203 46.84 2.00 -6.08
N GLU B 204 46.05 3.02 -5.76
CA GLU B 204 44.61 2.86 -5.66
C GLU B 204 43.95 2.52 -6.97
N ILE B 205 44.41 3.15 -8.05
CA ILE B 205 43.86 2.94 -9.37
C ILE B 205 44.22 1.57 -9.80
N VAL B 206 45.44 1.23 -9.53
CA VAL B 206 45.90 -0.03 -9.97
C VAL B 206 45.14 -1.09 -9.27
N LYS B 207 45.00 -0.97 -7.98
CA LYS B 207 44.27 -1.97 -7.27
C LYS B 207 42.87 -2.10 -7.81
N LYS B 208 42.24 -0.98 -8.06
CA LYS B 208 40.89 -0.98 -8.54
C LYS B 208 40.69 -1.62 -9.90
N HIS B 209 41.55 -1.30 -10.86
CA HIS B 209 41.35 -1.77 -12.20
C HIS B 209 42.16 -2.94 -12.71
N SER B 210 43.28 -3.25 -12.09
CA SER B 210 44.13 -4.31 -12.59
C SER B 210 43.82 -5.54 -11.78
N GLN B 211 44.44 -5.68 -10.62
CA GLN B 211 44.19 -6.73 -9.65
C GLN B 211 44.57 -8.14 -10.05
N PHE B 212 44.10 -8.62 -11.18
CA PHE B 212 44.35 -9.98 -11.57
C PHE B 212 45.11 -10.14 -12.87
N ILE B 213 46.02 -9.23 -13.12
CA ILE B 213 46.85 -9.30 -14.31
C ILE B 213 47.85 -10.43 -14.13
N GLY B 214 48.02 -11.24 -15.17
CA GLY B 214 48.87 -12.43 -15.15
C GLY B 214 50.38 -12.19 -15.01
N TYR B 215 50.81 -10.95 -15.11
CA TYR B 215 52.21 -10.64 -14.97
C TYR B 215 52.33 -9.69 -13.80
N PRO B 216 53.40 -9.75 -13.02
CA PRO B 216 53.61 -8.92 -11.87
C PRO B 216 53.87 -7.49 -12.20
N ILE B 217 53.43 -6.61 -11.33
CA ILE B 217 53.69 -5.21 -11.50
C ILE B 217 54.52 -4.65 -10.40
N THR B 218 55.60 -3.99 -10.74
CA THR B 218 56.40 -3.40 -9.70
C THR B 218 56.35 -1.91 -9.77
N LEU B 219 56.04 -1.28 -8.64
CA LEU B 219 56.01 0.15 -8.57
C LEU B 219 57.28 0.66 -7.90
N PHE B 220 57.97 1.55 -8.58
CA PHE B 220 59.26 2.06 -8.15
C PHE B 220 59.19 3.43 -7.49
N VAL B 221 59.37 3.47 -6.19
CA VAL B 221 59.24 4.71 -5.44
C VAL B 221 60.50 5.16 -4.72
N GLU B 222 60.92 6.39 -4.96
CA GLU B 222 62.11 6.89 -4.30
C GLU B 222 61.84 7.34 -2.87
N LYS B 223 62.66 6.84 -1.94
CA LYS B 223 62.56 7.13 -0.51
C LYS B 223 63.93 7.33 0.17
N GLU B 224 63.97 8.09 1.30
CA GLU B 224 65.20 8.30 2.08
C GLU B 224 65.31 7.23 3.17
N LYS B 282 69.09 8.56 -1.29
CA LYS B 282 67.80 7.88 -1.30
C LYS B 282 67.98 6.53 -2.01
N TYR B 283 66.92 5.71 -2.05
CA TYR B 283 66.86 4.36 -2.64
C TYR B 283 65.50 4.14 -3.25
N ILE B 284 65.37 3.12 -4.07
CA ILE B 284 64.06 2.86 -4.64
C ILE B 284 63.41 1.65 -4.01
N ASP B 285 62.21 1.89 -3.51
CA ASP B 285 61.35 0.92 -2.89
C ASP B 285 60.56 0.24 -3.98
N GLN B 286 60.79 -1.03 -4.17
CA GLN B 286 60.18 -1.74 -5.27
C GLN B 286 59.07 -2.64 -4.79
N GLU B 287 57.84 -2.15 -4.89
CA GLU B 287 56.72 -2.89 -4.35
C GLU B 287 55.97 -3.67 -5.37
N GLU B 288 55.74 -4.93 -5.09
CA GLU B 288 54.97 -5.71 -6.02
C GLU B 288 53.50 -5.56 -5.74
N LEU B 289 52.78 -5.20 -6.76
CA LEU B 289 51.37 -5.02 -6.66
C LEU B 289 50.78 -6.27 -7.21
N ASN B 290 49.56 -6.55 -6.84
CA ASN B 290 48.91 -7.74 -7.33
C ASN B 290 49.63 -9.02 -6.97
N LYS B 291 50.08 -9.09 -5.72
CA LYS B 291 50.72 -10.29 -5.20
C LYS B 291 49.75 -11.46 -5.23
N THR B 292 48.48 -11.17 -4.98
CA THR B 292 47.41 -12.16 -4.99
C THR B 292 47.06 -12.52 -6.40
N LYS B 293 46.91 -13.80 -6.66
CA LYS B 293 46.57 -14.25 -7.99
C LYS B 293 45.11 -14.60 -8.00
N PRO B 294 44.43 -14.58 -9.14
CA PRO B 294 43.07 -15.00 -9.24
C PRO B 294 43.12 -16.46 -9.04
N ILE B 295 42.12 -17.02 -8.39
CA ILE B 295 42.14 -18.46 -8.26
C ILE B 295 40.97 -19.10 -8.93
N TRP B 296 39.99 -18.33 -9.33
CA TRP B 296 38.78 -18.90 -9.87
C TRP B 296 38.98 -19.54 -11.19
N THR B 297 40.12 -19.27 -11.79
CA THR B 297 40.53 -19.70 -13.09
C THR B 297 41.00 -21.11 -13.02
N ARG B 298 41.29 -21.57 -11.82
CA ARG B 298 41.80 -22.87 -11.58
C ARG B 298 40.66 -23.83 -11.47
N ASN B 299 40.91 -25.10 -11.71
CA ASN B 299 39.88 -26.07 -11.49
C ASN B 299 39.60 -26.04 -10.00
N PRO B 300 38.35 -25.97 -9.54
CA PRO B 300 38.00 -25.98 -8.14
C PRO B 300 38.47 -27.19 -7.34
N ASP B 301 38.66 -28.33 -7.98
CA ASP B 301 38.97 -29.53 -7.23
C ASP B 301 40.29 -29.56 -6.49
N ASP B 302 41.27 -28.82 -6.94
CA ASP B 302 42.63 -28.37 -6.85
C ASP B 302 42.81 -27.23 -5.87
N ILE B 303 41.72 -26.65 -5.40
CA ILE B 303 41.90 -25.53 -4.49
C ILE B 303 41.54 -25.99 -3.09
N THR B 304 42.43 -25.76 -2.14
CA THR B 304 42.16 -26.18 -0.78
C THR B 304 41.32 -25.15 -0.09
N ASN B 305 40.77 -25.51 1.06
CA ASN B 305 39.95 -24.52 1.72
C ASN B 305 40.76 -23.35 2.17
N GLU B 306 42.00 -23.59 2.53
CA GLU B 306 42.82 -22.50 2.99
C GLU B 306 43.06 -21.57 1.85
N GLU B 307 43.30 -22.09 0.67
CA GLU B 307 43.54 -21.19 -0.42
C GLU B 307 42.37 -20.31 -0.69
N TYR B 308 41.17 -20.87 -0.59
CA TYR B 308 40.04 -20.01 -0.83
C TYR B 308 40.03 -18.94 0.21
N GLY B 309 40.31 -19.31 1.46
CA GLY B 309 40.30 -18.37 2.55
C GLY B 309 41.34 -17.29 2.42
N GLU B 310 42.51 -17.64 1.95
CA GLU B 310 43.56 -16.68 1.84
C GLU B 310 43.20 -15.63 0.83
N PHE B 311 42.63 -16.09 -0.26
CA PHE B 311 42.19 -15.24 -1.33
C PHE B 311 41.13 -14.32 -0.81
N TYR B 312 40.15 -14.88 -0.14
CA TYR B 312 39.06 -14.14 0.42
C TYR B 312 39.53 -13.05 1.31
N LYS B 313 40.42 -13.39 2.24
CA LYS B 313 40.85 -12.39 3.18
C LYS B 313 41.52 -11.25 2.48
N SER B 314 42.34 -11.58 1.49
CA SER B 314 43.04 -10.57 0.76
C SER B 314 42.10 -9.63 0.06
N LEU B 315 41.07 -10.18 -0.57
CA LEU B 315 40.13 -9.34 -1.29
C LEU B 315 39.34 -8.43 -0.41
N THR B 316 38.95 -8.93 0.75
CA THR B 316 38.07 -8.18 1.59
C THR B 316 38.71 -7.48 2.77
N ASN B 317 40.00 -7.70 3.05
CA ASN B 317 40.67 -7.13 4.20
C ASN B 317 39.93 -7.57 5.44
N ASP B 318 39.51 -8.82 5.39
CA ASP B 318 38.76 -9.45 6.44
C ASP B 318 39.66 -10.33 7.25
N TRP B 319 39.88 -10.00 8.50
CA TRP B 319 40.75 -10.81 9.32
C TRP B 319 40.16 -12.20 9.54
N GLU B 320 38.86 -12.31 9.39
CA GLU B 320 38.14 -13.55 9.61
C GLU B 320 38.10 -14.37 8.34
N ASP B 321 37.94 -15.66 8.48
CA ASP B 321 37.91 -16.45 7.28
C ASP B 321 36.51 -16.48 6.69
N HIS B 322 36.35 -17.16 5.57
CA HIS B 322 35.02 -17.28 5.02
C HIS B 322 34.26 -18.36 5.75
N LEU B 323 32.94 -18.31 5.69
CA LEU B 323 32.11 -19.32 6.30
C LEU B 323 31.82 -20.41 5.32
N ALA B 324 31.54 -20.02 4.10
CA ALA B 324 31.22 -20.98 3.06
C ALA B 324 31.58 -20.40 1.72
N VAL B 325 31.89 -21.26 0.76
CA VAL B 325 32.16 -20.78 -0.57
C VAL B 325 31.64 -21.71 -1.66
N LYS B 326 31.13 -21.11 -2.72
CA LYS B 326 30.70 -21.82 -3.89
C LYS B 326 31.45 -21.34 -5.13
N HIS B 327 32.13 -22.29 -5.76
CA HIS B 327 32.96 -22.04 -6.93
C HIS B 327 32.42 -22.83 -8.08
N PHE B 328 32.00 -22.16 -9.12
CA PHE B 328 31.38 -22.87 -10.22
C PHE B 328 31.57 -22.18 -11.53
N SER B 329 31.20 -22.88 -12.59
CA SER B 329 31.26 -22.33 -13.91
C SER B 329 30.06 -22.75 -14.71
N VAL B 330 29.79 -21.99 -15.74
CA VAL B 330 28.71 -22.24 -16.66
C VAL B 330 29.25 -22.20 -18.04
N GLU B 331 28.91 -23.19 -18.85
CA GLU B 331 29.41 -23.20 -20.21
C GLU B 331 28.28 -23.20 -21.21
N GLY B 332 28.50 -22.57 -22.36
CA GLY B 332 27.55 -22.53 -23.45
C GLY B 332 26.90 -21.15 -23.53
N GLN B 333 26.98 -20.55 -24.71
CA GLN B 333 26.44 -19.21 -25.02
C GLN B 333 27.18 -18.08 -24.30
N LEU B 334 27.15 -18.10 -22.99
CA LEU B 334 27.84 -17.14 -22.17
C LEU B 334 28.77 -17.89 -21.27
N GLU B 335 30.04 -17.62 -21.33
CA GLU B 335 30.93 -18.37 -20.48
C GLU B 335 31.12 -17.70 -19.14
N PHE B 336 31.01 -18.48 -18.09
CA PHE B 336 31.19 -17.97 -16.73
C PHE B 336 32.08 -18.74 -15.84
N ARG B 337 32.70 -18.01 -14.97
CA ARG B 337 33.34 -18.58 -13.83
C ARG B 337 32.98 -17.67 -12.69
N ALA B 338 32.67 -18.20 -11.52
CA ALA B 338 32.39 -17.32 -10.43
C ALA B 338 32.67 -17.91 -9.06
N LEU B 339 32.97 -17.01 -8.13
CA LEU B 339 33.17 -17.35 -6.74
C LEU B 339 32.28 -16.57 -5.85
N LEU B 340 31.52 -17.28 -5.05
CA LEU B 340 30.63 -16.66 -4.12
C LEU B 340 30.97 -17.05 -2.70
N PHE B 341 31.25 -16.05 -1.89
CA PHE B 341 31.61 -16.28 -0.51
C PHE B 341 30.59 -15.78 0.46
N VAL B 342 30.42 -16.53 1.53
CA VAL B 342 29.57 -16.18 2.64
C VAL B 342 30.47 -15.81 3.82
N PRO B 343 30.40 -14.59 4.33
CA PRO B 343 31.13 -14.07 5.47
C PRO B 343 30.70 -14.72 6.75
N ARG B 344 31.53 -14.65 7.78
CA ARG B 344 31.17 -15.18 9.10
C ARG B 344 30.51 -14.14 10.00
N ARG B 345 30.36 -12.92 9.50
CA ARG B 345 29.73 -11.85 10.26
C ARG B 345 28.85 -11.05 9.35
N ALA B 346 27.66 -10.69 9.77
CA ALA B 346 26.87 -9.82 8.94
C ALA B 346 27.53 -8.46 9.00
N PRO B 347 27.57 -7.68 7.92
CA PRO B 347 28.04 -6.32 7.93
C PRO B 347 27.14 -5.54 8.84
N PHE B 348 27.70 -4.63 9.60
CA PHE B 348 26.86 -3.86 10.49
C PHE B 348 25.90 -2.94 9.74
N ASP B 349 26.24 -2.56 8.53
CA ASP B 349 25.44 -1.66 7.73
C ASP B 349 24.77 -2.39 6.58
N LEU B 350 24.61 -3.69 6.69
CA LEU B 350 24.05 -4.48 5.60
C LEU B 350 22.81 -3.89 4.98
N PHE B 351 21.86 -3.44 5.78
CA PHE B 351 20.65 -2.89 5.19
C PHE B 351 20.54 -1.38 5.35
N GLU B 352 21.59 -0.75 5.84
CA GLU B 352 21.55 0.68 6.11
C GLU B 352 22.37 1.52 5.17
N ASN B 353 23.43 0.97 4.63
CA ASN B 353 24.31 1.78 3.82
C ASN B 353 23.52 2.26 2.61
N ARG B 354 23.69 3.51 2.23
CA ARG B 354 22.94 4.06 1.10
C ARG B 354 23.60 3.82 -0.24
N LYS B 355 24.75 3.17 -0.21
CA LYS B 355 25.48 2.85 -1.42
C LYS B 355 24.82 1.57 -1.95
N LYS B 356 25.16 1.18 -3.18
CA LYS B 356 24.53 0.02 -3.81
C LYS B 356 24.87 -1.25 -3.07
N LYS B 357 23.91 -2.15 -3.02
CA LYS B 357 24.07 -3.33 -2.22
C LYS B 357 24.74 -4.57 -2.80
N ASN B 358 24.82 -4.71 -4.09
CA ASN B 358 25.40 -5.95 -4.56
C ASN B 358 26.90 -5.90 -4.62
N ASN B 359 27.57 -6.62 -3.73
CA ASN B 359 29.02 -6.62 -3.66
C ASN B 359 29.61 -7.70 -4.53
N ILE B 360 29.21 -7.69 -5.78
CA ILE B 360 29.65 -8.63 -6.77
C ILE B 360 30.36 -7.87 -7.84
N LYS B 361 31.59 -8.23 -8.13
CA LYS B 361 32.31 -7.49 -9.14
C LYS B 361 32.32 -8.28 -10.43
N LEU B 362 32.24 -7.58 -11.55
CA LEU B 362 32.28 -8.21 -12.85
C LEU B 362 33.51 -7.87 -13.64
N TYR B 363 34.19 -8.92 -14.05
CA TYR B 363 35.41 -8.86 -14.81
C TYR B 363 35.26 -9.51 -16.14
N VAL B 364 35.94 -8.96 -17.12
CA VAL B 364 35.98 -9.59 -18.42
C VAL B 364 37.40 -9.81 -18.80
N ARG B 365 37.74 -11.05 -19.07
CA ARG B 365 39.10 -11.43 -19.34
C ARG B 365 40.01 -10.93 -18.25
N ARG B 366 39.55 -11.11 -17.01
CA ARG B 366 40.25 -10.74 -15.80
C ARG B 366 40.45 -9.24 -15.61
N VAL B 367 39.79 -8.41 -16.39
CA VAL B 367 39.88 -6.97 -16.21
C VAL B 367 38.62 -6.41 -15.60
N PHE B 368 38.76 -5.60 -14.58
CA PHE B 368 37.55 -5.09 -13.94
C PHE B 368 36.72 -4.22 -14.84
N ILE B 369 35.41 -4.50 -14.90
CA ILE B 369 34.52 -3.69 -15.69
C ILE B 369 33.51 -2.93 -14.86
N MET B 370 32.74 -3.66 -14.08
CA MET B 370 31.59 -3.09 -13.40
C MET B 370 31.39 -3.56 -11.97
N ASP B 371 30.81 -2.68 -11.15
CA ASP B 371 30.44 -3.03 -9.79
C ASP B 371 29.11 -2.36 -9.47
N ASN B 372 28.59 -2.60 -8.28
CA ASN B 372 27.40 -1.92 -7.82
C ASN B 372 26.23 -1.93 -8.80
N CYS B 373 25.97 -3.06 -9.44
CA CYS B 373 24.88 -3.16 -10.41
C CYS B 373 23.69 -3.93 -9.89
N GLU B 374 22.55 -3.26 -9.76
CA GLU B 374 21.36 -3.89 -9.22
C GLU B 374 20.87 -5.05 -10.02
N GLU B 375 21.07 -5.01 -11.30
CA GLU B 375 20.56 -6.07 -12.11
C GLU B 375 21.15 -7.42 -11.86
N LEU B 376 22.33 -7.51 -11.25
CA LEU B 376 22.96 -8.81 -11.09
C LEU B 376 22.37 -9.70 -10.04
N ILE B 377 21.96 -9.14 -8.92
CA ILE B 377 21.46 -9.85 -7.78
C ILE B 377 20.27 -9.18 -7.10
N PRO B 378 19.27 -9.93 -6.66
CA PRO B 378 18.16 -9.41 -5.91
C PRO B 378 18.71 -8.95 -4.61
N GLU B 379 18.19 -7.86 -4.08
CA GLU B 379 18.73 -7.30 -2.86
C GLU B 379 18.80 -8.22 -1.67
N TYR B 380 17.88 -9.13 -1.52
CA TYR B 380 17.95 -9.96 -0.35
C TYR B 380 19.24 -10.76 -0.21
N LEU B 381 19.99 -10.94 -1.29
CA LEU B 381 21.23 -11.68 -1.25
C LEU B 381 22.43 -10.78 -1.25
N ASN B 382 22.25 -9.55 -0.88
CA ASN B 382 23.30 -8.57 -0.86
C ASN B 382 24.26 -8.70 0.30
N PHE B 383 24.85 -9.85 0.46
CA PHE B 383 25.78 -10.07 1.52
C PHE B 383 26.75 -11.06 1.02
N ILE B 384 26.43 -11.60 -0.14
CA ILE B 384 27.33 -12.52 -0.77
C ILE B 384 28.43 -11.70 -1.37
N ARG B 385 29.66 -12.10 -1.15
CA ARG B 385 30.77 -11.36 -1.72
C ARG B 385 31.25 -12.17 -2.87
N GLY B 386 31.64 -11.54 -3.95
CA GLY B 386 32.11 -12.42 -5.01
C GLY B 386 32.52 -11.78 -6.30
N VAL B 387 32.91 -12.65 -7.20
CA VAL B 387 33.38 -12.25 -8.50
C VAL B 387 32.82 -13.08 -9.61
N VAL B 388 32.49 -12.43 -10.70
CA VAL B 388 32.06 -13.08 -11.91
C VAL B 388 33.02 -12.71 -13.01
N ASP B 389 33.48 -13.70 -13.73
CA ASP B 389 34.44 -13.50 -14.80
C ASP B 389 34.05 -14.27 -16.04
N SER B 390 34.11 -13.58 -17.15
CA SER B 390 33.77 -14.16 -18.44
C SER B 390 34.72 -13.67 -19.48
N GLU B 391 34.82 -14.34 -20.62
CA GLU B 391 35.72 -13.83 -21.65
C GLU B 391 35.05 -13.53 -22.99
N ASP B 392 33.73 -13.45 -23.02
CA ASP B 392 33.00 -13.27 -24.25
C ASP B 392 31.85 -12.25 -24.31
N LEU B 393 31.79 -11.27 -23.42
CA LEU B 393 30.63 -10.38 -23.48
C LEU B 393 30.95 -9.08 -24.20
N PRO B 394 30.03 -8.53 -25.00
CA PRO B 394 30.18 -7.28 -25.69
C PRO B 394 30.17 -6.12 -24.76
N LEU B 395 31.09 -5.22 -24.98
CA LEU B 395 31.20 -4.01 -24.20
C LEU B 395 31.06 -2.79 -25.02
N ASN B 396 30.73 -1.69 -24.38
CA ASN B 396 30.66 -0.46 -25.10
C ASN B 396 32.06 0.05 -25.38
N ILE B 397 32.17 1.23 -25.96
CA ILE B 397 33.45 1.73 -26.41
C ILE B 397 34.43 1.97 -25.29
N SER B 398 33.93 2.34 -24.13
CA SER B 398 34.81 2.61 -23.03
C SER B 398 35.10 1.40 -22.19
N ARG B 399 34.49 0.28 -22.54
CA ARG B 399 34.60 -0.92 -21.75
C ARG B 399 34.20 -0.66 -20.32
N GLU B 400 33.11 0.06 -20.13
CA GLU B 400 32.61 0.35 -18.78
C GLU B 400 31.26 -0.23 -18.51
N MET B 401 30.75 -0.99 -19.44
CA MET B 401 29.46 -1.61 -19.28
C MET B 401 29.18 -2.54 -20.39
N LEU B 402 28.29 -3.45 -20.11
CA LEU B 402 27.80 -4.35 -21.11
C LEU B 402 26.93 -3.61 -22.05
N GLN B 403 26.97 -4.03 -23.29
CA GLN B 403 26.09 -3.46 -24.28
C GLN B 403 24.67 -3.99 -24.24
N GLN B 404 24.51 -5.27 -23.97
CA GLN B 404 23.19 -5.87 -24.00
C GLN B 404 22.70 -6.20 -22.62
N SER B 405 21.74 -5.46 -22.12
CA SER B 405 21.30 -5.67 -20.74
C SER B 405 20.62 -7.02 -20.50
N LYS B 406 20.13 -7.68 -21.55
CA LYS B 406 19.51 -8.98 -21.38
C LYS B 406 20.50 -10.02 -20.83
N ILE B 407 21.76 -9.75 -20.97
CA ILE B 407 22.77 -10.63 -20.46
C ILE B 407 22.69 -10.66 -18.95
N LEU B 408 22.47 -9.51 -18.33
CA LEU B 408 22.42 -9.41 -16.89
C LEU B 408 21.28 -10.23 -16.39
N LYS B 409 20.18 -10.25 -17.13
CA LYS B 409 19.07 -11.07 -16.68
C LYS B 409 19.49 -12.52 -16.55
N VAL B 410 20.23 -13.03 -17.53
CA VAL B 410 20.66 -14.40 -17.45
C VAL B 410 21.63 -14.63 -16.31
N ILE B 411 22.55 -13.69 -16.11
CA ILE B 411 23.51 -13.84 -15.05
C ILE B 411 22.81 -13.96 -13.74
N ARG B 412 21.85 -13.08 -13.51
CA ARG B 412 21.14 -13.09 -12.27
C ARG B 412 20.45 -14.38 -12.03
N LYS B 413 19.78 -14.91 -13.03
CA LYS B 413 19.08 -16.14 -12.82
C LYS B 413 20.03 -17.20 -12.28
N ASN B 414 21.20 -17.32 -12.90
CA ASN B 414 22.11 -18.35 -12.46
C ASN B 414 22.76 -18.07 -11.11
N LEU B 415 23.09 -16.83 -10.81
CA LEU B 415 23.75 -16.60 -9.54
C LEU B 415 22.83 -16.91 -8.39
N VAL B 416 21.56 -16.58 -8.55
CA VAL B 416 20.66 -16.84 -7.47
C VAL B 416 20.47 -18.32 -7.30
N LYS B 417 20.30 -19.04 -8.38
CA LYS B 417 20.12 -20.47 -8.26
C LYS B 417 21.22 -21.11 -7.47
N LYS B 418 22.46 -20.71 -7.74
CA LYS B 418 23.56 -21.31 -7.02
C LYS B 418 23.66 -20.84 -5.58
N CYS B 419 23.23 -19.64 -5.26
CA CYS B 419 23.31 -19.24 -3.87
C CYS B 419 22.43 -20.13 -3.06
N LEU B 420 21.26 -20.42 -3.61
CA LEU B 420 20.35 -21.25 -2.87
C LEU B 420 20.91 -22.64 -2.69
N GLU B 421 21.63 -23.16 -3.68
CA GLU B 421 22.20 -24.47 -3.48
C GLU B 421 23.20 -24.41 -2.33
N LEU B 422 23.95 -23.32 -2.24
CA LEU B 422 24.94 -23.22 -1.18
C LEU B 422 24.30 -23.19 0.17
N PHE B 423 23.21 -22.47 0.31
CA PHE B 423 22.57 -22.40 1.59
C PHE B 423 22.02 -23.76 1.95
N THR B 424 21.49 -24.47 0.98
CA THR B 424 20.95 -25.78 1.26
C THR B 424 22.05 -26.68 1.76
N GLU B 425 23.20 -26.64 1.13
CA GLU B 425 24.30 -27.48 1.58
C GLU B 425 24.77 -27.08 2.95
N LEU B 426 24.81 -25.78 3.21
CA LEU B 426 25.30 -25.28 4.47
C LEU B 426 24.45 -25.81 5.59
N ALA B 427 23.15 -25.88 5.34
CA ALA B 427 22.15 -26.35 6.27
C ALA B 427 22.35 -27.78 6.73
N GLU B 428 23.12 -28.57 6.01
CA GLU B 428 23.34 -29.92 6.43
C GLU B 428 24.22 -29.98 7.68
N ASP B 429 25.10 -28.98 7.84
CA ASP B 429 25.97 -28.90 8.99
C ASP B 429 25.27 -28.12 10.03
N LYS B 430 24.72 -28.81 10.98
CA LYS B 430 23.89 -28.15 11.91
C LYS B 430 24.59 -27.05 12.67
N GLU B 431 25.86 -27.23 12.97
CA GLU B 431 26.50 -26.21 13.76
C GLU B 431 26.74 -25.00 12.93
N ASN B 432 27.17 -25.23 11.72
CA ASN B 432 27.47 -24.07 10.92
C ASN B 432 26.21 -23.38 10.52
N TYR B 433 25.14 -24.12 10.36
CA TYR B 433 23.96 -23.46 9.94
C TYR B 433 23.55 -22.54 11.03
N LYS B 434 23.62 -22.98 12.26
CA LYS B 434 23.21 -22.07 13.29
C LYS B 434 24.01 -20.80 13.26
N LYS B 435 25.32 -20.89 13.04
CA LYS B 435 26.08 -19.65 13.04
C LYS B 435 25.61 -18.73 11.94
N PHE B 436 25.34 -19.30 10.80
CA PHE B 436 24.87 -18.54 9.69
C PHE B 436 23.56 -17.87 9.94
N TYR B 437 22.60 -18.63 10.41
CA TYR B 437 21.25 -18.18 10.58
C TYR B 437 21.23 -17.04 11.56
N GLU B 438 22.03 -17.15 12.60
CA GLU B 438 22.06 -16.09 13.57
C GLU B 438 22.42 -14.77 12.96
N GLN B 439 23.24 -14.75 11.93
CA GLN B 439 23.61 -13.50 11.34
C GLN B 439 22.72 -13.11 10.19
N PHE B 440 22.28 -14.09 9.41
CA PHE B 440 21.55 -13.79 8.20
C PHE B 440 20.08 -14.22 8.09
N SER B 441 19.41 -14.60 9.17
CA SER B 441 18.01 -15.00 9.06
C SER B 441 17.12 -13.91 8.52
N LYS B 442 17.52 -12.67 8.71
CA LYS B 442 16.77 -11.55 8.21
C LYS B 442 16.72 -11.55 6.71
N ASN B 443 17.79 -12.00 6.09
CA ASN B 443 17.85 -11.96 4.67
C ASN B 443 17.01 -13.05 4.11
N ILE B 444 16.92 -14.16 4.81
CA ILE B 444 16.10 -15.23 4.28
C ILE B 444 14.67 -14.78 4.28
N LYS B 445 14.26 -14.21 5.40
CA LYS B 445 12.90 -13.77 5.54
C LYS B 445 12.55 -12.69 4.55
N LEU B 446 13.49 -11.82 4.25
CA LEU B 446 13.22 -10.82 3.26
C LEU B 446 13.00 -11.49 1.94
N GLY B 447 13.81 -12.48 1.63
CA GLY B 447 13.63 -13.20 0.38
C GLY B 447 12.26 -13.81 0.31
N ILE B 448 11.71 -14.31 1.40
CA ILE B 448 10.37 -14.87 1.34
C ILE B 448 9.41 -13.81 0.89
N HIS B 449 9.54 -12.65 1.48
CA HIS B 449 8.69 -11.54 1.17
C HIS B 449 8.76 -11.05 -0.28
N GLU B 450 9.97 -10.87 -0.78
CA GLU B 450 10.16 -10.33 -2.12
C GLU B 450 10.17 -11.30 -3.30
N ASP B 451 10.73 -12.48 -3.12
CA ASP B 451 10.92 -13.42 -4.21
C ASP B 451 9.83 -14.45 -4.27
N SER B 452 8.92 -14.29 -5.22
CA SER B 452 7.78 -15.17 -5.34
C SER B 452 8.11 -16.52 -5.95
N GLN B 453 9.29 -16.66 -6.51
CA GLN B 453 9.60 -17.91 -7.19
C GLN B 453 10.40 -18.83 -6.33
N ASN B 454 11.25 -18.29 -5.50
CA ASN B 454 12.08 -19.15 -4.70
C ASN B 454 11.52 -19.28 -3.31
N ARG B 455 10.34 -18.77 -3.09
CA ARG B 455 9.71 -18.82 -1.80
C ARG B 455 9.54 -20.25 -1.36
N LYS B 456 9.22 -21.08 -2.33
CA LYS B 456 8.98 -22.49 -2.14
C LYS B 456 10.19 -23.24 -1.64
N LYS B 457 11.39 -22.67 -1.80
CA LYS B 457 12.59 -23.32 -1.32
C LYS B 457 13.15 -22.57 -0.14
N LEU B 458 12.98 -21.27 -0.12
CA LEU B 458 13.52 -20.47 0.94
C LEU B 458 12.90 -20.83 2.24
N SER B 459 11.65 -21.22 2.23
CA SER B 459 10.96 -21.55 3.46
C SER B 459 11.60 -22.71 4.20
N GLU B 460 12.35 -23.54 3.51
CA GLU B 460 12.98 -24.70 4.13
C GLU B 460 14.10 -24.27 5.03
N LEU B 461 14.57 -23.06 4.84
CA LEU B 461 15.70 -22.55 5.56
C LEU B 461 15.31 -21.81 6.82
N LEU B 462 14.01 -21.69 7.09
CA LEU B 462 13.62 -20.95 8.25
C LEU B 462 13.72 -21.76 9.50
N ARG B 463 14.06 -21.11 10.60
CA ARG B 463 14.14 -21.76 11.88
C ARG B 463 13.46 -20.89 12.95
N TYR B 464 12.60 -21.52 13.76
CA TYR B 464 11.86 -20.83 14.81
C TYR B 464 11.83 -21.54 16.14
N TYR B 465 11.62 -20.79 17.22
CA TYR B 465 11.40 -21.43 18.50
C TYR B 465 9.98 -21.82 18.60
N THR B 466 9.71 -22.90 19.27
CA THR B 466 8.33 -23.27 19.44
C THR B 466 8.10 -23.60 20.87
N SER B 467 6.85 -23.79 21.21
CA SER B 467 6.43 -24.16 22.52
C SER B 467 6.88 -25.54 22.92
N ALA B 468 7.34 -26.35 21.95
CA ALA B 468 7.79 -27.69 22.26
C ALA B 468 9.23 -27.91 21.83
N SER B 469 9.98 -26.84 21.61
CA SER B 469 11.35 -26.99 21.15
C SER B 469 12.34 -26.77 22.27
N GLY B 470 11.85 -26.53 23.45
CA GLY B 470 12.76 -26.21 24.50
C GLY B 470 13.37 -24.88 24.14
N ASP B 471 14.67 -24.87 23.98
CA ASP B 471 15.42 -23.69 23.63
C ASP B 471 16.44 -24.10 22.62
N GLU B 472 15.81 -24.46 21.50
CA GLU B 472 16.54 -24.24 20.26
C GLU B 472 15.56 -24.04 19.14
N MET B 473 15.98 -23.41 18.07
CA MET B 473 15.10 -23.21 16.95
C MET B 473 15.02 -24.46 16.10
N VAL B 474 13.87 -24.72 15.55
CA VAL B 474 13.68 -25.88 14.70
C VAL B 474 13.08 -25.56 13.35
N SER B 475 13.18 -26.52 12.45
CA SER B 475 12.65 -26.41 11.11
C SER B 475 11.18 -26.56 11.02
N LEU B 476 10.61 -25.96 10.01
CA LEU B 476 9.19 -26.10 9.78
C LEU B 476 8.86 -27.54 9.47
N LYS B 477 9.82 -28.27 8.97
CA LYS B 477 9.58 -29.65 8.71
C LYS B 477 9.44 -30.39 10.02
N ASP B 478 10.23 -29.99 11.01
CA ASP B 478 10.28 -30.66 12.28
C ASP B 478 8.93 -30.56 12.93
N TYR B 479 8.27 -29.44 12.70
CA TYR B 479 6.93 -29.17 13.20
C TYR B 479 5.98 -30.24 12.72
N CYS B 480 6.16 -30.53 11.44
CA CYS B 480 4.99 -31.09 10.81
C CYS B 480 5.12 -32.57 10.95
N THR B 481 6.31 -32.99 11.38
CA THR B 481 6.56 -34.40 11.58
C THR B 481 6.22 -34.84 12.99
N ARG B 482 5.85 -33.89 13.83
CA ARG B 482 5.43 -34.13 15.20
C ARG B 482 3.92 -33.98 15.30
N MET B 483 3.32 -33.35 14.32
CA MET B 483 1.87 -33.14 14.31
C MET B 483 1.19 -34.49 14.27
N LYS B 484 0.06 -34.63 14.94
CA LYS B 484 -1.11 -35.37 15.39
C LYS B 484 -2.00 -35.61 14.22
N GLU B 485 -2.67 -36.74 14.24
CA GLU B 485 -3.50 -37.17 13.15
C GLU B 485 -4.63 -36.22 12.80
N ASN B 486 -5.18 -35.57 13.79
CA ASN B 486 -6.29 -34.68 13.52
C ASN B 486 -5.83 -33.25 13.42
N GLN B 487 -4.54 -33.02 13.42
CA GLN B 487 -4.12 -31.68 13.37
C GLN B 487 -3.95 -31.27 11.94
N LYS B 488 -4.97 -30.66 11.41
CA LYS B 488 -4.91 -30.27 10.00
C LYS B 488 -4.16 -28.99 9.77
N HIS B 489 -4.07 -28.14 10.77
CA HIS B 489 -3.42 -26.84 10.68
C HIS B 489 -2.21 -26.67 11.53
N ILE B 490 -1.36 -25.75 11.12
CA ILE B 490 -0.17 -25.35 11.84
C ILE B 490 -0.44 -24.09 12.59
N TYR B 491 -0.20 -24.08 13.89
CA TYR B 491 -0.55 -22.89 14.65
C TYR B 491 0.62 -22.02 15.01
N TYR B 492 0.41 -20.73 15.01
CA TYR B 492 1.47 -19.83 15.43
C TYR B 492 0.95 -18.59 16.11
N ILE B 493 1.83 -17.98 16.86
CA ILE B 493 1.54 -16.75 17.55
C ILE B 493 2.63 -15.77 17.31
N THR B 494 2.33 -14.48 17.28
CA THR B 494 3.41 -13.53 17.13
C THR B 494 3.43 -12.56 18.30
N GLY B 495 4.59 -12.01 18.63
CA GLY B 495 4.64 -11.00 19.69
C GLY B 495 6.02 -10.43 20.00
N GLU B 496 6.08 -9.52 20.95
CA GLU B 496 7.30 -8.81 21.31
C GLU B 496 8.46 -9.67 21.80
N THR B 497 8.17 -10.68 22.57
CA THR B 497 9.20 -11.51 23.13
C THR B 497 8.70 -12.88 23.50
N LYS B 498 9.63 -13.82 23.59
CA LYS B 498 9.26 -15.20 23.88
C LYS B 498 8.47 -15.31 25.15
N ASP B 499 8.85 -14.57 26.18
CA ASP B 499 8.12 -14.71 27.42
C ASP B 499 6.67 -14.34 27.32
N GLN B 500 6.40 -13.30 26.56
CA GLN B 500 5.04 -12.85 26.48
C GLN B 500 4.21 -13.81 25.71
N VAL B 501 4.76 -14.37 24.65
CA VAL B 501 3.92 -15.25 23.90
C VAL B 501 3.76 -16.55 24.63
N ALA B 502 4.81 -17.02 25.26
CA ALA B 502 4.77 -18.29 25.93
C ALA B 502 3.72 -18.32 27.01
N ASN B 503 3.53 -17.22 27.70
CA ASN B 503 2.57 -17.21 28.78
C ASN B 503 1.25 -16.57 28.43
N SER B 504 1.02 -16.32 27.16
CA SER B 504 -0.21 -15.66 26.77
C SER B 504 -1.44 -16.48 26.95
N ALA B 505 -2.51 -15.81 27.24
CA ALA B 505 -3.81 -16.41 27.41
C ALA B 505 -4.25 -17.14 26.16
N PHE B 506 -3.80 -16.67 25.02
CA PHE B 506 -4.27 -17.21 23.77
C PHE B 506 -3.90 -18.64 23.53
N VAL B 507 -2.92 -19.14 24.23
CA VAL B 507 -2.50 -20.49 23.95
C VAL B 507 -2.85 -21.43 25.05
N GLU B 508 -3.65 -20.99 25.99
CA GLU B 508 -3.89 -21.87 27.09
C GLU B 508 -4.57 -23.17 26.71
N ARG B 509 -5.60 -23.15 25.87
CA ARG B 509 -6.18 -24.43 25.55
C ARG B 509 -5.27 -25.23 24.67
N LEU B 510 -4.57 -24.56 23.77
CA LEU B 510 -3.77 -25.32 22.85
C LEU B 510 -2.74 -26.11 23.59
N ARG B 511 -2.13 -25.48 24.59
CA ARG B 511 -1.12 -26.19 25.31
C ARG B 511 -1.73 -27.33 26.06
N LYS B 512 -2.89 -27.10 26.64
CA LYS B 512 -3.54 -28.13 27.42
C LYS B 512 -3.79 -29.37 26.60
N HIS B 513 -4.08 -29.21 25.33
CA HIS B 513 -4.34 -30.35 24.47
C HIS B 513 -3.12 -30.92 23.80
N GLY B 514 -1.95 -30.40 24.13
CA GLY B 514 -0.72 -30.91 23.56
C GLY B 514 -0.39 -30.44 22.16
N LEU B 515 -0.89 -29.30 21.74
CA LEU B 515 -0.60 -28.82 20.42
C LEU B 515 0.59 -27.87 20.45
N GLU B 516 1.43 -27.94 19.45
CA GLU B 516 2.62 -27.11 19.39
C GLU B 516 2.39 -25.78 18.72
N VAL B 517 2.90 -24.73 19.33
CA VAL B 517 2.75 -23.42 18.74
C VAL B 517 4.06 -22.79 18.40
N ILE B 518 4.16 -22.28 17.20
CA ILE B 518 5.36 -21.62 16.78
C ILE B 518 5.41 -20.22 17.30
N TYR B 519 6.53 -19.83 17.89
CA TYR B 519 6.62 -18.50 18.43
C TYR B 519 7.37 -17.59 17.48
N MET B 520 6.68 -16.65 16.92
CA MET B 520 7.32 -15.75 15.99
C MET B 520 7.54 -14.46 16.71
N ILE B 521 8.70 -13.89 16.53
CA ILE B 521 9.08 -12.74 17.32
C ILE B 521 9.45 -11.51 16.52
N GLU B 522 10.22 -11.68 15.49
CA GLU B 522 10.75 -10.51 14.85
C GLU B 522 9.64 -9.80 14.13
N PRO B 523 9.68 -8.50 13.96
CA PRO B 523 8.68 -7.77 13.26
C PRO B 523 8.60 -8.18 11.81
N ILE B 524 9.67 -8.71 11.28
CA ILE B 524 9.65 -9.12 9.90
C ILE B 524 8.91 -10.43 9.74
N ASP B 525 8.66 -11.10 10.85
CA ASP B 525 7.99 -12.37 10.82
C ASP B 525 6.57 -12.12 10.38
N GLU B 526 6.08 -10.90 10.57
CA GLU B 526 4.74 -10.52 10.25
C GLU B 526 4.52 -10.48 8.76
N TYR B 527 5.59 -10.36 7.99
CA TYR B 527 5.46 -10.31 6.57
C TYR B 527 5.46 -11.69 6.03
N CYS B 528 6.29 -12.54 6.59
CA CYS B 528 6.35 -13.88 6.09
C CYS B 528 5.03 -14.60 6.28
N VAL B 529 4.40 -14.35 7.39
CA VAL B 529 3.14 -15.01 7.65
C VAL B 529 2.01 -14.59 6.72
N GLN B 530 2.21 -13.57 5.90
CA GLN B 530 1.19 -13.17 4.97
C GLN B 530 1.28 -14.06 3.75
N GLN B 531 2.54 -14.34 3.49
CA GLN B 531 2.79 -14.73 2.13
C GLN B 531 3.04 -16.19 2.10
N LEU B 532 3.47 -16.74 3.21
CA LEU B 532 3.78 -18.14 3.20
C LEU B 532 2.57 -18.98 3.00
N LYS B 533 1.48 -18.65 3.66
CA LYS B 533 0.20 -19.33 3.56
C LYS B 533 0.16 -20.77 4.02
N GLU B 534 0.95 -21.63 3.39
CA GLU B 534 0.96 -23.03 3.73
C GLU B 534 2.30 -23.70 3.52
N PHE B 535 2.49 -24.78 4.25
CA PHE B 535 3.67 -25.61 4.10
C PHE B 535 3.25 -27.01 3.76
N GLU B 536 3.61 -27.46 2.58
CA GLU B 536 3.23 -28.81 2.16
C GLU B 536 1.73 -29.06 2.27
N GLY B 537 0.94 -28.06 1.94
CA GLY B 537 -0.51 -28.17 1.95
C GLY B 537 -1.16 -27.88 3.30
N LYS B 538 -0.38 -27.70 4.34
CA LYS B 538 -0.93 -27.44 5.64
C LYS B 538 -0.91 -25.95 5.87
N THR B 539 -2.07 -25.36 6.05
CA THR B 539 -2.12 -23.92 6.17
C THR B 539 -1.72 -23.44 7.52
N LEU B 540 -1.42 -22.16 7.59
CA LEU B 540 -1.05 -21.54 8.85
C LEU B 540 -2.22 -20.86 9.51
N VAL B 541 -2.29 -20.97 10.81
CA VAL B 541 -3.32 -20.34 11.58
C VAL B 541 -2.80 -19.46 12.69
N SER B 542 -3.26 -18.23 12.72
CA SER B 542 -2.88 -17.36 13.81
C SER B 542 -3.80 -17.60 14.98
N VAL B 543 -3.23 -17.73 16.15
CA VAL B 543 -4.04 -18.05 17.31
C VAL B 543 -4.55 -16.83 18.00
N THR B 544 -4.33 -15.68 17.38
CA THR B 544 -4.83 -14.43 17.92
C THR B 544 -6.03 -13.96 17.12
N LYS B 545 -6.50 -14.78 16.19
CA LYS B 545 -7.67 -14.44 15.41
C LYS B 545 -8.90 -15.23 15.77
N GLU B 546 -10.04 -14.70 15.40
CA GLU B 546 -11.32 -15.34 15.61
C GLU B 546 -11.41 -16.62 14.84
N GLY B 547 -12.26 -17.52 15.30
CA GLY B 547 -12.50 -18.73 14.54
C GLY B 547 -11.44 -19.79 14.71
N LEU B 548 -10.68 -19.76 15.77
CA LEU B 548 -9.67 -20.76 15.92
C LEU B 548 -10.31 -22.11 16.05
N GLU B 549 -9.87 -23.05 15.23
CA GLU B 549 -10.45 -24.36 15.28
C GLU B 549 -9.53 -25.37 15.91
N LEU B 550 -10.09 -26.13 16.83
CA LEU B 550 -9.40 -27.21 17.46
C LEU B 550 -10.16 -28.48 17.17
N PRO B 551 -9.51 -29.63 17.12
CA PRO B 551 -10.11 -30.91 16.87
C PRO B 551 -10.80 -31.44 18.11
N GLU B 552 -11.85 -30.75 18.51
CA GLU B 552 -12.61 -31.07 19.72
C GLU B 552 -13.61 -32.20 19.50
N ASP B 553 -13.93 -32.91 20.58
CA ASP B 553 -14.89 -34.00 20.63
C ASP B 553 -16.32 -33.54 20.53
N GLU B 554 -17.20 -34.46 20.15
CA GLU B 554 -18.61 -34.14 20.07
C GLU B 554 -19.18 -33.81 21.41
N GLU B 555 -18.71 -34.46 22.46
CA GLU B 555 -19.26 -34.18 23.76
C GLU B 555 -18.85 -32.81 24.19
N GLU B 556 -17.62 -32.45 23.83
CA GLU B 556 -17.11 -31.15 24.21
C GLU B 556 -17.92 -30.08 23.51
N LYS B 557 -18.26 -30.34 22.25
CA LYS B 557 -19.04 -29.37 21.54
C LYS B 557 -20.41 -29.21 22.15
N LYS B 558 -21.05 -30.31 22.54
CA LYS B 558 -22.38 -30.21 23.13
C LYS B 558 -22.34 -29.43 24.41
N LYS B 559 -21.31 -29.64 25.20
CA LYS B 559 -21.21 -28.91 26.44
C LYS B 559 -21.08 -27.44 26.15
N GLN B 560 -20.29 -27.11 25.13
CA GLN B 560 -20.15 -25.73 24.77
C GLN B 560 -21.45 -25.19 24.23
N GLU B 561 -22.21 -25.99 23.51
CA GLU B 561 -23.46 -25.49 22.99
C GLU B 561 -24.33 -25.05 24.12
N GLU B 562 -24.36 -25.81 25.20
CA GLU B 562 -25.17 -25.41 26.32
C GLU B 562 -24.61 -24.15 26.95
N LYS B 563 -23.30 -24.04 27.06
CA LYS B 563 -22.71 -22.86 27.66
C LYS B 563 -23.04 -21.64 26.84
N LYS B 564 -23.09 -21.82 25.56
CA LYS B 564 -23.34 -20.74 24.64
C LYS B 564 -24.76 -20.24 24.65
N THR B 565 -25.69 -20.91 25.33
CA THR B 565 -27.05 -20.42 25.38
C THR B 565 -27.23 -19.74 26.71
N LYS B 566 -26.17 -19.70 27.47
CA LYS B 566 -26.12 -19.06 28.73
C LYS B 566 -25.29 -17.86 28.47
N PHE B 567 -25.31 -16.90 29.36
CA PHE B 567 -24.46 -15.73 29.21
C PHE B 567 -24.80 -14.91 27.97
N GLU B 568 -25.95 -15.18 27.39
CA GLU B 568 -26.37 -14.45 26.23
C GLU B 568 -26.71 -13.06 26.65
N ASN B 569 -27.26 -12.97 27.83
CA ASN B 569 -27.66 -11.70 28.35
C ASN B 569 -26.43 -10.91 28.63
N LEU B 570 -25.38 -11.57 29.09
CA LEU B 570 -24.16 -10.84 29.32
C LEU B 570 -23.58 -10.38 28.05
N CYS B 571 -23.65 -11.21 27.03
CA CYS B 571 -23.04 -10.77 25.81
C CYS B 571 -23.71 -9.49 25.40
N LYS B 572 -25.02 -9.45 25.52
CA LYS B 572 -25.71 -8.27 25.14
C LYS B 572 -25.45 -7.10 26.05
N ILE B 573 -25.44 -7.31 27.35
CA ILE B 573 -25.26 -6.22 28.27
C ILE B 573 -23.89 -5.64 28.14
N MET B 574 -22.91 -6.50 28.09
CA MET B 574 -21.57 -6.05 27.98
C MET B 574 -21.41 -5.37 26.69
N LYS B 575 -22.05 -5.86 25.64
CA LYS B 575 -21.92 -5.20 24.38
C LYS B 575 -22.46 -3.82 24.50
N ASP B 576 -23.56 -3.62 25.20
CA ASP B 576 -24.09 -2.30 25.30
C ASP B 576 -23.12 -1.40 26.03
N ILE B 577 -22.51 -1.92 27.07
CA ILE B 577 -21.57 -1.14 27.85
C ILE B 577 -20.39 -0.73 26.97
N LEU B 578 -19.96 -1.68 26.18
CA LEU B 578 -18.85 -1.60 25.28
C LEU B 578 -19.25 -1.43 23.81
N GLU B 579 -20.44 -0.91 23.53
CA GLU B 579 -20.84 -0.78 22.12
C GLU B 579 -19.83 -0.05 21.27
N LYS B 580 -19.24 0.97 21.83
CA LYS B 580 -18.30 1.79 21.13
C LYS B 580 -16.86 1.28 21.20
N LYS B 581 -16.65 0.13 21.83
CA LYS B 581 -15.32 -0.41 22.00
C LYS B 581 -15.08 -1.68 21.20
N VAL B 582 -16.08 -2.54 21.10
CA VAL B 582 -15.85 -3.79 20.41
C VAL B 582 -16.88 -4.06 19.37
N GLU B 583 -16.55 -4.91 18.42
CA GLU B 583 -17.48 -5.33 17.40
C GLU B 583 -18.39 -6.38 17.97
N LYS B 584 -17.82 -7.28 18.75
CA LYS B 584 -18.62 -8.36 19.33
C LYS B 584 -18.22 -8.77 20.72
N VAL B 585 -19.17 -9.37 21.43
CA VAL B 585 -18.88 -10.06 22.68
C VAL B 585 -19.39 -11.47 22.54
N VAL B 586 -18.52 -12.45 22.70
CA VAL B 586 -18.92 -13.83 22.52
C VAL B 586 -18.43 -14.78 23.60
N VAL B 587 -19.07 -15.93 23.68
CA VAL B 587 -18.66 -17.00 24.54
C VAL B 587 -17.58 -17.77 23.81
N SER B 588 -16.45 -18.02 24.44
CA SER B 588 -15.38 -18.73 23.75
C SER B 588 -14.87 -19.96 24.41
N ASN B 589 -13.93 -20.60 23.73
CA ASN B 589 -13.31 -21.81 24.21
C ASN B 589 -11.79 -21.85 24.06
N ARG B 590 -11.15 -20.78 23.64
CA ARG B 590 -9.70 -20.90 23.50
C ARG B 590 -9.01 -20.78 24.85
N LEU B 591 -9.75 -20.26 25.81
CA LEU B 591 -9.24 -19.99 27.14
C LEU B 591 -9.61 -21.04 28.12
N VAL B 592 -8.70 -21.34 29.04
CA VAL B 592 -9.02 -22.26 30.12
C VAL B 592 -8.67 -21.74 31.51
N THR B 593 -7.97 -20.61 31.62
CA THR B 593 -7.58 -20.15 32.93
C THR B 593 -8.11 -18.79 33.33
N SER B 594 -7.89 -17.74 32.55
CA SER B 594 -8.04 -16.31 32.30
C SER B 594 -9.50 -16.01 32.01
N PRO B 595 -10.10 -14.96 32.58
CA PRO B 595 -11.49 -14.62 32.36
C PRO B 595 -11.88 -14.10 31.00
N CYS B 596 -10.94 -13.53 30.24
CA CYS B 596 -11.32 -12.96 28.97
C CYS B 596 -10.12 -12.57 28.12
N CYS B 597 -10.35 -12.36 26.82
CA CYS B 597 -9.28 -11.85 25.96
C CYS B 597 -9.81 -11.14 24.72
N ILE B 598 -8.94 -10.41 24.05
CA ILE B 598 -9.33 -9.73 22.83
C ILE B 598 -8.71 -10.35 21.62
N VAL B 599 -9.51 -10.67 20.64
CA VAL B 599 -9.01 -11.28 19.43
C VAL B 599 -9.38 -10.44 18.25
N THR B 600 -8.71 -10.66 17.15
CA THR B 600 -8.99 -9.89 15.95
C THR B 600 -9.77 -10.74 14.97
N SER B 601 -10.65 -10.10 14.22
CA SER B 601 -11.45 -10.78 13.23
C SER B 601 -10.58 -11.29 12.09
N THR B 602 -11.17 -12.06 11.19
CA THR B 602 -10.46 -12.73 10.11
C THR B 602 -9.58 -11.84 9.26
N TYR B 603 -10.04 -10.65 8.91
CA TYR B 603 -9.26 -9.82 8.02
C TYR B 603 -8.88 -8.51 8.66
N GLY B 604 -7.74 -7.98 8.25
CA GLY B 604 -7.29 -6.71 8.75
C GLY B 604 -6.04 -6.91 9.54
N TRP B 605 -5.51 -5.85 10.07
CA TRP B 605 -4.30 -5.94 10.82
C TRP B 605 -4.60 -6.50 12.16
N THR B 606 -3.70 -7.31 12.66
CA THR B 606 -3.81 -7.90 13.97
C THR B 606 -3.00 -7.14 14.97
N ALA B 607 -3.10 -7.51 16.21
CA ALA B 607 -2.25 -6.88 17.17
C ALA B 607 -0.88 -7.21 16.66
N ASN B 608 0.07 -6.35 16.94
CA ASN B 608 1.43 -6.42 16.44
C ASN B 608 1.46 -5.87 15.06
N MET B 609 0.72 -6.43 14.14
CA MET B 609 0.80 -5.85 12.83
C MET B 609 0.44 -4.40 12.89
N GLU B 610 -0.61 -4.09 13.63
CA GLU B 610 -1.01 -2.73 13.71
C GLU B 610 0.00 -1.86 14.42
N ARG B 611 0.61 -2.32 15.51
CA ARG B 611 1.52 -1.40 16.20
C ARG B 611 2.75 -1.20 15.39
N ILE B 612 3.13 -2.21 14.63
CA ILE B 612 4.30 -2.11 13.83
C ILE B 612 4.07 -1.08 12.80
N MET B 613 2.94 -1.13 12.15
CA MET B 613 2.74 -0.15 11.13
C MET B 613 2.69 1.23 11.68
N LYS B 614 2.11 1.40 12.84
CA LYS B 614 2.06 2.73 13.40
C LYS B 614 3.42 3.30 13.65
N ALA B 615 4.35 2.44 14.02
CA ALA B 615 5.71 2.82 14.33
C ALA B 615 6.62 2.99 13.12
N GLN B 616 6.15 2.76 11.92
CA GLN B 616 7.09 2.87 10.83
C GLN B 616 7.47 4.30 10.69
N ALA B 617 8.74 4.56 10.41
CA ALA B 617 9.12 5.94 10.36
C ALA B 617 8.36 6.68 9.29
N LEU B 618 8.21 6.06 8.14
CA LEU B 618 7.52 6.73 7.06
C LEU B 618 6.40 5.92 6.56
N ARG B 619 5.22 6.48 6.65
CA ARG B 619 4.03 5.80 6.19
C ARG B 619 2.91 6.76 5.95
N ASP B 620 1.93 6.31 5.18
CA ASP B 620 0.73 7.04 4.90
C ASP B 620 -0.31 6.72 5.95
N ASN B 621 -0.58 7.66 6.82
CA ASN B 621 -1.44 7.42 7.95
C ASN B 621 -2.89 7.25 7.57
N SER B 622 -3.23 7.62 6.35
CA SER B 622 -4.62 7.52 5.97
C SER B 622 -5.01 6.09 5.76
N THR B 623 -4.03 5.20 5.63
CA THR B 623 -4.34 3.82 5.34
C THR B 623 -4.78 3.16 6.58
N MET B 624 -4.59 3.82 7.71
CA MET B 624 -4.91 3.24 8.97
C MET B 624 -6.40 3.38 9.23
N GLY B 625 -7.09 4.11 8.36
CA GLY B 625 -8.52 4.27 8.50
C GLY B 625 -9.21 3.15 7.72
N TYR B 626 -8.41 2.32 7.07
CA TYR B 626 -8.90 1.23 6.25
C TYR B 626 -8.44 -0.05 6.88
N MET B 627 -7.17 -0.09 7.18
CA MET B 627 -6.58 -1.25 7.75
C MET B 627 -6.36 -1.09 9.23
N ALA B 628 -7.22 -1.74 9.97
CA ALA B 628 -7.19 -1.67 11.41
C ALA B 628 -7.84 -2.92 11.91
N ALA B 629 -7.55 -3.29 13.13
CA ALA B 629 -8.16 -4.46 13.72
C ALA B 629 -9.63 -4.27 14.06
N LYS B 630 -10.39 -5.35 13.95
CA LYS B 630 -11.76 -5.37 14.42
C LYS B 630 -11.77 -6.24 15.68
N LYS B 631 -11.99 -5.60 16.83
CA LYS B 631 -11.88 -6.27 18.11
C LYS B 631 -13.10 -7.05 18.57
N HIS B 632 -12.87 -8.29 18.95
CA HIS B 632 -13.92 -9.10 19.52
C HIS B 632 -13.51 -9.50 20.92
N LEU B 633 -14.43 -9.44 21.85
CA LEU B 633 -14.14 -9.83 23.23
C LEU B 633 -14.63 -11.21 23.54
N GLU B 634 -13.72 -12.06 23.93
CA GLU B 634 -14.08 -13.41 24.26
C GLU B 634 -14.13 -13.62 25.74
N ILE B 635 -15.17 -14.30 26.15
CA ILE B 635 -15.42 -14.61 27.55
C ILE B 635 -15.25 -16.05 27.94
N ASN B 636 -14.53 -16.27 29.04
CA ASN B 636 -14.33 -17.60 29.56
C ASN B 636 -15.44 -17.93 30.53
N PRO B 637 -16.42 -18.77 30.17
CA PRO B 637 -17.62 -19.06 30.92
C PRO B 637 -17.35 -19.79 32.21
N ASP B 638 -16.17 -20.35 32.33
CA ASP B 638 -15.78 -21.11 33.50
C ASP B 638 -14.74 -20.36 34.29
N HIS B 639 -14.91 -19.06 34.23
CA HIS B 639 -14.23 -18.34 35.26
C HIS B 639 -15.20 -17.84 36.32
N SER B 640 -14.76 -17.77 37.57
CA SER B 640 -15.65 -17.32 38.62
C SER B 640 -16.04 -15.85 38.54
N ILE B 641 -15.23 -15.00 37.92
CA ILE B 641 -15.65 -13.61 37.79
C ILE B 641 -16.81 -13.56 36.87
N ILE B 642 -16.71 -14.30 35.79
CA ILE B 642 -17.75 -14.28 34.82
C ILE B 642 -19.01 -14.88 35.36
N GLU B 643 -18.92 -15.96 36.09
CA GLU B 643 -20.14 -16.55 36.58
C GLU B 643 -20.84 -15.61 37.54
N THR B 644 -20.06 -14.92 38.38
CA THR B 644 -20.68 -14.02 39.31
C THR B 644 -21.36 -12.90 38.55
N LEU B 645 -20.71 -12.35 37.54
CA LEU B 645 -21.35 -11.28 36.82
C LEU B 645 -22.58 -11.79 36.14
N ARG B 646 -22.58 -13.02 35.63
CA ARG B 646 -23.80 -13.45 34.99
C ARG B 646 -24.96 -13.31 35.91
N GLN B 647 -24.83 -13.85 37.10
CA GLN B 647 -25.99 -13.81 37.95
C GLN B 647 -26.33 -12.41 38.41
N LYS B 648 -25.31 -11.62 38.69
CA LYS B 648 -25.54 -10.30 39.20
C LYS B 648 -26.15 -9.39 38.16
N ALA B 649 -25.67 -9.47 36.94
CA ALA B 649 -26.17 -8.65 35.88
C ALA B 649 -27.60 -8.99 35.56
N GLU B 650 -27.96 -10.28 35.64
CA GLU B 650 -29.34 -10.62 35.36
C GLU B 650 -30.24 -9.97 36.39
N ALA B 651 -29.80 -9.96 37.65
CA ALA B 651 -30.61 -9.35 38.68
C ALA B 651 -30.82 -7.85 38.47
N ASP B 652 -29.79 -7.14 38.03
CA ASP B 652 -29.93 -5.71 37.80
C ASP B 652 -29.09 -5.17 36.65
N LYS B 653 -29.73 -4.87 35.55
CA LYS B 653 -29.06 -4.42 34.35
C LYS B 653 -28.31 -3.13 34.51
N ASN B 654 -28.69 -2.31 35.47
CA ASN B 654 -28.01 -1.04 35.65
C ASN B 654 -27.15 -1.01 36.88
N ASP B 655 -26.83 -2.17 37.43
CA ASP B 655 -26.05 -2.16 38.64
C ASP B 655 -24.75 -1.45 38.34
N LYS B 656 -24.49 -0.42 39.12
CA LYS B 656 -23.33 0.39 38.92
C LYS B 656 -22.07 -0.40 39.00
N SER B 657 -22.02 -1.37 39.90
CA SER B 657 -20.79 -2.11 40.03
C SER B 657 -20.55 -3.01 38.85
N VAL B 658 -21.60 -3.45 38.18
CA VAL B 658 -21.38 -4.28 37.05
C VAL B 658 -20.73 -3.44 35.99
N LYS B 659 -21.24 -2.26 35.80
CA LYS B 659 -20.65 -1.42 34.77
C LYS B 659 -19.19 -1.15 35.02
N ASP B 660 -18.83 -0.87 36.26
CA ASP B 660 -17.45 -0.53 36.53
C ASP B 660 -16.52 -1.71 36.35
N LEU B 661 -16.96 -2.89 36.73
CA LEU B 661 -16.10 -4.04 36.60
C LEU B 661 -15.95 -4.48 35.17
N VAL B 662 -16.99 -4.32 34.38
CA VAL B 662 -16.85 -4.70 32.99
C VAL B 662 -15.79 -3.86 32.35
N ILE B 663 -15.76 -2.58 32.65
CA ILE B 663 -14.72 -1.80 32.05
C ILE B 663 -13.35 -2.25 32.48
N LEU B 664 -13.12 -2.51 33.76
CA LEU B 664 -11.77 -2.94 34.04
C LEU B 664 -11.42 -4.23 33.37
N LEU B 665 -12.34 -5.17 33.24
CA LEU B 665 -11.92 -6.37 32.57
C LEU B 665 -11.51 -6.04 31.17
N TYR B 666 -12.25 -5.16 30.52
CA TYR B 666 -11.91 -4.80 29.18
C TYR B 666 -10.55 -4.16 29.06
N GLU B 667 -10.25 -3.19 29.91
CA GLU B 667 -8.97 -2.52 29.77
C GLU B 667 -7.85 -3.51 30.02
N THR B 668 -8.05 -4.38 30.98
CA THR B 668 -7.06 -5.36 31.31
C THR B 668 -6.84 -6.30 30.15
N ALA B 669 -7.93 -6.75 29.53
CA ALA B 669 -7.81 -7.66 28.41
C ALA B 669 -7.04 -7.02 27.29
N LEU B 670 -7.21 -5.73 27.04
CA LEU B 670 -6.43 -5.18 25.95
C LEU B 670 -4.99 -5.24 26.23
N LEU B 671 -4.59 -4.96 27.45
CA LEU B 671 -3.17 -4.96 27.69
C LEU B 671 -2.61 -6.35 27.55
N SER B 672 -3.32 -7.34 28.06
CA SER B 672 -2.81 -8.70 28.02
C SER B 672 -2.94 -9.32 26.64
N SER B 673 -3.75 -8.73 25.79
CA SER B 673 -3.96 -9.21 24.45
C SER B 673 -3.03 -8.55 23.46
N GLY B 674 -2.16 -7.67 23.92
CA GLY B 674 -1.21 -7.05 23.04
C GLY B 674 -1.63 -5.78 22.33
N PHE B 675 -2.64 -5.10 22.83
CA PHE B 675 -3.07 -3.87 22.20
C PHE B 675 -2.65 -2.74 23.09
N SER B 676 -2.38 -1.59 22.51
CA SER B 676 -2.10 -0.47 23.36
C SER B 676 -3.41 0.00 23.93
N LEU B 677 -3.34 0.79 24.99
CA LEU B 677 -4.52 1.33 25.62
C LEU B 677 -4.67 2.79 25.21
N GLU B 678 -5.88 3.20 24.86
CA GLU B 678 -6.12 4.54 24.32
C GLU B 678 -5.75 5.73 25.18
N ASP B 679 -5.93 5.65 26.47
CA ASP B 679 -5.56 6.77 27.33
C ASP B 679 -5.30 6.28 28.73
N PRO B 680 -4.04 5.98 29.06
CA PRO B 680 -3.54 5.44 30.29
C PRO B 680 -3.88 6.22 31.51
N GLN B 681 -4.25 7.48 31.36
CA GLN B 681 -4.57 8.28 32.51
C GLN B 681 -6.02 8.12 32.86
N THR B 682 -6.54 7.04 32.31
CA THR B 682 -7.73 6.55 32.94
C THR B 682 -7.47 5.26 33.65
N HIS B 683 -6.74 4.35 33.04
CA HIS B 683 -6.51 3.08 33.68
C HIS B 683 -5.89 3.36 35.01
N ALA B 684 -4.91 4.25 35.00
CA ALA B 684 -4.23 4.59 36.23
C ALA B 684 -5.14 5.14 37.27
N ASN B 685 -6.13 5.91 36.87
CA ASN B 685 -6.95 6.54 37.85
C ASN B 685 -7.89 5.56 38.46
N ARG B 686 -8.29 4.56 37.69
CA ARG B 686 -9.19 3.59 38.24
C ARG B 686 -8.46 2.87 39.35
N ILE B 687 -7.19 2.60 39.09
CA ILE B 687 -6.36 1.94 40.05
C ILE B 687 -6.09 2.78 41.26
N TYR B 688 -5.79 4.05 41.08
CA TYR B 688 -5.48 4.85 42.23
C TYR B 688 -6.64 4.94 43.16
N ARG B 689 -7.87 5.05 42.66
CA ARG B 689 -8.91 5.11 43.68
C ARG B 689 -9.01 3.78 44.40
N MET B 690 -8.77 2.66 43.72
CA MET B 690 -8.86 1.40 44.43
C MET B 690 -7.82 1.31 45.51
N ILE B 691 -6.64 1.88 45.26
CA ILE B 691 -5.64 1.83 46.29
C ILE B 691 -6.09 2.62 47.47
N LYS B 692 -6.62 3.80 47.22
CA LYS B 692 -7.03 4.57 48.36
C LYS B 692 -8.06 3.83 49.17
N LEU B 693 -8.99 3.13 48.53
CA LEU B 693 -9.96 2.42 49.36
C LEU B 693 -9.28 1.32 50.14
N GLY B 694 -8.37 0.65 49.48
CA GLY B 694 -7.65 -0.46 50.04
C GLY B 694 -6.85 -0.10 51.26
N LEU B 695 -6.40 1.15 51.34
CA LEU B 695 -5.66 1.62 52.48
C LEU B 695 -6.48 2.48 53.42
N GLY B 696 -7.76 2.66 53.13
CA GLY B 696 -8.61 3.50 53.94
C GLY B 696 -8.28 4.97 53.79
N ILE B 697 -7.71 5.37 52.66
CA ILE B 697 -7.33 6.75 52.53
C ILE B 697 -8.50 7.49 51.98
N ASP B 698 -9.37 7.90 52.88
CA ASP B 698 -10.61 8.55 52.48
C ASP B 698 -10.56 10.05 52.77
N GLU B 699 -9.40 10.53 53.16
CA GLU B 699 -9.26 11.92 53.58
C GLU B 699 -9.59 12.94 52.51
N ASP B 700 -9.23 12.65 51.28
CA ASP B 700 -9.46 13.52 50.16
C ASP B 700 -10.52 12.89 49.28
N ASP B 701 -11.20 11.91 49.83
CA ASP B 701 -12.18 11.15 49.11
C ASP B 701 -13.22 10.65 50.08
N PRO B 702 -14.03 11.56 50.63
CA PRO B 702 -15.07 11.26 51.57
C PRO B 702 -16.16 10.59 50.77
N ASP B 723 -45.30 23.58 38.74
CA ASP B 723 -44.05 23.43 38.01
C ASP B 723 -43.64 21.97 37.85
N THR B 724 -43.84 21.14 38.90
CA THR B 724 -43.44 19.72 38.94
C THR B 724 -44.42 18.87 38.15
N SER B 725 -45.59 19.44 37.92
CA SER B 725 -46.64 18.78 37.20
C SER B 725 -46.33 18.76 35.71
N ARG B 726 -45.37 19.59 35.28
CA ARG B 726 -45.04 19.70 33.88
C ARG B 726 -44.36 18.44 33.41
N MET B 727 -43.87 17.67 34.35
CA MET B 727 -43.16 16.46 34.09
C MET B 727 -44.11 15.34 33.80
N GLU B 728 -45.35 15.51 34.23
CA GLU B 728 -46.40 14.52 34.09
C GLU B 728 -47.26 14.78 32.87
N GLU B 729 -47.29 16.05 32.42
CA GLU B 729 -48.13 16.45 31.30
C GLU B 729 -47.97 15.58 30.08
N VAL B 730 -49.11 15.17 29.55
CA VAL B 730 -49.18 14.31 28.41
C VAL B 730 -49.68 15.07 27.19
N ASP B 731 -48.87 15.09 26.12
CA ASP B 731 -49.16 15.71 24.82
C ASP B 731 -48.17 15.09 23.84
N THR C 102 24.37 9.50 12.06
CA THR C 102 24.22 8.60 13.19
C THR C 102 23.13 7.55 12.86
N ILE C 103 21.84 7.90 13.05
CA ILE C 103 20.68 7.05 12.81
C ILE C 103 20.17 7.09 11.39
N VAL C 104 20.01 5.92 10.83
CA VAL C 104 19.49 5.80 9.50
C VAL C 104 18.09 5.23 9.62
N PRO C 105 17.05 5.95 9.22
CA PRO C 105 15.71 5.46 9.27
C PRO C 105 15.64 4.20 8.45
N ALA C 106 14.90 3.23 8.93
CA ALA C 106 14.75 1.98 8.21
C ALA C 106 13.85 2.19 7.04
N THR C 107 14.03 1.38 6.01
CA THR C 107 13.16 1.46 4.87
C THR C 107 11.89 0.66 5.15
N LEU C 108 10.85 0.86 4.34
CA LEU C 108 9.60 0.14 4.56
C LEU C 108 9.19 -0.86 3.49
N PRO C 109 9.21 -2.17 3.78
CA PRO C 109 8.70 -3.22 2.92
C PRO C 109 7.20 -2.98 2.84
N GLN C 110 6.58 -3.33 1.74
CA GLN C 110 5.15 -3.12 1.60
C GLN C 110 4.27 -4.32 1.96
N LEU C 111 3.27 -4.07 2.79
CA LEU C 111 2.31 -5.09 3.20
C LEU C 111 1.38 -5.49 2.08
N THR C 112 0.93 -6.74 2.14
CA THR C 112 -0.02 -7.18 1.14
C THR C 112 -1.16 -6.19 1.12
N PRO C 113 -1.49 -5.57 -0.02
CA PRO C 113 -2.61 -4.69 -0.13
C PRO C 113 -3.79 -5.59 -0.07
N THR C 114 -4.81 -5.22 0.67
CA THR C 114 -5.95 -6.10 0.74
C THR C 114 -7.23 -5.48 0.25
N LEU C 115 -7.23 -4.25 -0.21
CA LEU C 115 -8.54 -3.71 -0.52
C LEU C 115 -9.25 -4.52 -1.58
N VAL C 116 -8.54 -5.02 -2.56
CA VAL C 116 -9.28 -5.77 -3.55
C VAL C 116 -9.83 -7.06 -2.96
N SER C 117 -9.04 -7.78 -2.18
CA SER C 117 -9.58 -9.03 -1.66
C SER C 117 -10.68 -8.77 -0.64
N LEU C 118 -10.65 -7.62 0.03
CA LEU C 118 -11.70 -7.32 0.97
C LEU C 118 -12.98 -7.12 0.20
N LEU C 119 -12.89 -6.47 -0.96
CA LEU C 119 -14.07 -6.24 -1.77
C LEU C 119 -14.60 -7.57 -2.30
N GLU C 120 -13.70 -8.51 -2.62
CA GLU C 120 -14.13 -9.82 -3.13
C GLU C 120 -14.99 -10.53 -2.09
N VAL C 121 -14.60 -10.37 -0.83
CA VAL C 121 -15.32 -10.94 0.29
C VAL C 121 -16.66 -10.24 0.53
N ILE C 122 -16.66 -8.93 0.45
CA ILE C 122 -17.86 -8.11 0.67
C ILE C 122 -18.97 -8.37 -0.36
N GLU C 123 -18.62 -8.49 -1.62
CA GLU C 123 -19.60 -8.69 -2.70
C GLU C 123 -20.60 -9.81 -2.38
N PRO C 124 -21.94 -9.54 -2.42
CA PRO C 124 -23.01 -10.47 -2.14
C PRO C 124 -23.21 -11.47 -3.25
N GLU C 125 -23.87 -12.56 -2.90
CA GLU C 125 -24.26 -13.54 -3.88
C GLU C 125 -25.44 -13.02 -4.67
N VAL C 126 -25.60 -13.53 -5.87
CA VAL C 126 -26.71 -13.17 -6.74
C VAL C 126 -28.04 -13.73 -6.20
N LEU C 127 -29.07 -12.93 -6.31
CA LEU C 127 -30.40 -13.29 -5.86
C LEU C 127 -31.22 -13.92 -6.96
N TYR C 128 -32.21 -14.71 -6.58
CA TYR C 128 -33.16 -15.29 -7.53
C TYR C 128 -34.25 -14.33 -7.92
N ALA C 129 -34.69 -14.47 -9.15
CA ALA C 129 -35.80 -13.75 -9.72
C ALA C 129 -36.31 -14.57 -10.85
N GLY C 130 -37.57 -14.38 -11.16
CA GLY C 130 -38.18 -15.06 -12.26
C GLY C 130 -39.66 -15.06 -11.96
N TYR C 131 -40.42 -15.77 -12.76
CA TYR C 131 -41.84 -15.79 -12.58
C TYR C 131 -42.37 -17.08 -13.16
N ASP C 132 -43.64 -17.38 -12.92
CA ASP C 132 -44.22 -18.59 -13.46
C ASP C 132 -44.20 -18.53 -14.98
N SER C 133 -43.46 -19.45 -15.58
CA SER C 133 -43.17 -19.50 -17.01
C SER C 133 -44.38 -19.72 -17.90
N SER C 134 -45.51 -20.10 -17.31
CA SER C 134 -46.73 -20.29 -18.11
C SER C 134 -47.27 -18.93 -18.52
N VAL C 135 -46.79 -17.89 -17.86
CA VAL C 135 -47.18 -16.53 -18.10
C VAL C 135 -46.22 -15.96 -19.16
N PRO C 136 -46.71 -15.32 -20.22
CA PRO C 136 -45.90 -14.75 -21.26
C PRO C 136 -45.11 -13.59 -20.72
N ASP C 137 -44.00 -13.28 -21.36
CA ASP C 137 -43.16 -12.18 -20.95
C ASP C 137 -43.69 -10.85 -21.46
N SER C 138 -44.81 -10.46 -20.90
CA SER C 138 -45.51 -9.25 -21.24
C SER C 138 -44.72 -8.09 -20.72
N THR C 139 -44.97 -6.91 -21.26
CA THR C 139 -44.21 -5.74 -20.84
C THR C 139 -44.26 -5.54 -19.34
N TRP C 140 -45.45 -5.66 -18.77
CA TRP C 140 -45.58 -5.44 -17.36
C TRP C 140 -45.05 -6.59 -16.51
N ARG C 141 -45.03 -7.81 -17.05
CA ARG C 141 -44.54 -8.91 -16.26
C ARG C 141 -43.05 -8.82 -16.13
N ILE C 142 -42.42 -8.42 -17.22
CA ILE C 142 -40.99 -8.30 -17.23
C ILE C 142 -40.61 -7.21 -16.27
N MET C 143 -41.29 -6.06 -16.37
CA MET C 143 -40.96 -4.99 -15.47
C MET C 143 -41.20 -5.35 -14.02
N THR C 144 -42.27 -6.07 -13.71
CA THR C 144 -42.51 -6.44 -12.33
C THR C 144 -41.44 -7.34 -11.79
N THR C 145 -41.03 -8.33 -12.59
CA THR C 145 -40.02 -9.27 -12.13
C THR C 145 -38.75 -8.52 -11.82
N LEU C 146 -38.40 -7.60 -12.71
CA LEU C 146 -37.21 -6.80 -12.56
C LEU C 146 -37.32 -5.85 -11.41
N ASN C 147 -38.49 -5.29 -11.16
CA ASN C 147 -38.61 -4.31 -10.10
C ASN C 147 -38.44 -4.96 -8.75
N MET C 148 -38.96 -6.17 -8.58
CA MET C 148 -38.81 -6.80 -7.30
C MET C 148 -37.36 -7.21 -7.09
N LEU C 149 -36.72 -7.68 -8.16
CA LEU C 149 -35.34 -8.07 -8.04
C LEU C 149 -34.51 -6.87 -7.73
N GLY C 150 -34.81 -5.78 -8.41
CA GLY C 150 -34.11 -4.54 -8.27
C GLY C 150 -34.16 -4.10 -6.84
N GLY C 151 -35.33 -3.99 -6.25
CA GLY C 151 -35.38 -3.52 -4.87
C GLY C 151 -34.54 -4.41 -3.95
N ARG C 152 -34.54 -5.72 -4.19
CA ARG C 152 -33.74 -6.58 -3.33
C ARG C 152 -32.24 -6.43 -3.55
N GLN C 153 -31.82 -6.28 -4.80
CA GLN C 153 -30.43 -6.09 -5.10
C GLN C 153 -29.96 -4.72 -4.63
N VAL C 154 -30.85 -3.74 -4.71
CA VAL C 154 -30.53 -2.41 -4.29
C VAL C 154 -30.32 -2.38 -2.80
N ILE C 155 -31.16 -3.06 -2.02
CA ILE C 155 -30.85 -3.06 -0.60
C ILE C 155 -29.57 -3.81 -0.29
N ALA C 156 -29.28 -4.90 -1.01
CA ALA C 156 -28.05 -5.62 -0.76
C ALA C 156 -26.86 -4.69 -0.98
N ALA C 157 -27.00 -3.81 -1.96
CA ALA C 157 -25.99 -2.83 -2.30
C ALA C 157 -25.74 -1.84 -1.18
N VAL C 158 -26.69 -1.68 -0.27
CA VAL C 158 -26.56 -0.73 0.80
C VAL C 158 -25.68 -1.33 1.86
N LYS C 159 -25.95 -2.57 2.24
CA LYS C 159 -25.07 -3.14 3.27
C LYS C 159 -23.68 -3.36 2.69
N TRP C 160 -23.64 -3.64 1.40
CA TRP C 160 -22.42 -3.82 0.66
C TRP C 160 -21.54 -2.59 0.64
N ALA C 161 -22.25 -1.51 0.36
CA ALA C 161 -21.56 -0.27 0.60
C ALA C 161 -21.13 0.00 2.01
N LYS C 162 -21.96 -0.29 2.99
CA LYS C 162 -21.55 0.02 4.35
C LYS C 162 -20.30 -0.74 4.75
N ALA C 163 -20.14 -1.93 4.22
CA ALA C 163 -19.02 -2.81 4.48
C ALA C 163 -17.70 -2.37 3.84
N ILE C 164 -17.72 -1.44 2.91
CA ILE C 164 -16.52 -1.02 2.21
C ILE C 164 -15.60 -0.11 3.03
N PRO C 165 -14.30 -0.44 3.15
CA PRO C 165 -13.30 0.34 3.84
C PRO C 165 -13.30 1.74 3.30
N GLY C 166 -13.16 2.72 4.17
CA GLY C 166 -13.18 4.11 3.75
C GLY C 166 -14.60 4.64 3.64
N PHE C 167 -15.39 4.01 2.79
CA PHE C 167 -16.79 4.38 2.59
C PHE C 167 -17.51 4.38 3.90
N ARG C 168 -17.29 3.35 4.66
CA ARG C 168 -17.94 3.18 5.94
C ARG C 168 -17.63 4.28 6.94
N ASN C 169 -16.57 5.07 6.69
CA ASN C 169 -16.18 6.13 7.59
C ASN C 169 -16.78 7.48 7.18
N LEU C 170 -17.54 7.50 6.11
CA LEU C 170 -18.20 8.70 5.62
C LEU C 170 -19.39 9.00 6.50
N HIS C 171 -19.75 10.26 6.58
CA HIS C 171 -20.93 10.56 7.36
C HIS C 171 -22.07 9.77 6.75
N LEU C 172 -22.92 9.19 7.58
CA LEU C 172 -23.98 8.35 7.09
C LEU C 172 -24.88 9.01 6.06
N ASP C 173 -25.12 10.31 6.17
CA ASP C 173 -26.00 10.95 5.21
C ASP C 173 -25.40 10.88 3.84
N ASP C 174 -24.09 10.99 3.77
CA ASP C 174 -23.37 11.01 2.52
C ASP C 174 -23.32 9.61 2.01
N GLN C 175 -23.24 8.64 2.92
CA GLN C 175 -23.20 7.27 2.46
C GLN C 175 -24.50 6.95 1.73
N MET C 176 -25.61 7.44 2.28
CA MET C 176 -26.89 7.15 1.69
C MET C 176 -27.11 7.97 0.42
N THR C 177 -26.56 9.17 0.39
CA THR C 177 -26.65 10.04 -0.78
C THR C 177 -25.98 9.41 -1.96
N LEU C 178 -24.80 8.87 -1.74
CA LEU C 178 -24.05 8.24 -2.80
C LEU C 178 -24.79 7.02 -3.32
N LEU C 179 -25.41 6.26 -2.42
CA LEU C 179 -26.17 5.12 -2.87
C LEU C 179 -27.33 5.51 -3.73
N GLN C 180 -28.05 6.56 -3.36
CA GLN C 180 -29.12 6.95 -4.23
C GLN C 180 -28.62 7.45 -5.56
N TYR C 181 -27.63 8.30 -5.54
CA TYR C 181 -27.28 8.93 -6.80
C TYR C 181 -26.73 7.97 -7.81
N SER C 182 -26.00 6.98 -7.34
CA SER C 182 -25.41 6.02 -8.22
C SER C 182 -26.18 4.71 -8.25
N TRP C 183 -27.37 4.63 -7.65
CA TRP C 183 -27.96 3.29 -7.59
C TRP C 183 -28.11 2.72 -8.98
N MET C 184 -28.39 3.55 -9.96
CA MET C 184 -28.54 3.09 -11.31
C MET C 184 -27.22 2.66 -11.92
N SER C 185 -26.16 3.37 -11.56
CA SER C 185 -24.85 3.11 -12.15
C SER C 185 -24.38 1.77 -11.73
N LEU C 186 -24.58 1.49 -10.46
CA LEU C 186 -24.14 0.26 -9.88
C LEU C 186 -24.94 -0.91 -10.37
N MET C 187 -26.23 -0.72 -10.50
CA MET C 187 -27.04 -1.80 -10.96
C MET C 187 -26.74 -2.13 -12.42
N ALA C 188 -26.58 -1.10 -13.24
CA ALA C 188 -26.30 -1.31 -14.64
C ALA C 188 -24.95 -1.98 -14.85
N PHE C 189 -24.00 -1.62 -14.02
CA PHE C 189 -22.66 -2.13 -14.14
C PHE C 189 -22.66 -3.58 -13.76
N ALA C 190 -23.38 -3.89 -12.68
CA ALA C 190 -23.46 -5.24 -12.21
C ALA C 190 -24.08 -6.11 -13.27
N LEU C 191 -25.07 -5.58 -13.92
CA LEU C 191 -25.74 -6.33 -14.94
C LEU C 191 -24.86 -6.51 -16.12
N GLY C 192 -24.22 -5.45 -16.57
CA GLY C 192 -23.43 -5.58 -17.75
C GLY C 192 -22.34 -6.60 -17.60
N TRP C 193 -21.67 -6.62 -16.45
CA TRP C 193 -20.63 -7.59 -16.27
C TRP C 193 -21.18 -9.01 -16.22
N ARG C 194 -22.25 -9.20 -15.44
CA ARG C 194 -22.76 -10.55 -15.32
C ARG C 194 -23.14 -11.07 -16.67
N SER C 195 -23.68 -10.21 -17.53
CA SER C 195 -24.12 -10.62 -18.84
C SER C 195 -23.02 -11.22 -19.66
N TYR C 196 -21.86 -10.52 -19.62
CA TYR C 196 -21.08 -10.84 -20.79
C TYR C 196 -20.23 -12.01 -20.37
N ARG C 197 -20.11 -12.15 -19.06
CA ARG C 197 -19.36 -13.24 -18.49
C ARG C 197 -20.17 -14.53 -18.54
N GLN C 198 -21.49 -14.43 -18.39
CA GLN C 198 -22.40 -15.56 -18.41
C GLN C 198 -22.52 -16.02 -19.85
N SER C 199 -22.48 -15.06 -20.76
CA SER C 199 -22.55 -15.28 -22.18
C SER C 199 -21.95 -14.12 -22.91
N SER C 200 -21.23 -14.37 -23.98
CA SER C 200 -20.64 -13.31 -24.80
C SER C 200 -21.70 -12.49 -25.54
N ALA C 201 -22.92 -13.00 -25.58
CA ALA C 201 -24.05 -12.33 -26.21
C ALA C 201 -24.36 -11.06 -25.43
N ASN C 202 -24.83 -10.03 -26.12
CA ASN C 202 -25.19 -8.81 -25.41
C ASN C 202 -26.62 -8.90 -24.90
N LEU C 203 -26.76 -9.79 -23.93
CA LEU C 203 -27.97 -10.14 -23.22
C LEU C 203 -27.92 -9.52 -21.86
N LEU C 204 -29.02 -9.59 -21.14
CA LEU C 204 -29.02 -9.11 -19.78
C LEU C 204 -29.17 -10.25 -18.76
N CYS C 205 -28.12 -10.52 -17.99
CA CYS C 205 -28.16 -11.59 -16.99
C CYS C 205 -28.43 -11.00 -15.62
N PHE C 206 -29.56 -11.32 -15.05
CA PHE C 206 -29.99 -10.70 -13.81
C PHE C 206 -29.96 -11.56 -12.58
N ALA C 207 -30.26 -12.82 -12.79
CA ALA C 207 -30.45 -13.72 -11.68
C ALA C 207 -30.25 -15.13 -12.19
N PRO C 208 -30.04 -16.15 -11.35
CA PRO C 208 -29.92 -17.55 -11.74
C PRO C 208 -31.04 -17.98 -12.69
N ASP C 209 -32.25 -17.44 -12.51
CA ASP C 209 -33.36 -17.75 -13.40
C ASP C 209 -33.82 -16.60 -14.28
N LEU C 210 -33.01 -15.56 -14.44
CA LEU C 210 -33.49 -14.51 -15.29
C LEU C 210 -32.49 -13.96 -16.27
N ILE C 211 -32.80 -14.24 -17.53
CA ILE C 211 -32.07 -13.80 -18.70
C ILE C 211 -32.98 -13.11 -19.66
N ILE C 212 -32.58 -11.95 -20.11
CA ILE C 212 -33.30 -11.31 -21.18
C ILE C 212 -32.39 -11.39 -22.40
N ASN C 213 -32.79 -12.20 -23.37
CA ASN C 213 -31.98 -12.39 -24.56
C ASN C 213 -32.36 -11.30 -25.53
N GLU C 214 -31.73 -11.24 -26.70
CA GLU C 214 -32.05 -10.14 -27.61
C GLU C 214 -33.52 -10.15 -28.05
N GLN C 215 -34.07 -11.36 -28.23
CA GLN C 215 -35.44 -11.53 -28.68
C GLN C 215 -36.44 -11.23 -27.58
N ARG C 216 -35.93 -11.04 -26.37
CA ARG C 216 -36.76 -10.76 -25.22
C ARG C 216 -36.66 -9.29 -24.82
N MET C 217 -35.94 -8.46 -25.59
CA MET C 217 -35.84 -7.06 -25.20
C MET C 217 -37.06 -6.32 -25.71
N THR C 218 -38.20 -6.66 -25.12
CA THR C 218 -39.52 -6.22 -25.54
C THR C 218 -40.06 -5.01 -24.84
N LEU C 219 -39.34 -4.53 -23.84
CA LEU C 219 -39.84 -3.36 -23.17
C LEU C 219 -39.47 -2.18 -24.02
N PRO C 220 -40.34 -1.16 -24.20
CA PRO C 220 -40.05 0.09 -24.88
C PRO C 220 -38.78 0.71 -24.34
N CYS C 221 -38.59 0.54 -23.03
CA CYS C 221 -37.45 1.06 -22.36
C CYS C 221 -36.17 0.44 -22.90
N MET C 222 -36.18 -0.87 -23.16
CA MET C 222 -34.97 -1.52 -23.64
C MET C 222 -34.80 -1.20 -25.09
N TYR C 223 -35.87 -1.14 -25.84
CA TYR C 223 -35.68 -0.89 -27.24
C TYR C 223 -34.96 0.42 -27.45
N ASP C 224 -35.35 1.43 -26.68
CA ASP C 224 -34.73 2.73 -26.78
C ASP C 224 -33.36 2.78 -26.10
N GLN C 225 -33.20 2.02 -25.01
CA GLN C 225 -31.99 2.01 -24.23
C GLN C 225 -31.05 0.84 -24.48
N CYS C 226 -31.31 0.00 -25.48
CA CYS C 226 -30.38 -1.11 -25.72
C CYS C 226 -28.98 -0.57 -25.93
N LYS C 227 -28.89 0.57 -26.59
CA LYS C 227 -27.64 1.24 -26.90
C LYS C 227 -26.86 1.69 -25.66
N HIS C 228 -27.52 1.78 -24.52
CA HIS C 228 -26.91 2.19 -23.28
C HIS C 228 -26.68 1.01 -22.32
N MET C 229 -27.65 0.11 -22.23
CA MET C 229 -27.50 -0.99 -21.30
C MET C 229 -26.51 -2.01 -21.87
N LEU C 230 -26.46 -2.10 -23.20
CA LEU C 230 -25.55 -3.03 -23.81
C LEU C 230 -24.28 -2.29 -24.13
N TYR C 231 -24.27 -0.98 -23.90
CA TYR C 231 -23.02 -0.24 -24.05
C TYR C 231 -22.09 -0.83 -23.08
N VAL C 232 -22.59 -0.93 -21.86
CA VAL C 232 -21.78 -1.40 -20.78
C VAL C 232 -21.40 -2.86 -20.97
N SER C 233 -22.34 -3.77 -21.30
CA SER C 233 -21.89 -5.16 -21.41
C SER C 233 -20.99 -5.38 -22.60
N SER C 234 -21.24 -4.65 -23.69
CA SER C 234 -20.44 -4.80 -24.89
C SER C 234 -19.04 -4.33 -24.66
N GLU C 235 -18.88 -3.17 -24.01
CA GLU C 235 -17.57 -2.63 -23.75
C GLU C 235 -16.76 -3.40 -22.75
N LEU C 236 -17.41 -3.90 -21.70
CA LEU C 236 -16.67 -4.67 -20.73
C LEU C 236 -16.22 -5.97 -21.41
N HIS C 237 -17.07 -6.50 -22.30
CA HIS C 237 -16.72 -7.69 -23.05
C HIS C 237 -15.58 -7.41 -23.99
N ARG C 238 -15.67 -6.32 -24.74
CA ARG C 238 -14.66 -5.97 -25.72
C ARG C 238 -13.29 -5.86 -25.09
N LEU C 239 -13.24 -5.26 -23.92
CA LEU C 239 -12.00 -5.08 -23.21
C LEU C 239 -11.62 -6.29 -22.38
N GLN C 240 -12.47 -7.32 -22.36
CA GLN C 240 -12.25 -8.53 -21.59
C GLN C 240 -11.94 -8.23 -20.14
N VAL C 241 -12.81 -7.46 -19.51
CA VAL C 241 -12.62 -7.05 -18.14
C VAL C 241 -12.71 -8.17 -17.10
N SER C 242 -11.70 -8.21 -16.23
CA SER C 242 -11.62 -9.21 -15.19
C SER C 242 -12.48 -8.82 -14.02
N TYR C 243 -12.76 -9.78 -13.17
CA TYR C 243 -13.55 -9.53 -11.99
C TYR C 243 -12.94 -8.52 -11.05
N GLU C 244 -11.67 -8.64 -10.80
CA GLU C 244 -11.05 -7.79 -9.82
C GLU C 244 -10.92 -6.33 -10.28
N GLU C 245 -10.56 -6.10 -11.55
CA GLU C 245 -10.47 -4.72 -11.96
C GLU C 245 -11.90 -4.18 -12.02
N TYR C 246 -12.84 -5.08 -12.30
CA TYR C 246 -14.24 -4.77 -12.34
C TYR C 246 -14.71 -4.27 -11.01
N LEU C 247 -14.37 -4.98 -9.94
CA LEU C 247 -14.77 -4.57 -8.62
C LEU C 247 -14.18 -3.25 -8.27
N CYS C 248 -12.95 -3.00 -8.71
CA CYS C 248 -12.35 -1.73 -8.39
C CYS C 248 -13.20 -0.63 -9.01
N MET C 249 -13.60 -0.85 -10.27
CA MET C 249 -14.42 0.13 -10.96
C MET C 249 -15.79 0.30 -10.34
N LYS C 250 -16.37 -0.80 -9.89
CA LYS C 250 -17.70 -0.77 -9.29
C LYS C 250 -17.67 0.12 -8.06
N THR C 251 -16.61 0.02 -7.29
CA THR C 251 -16.48 0.84 -6.12
C THR C 251 -16.42 2.30 -6.55
N LEU C 252 -15.65 2.58 -7.59
CA LEU C 252 -15.58 3.95 -8.02
C LEU C 252 -16.96 4.44 -8.49
N LEU C 253 -17.78 3.58 -9.07
CA LEU C 253 -19.13 4.03 -9.45
C LEU C 253 -19.92 4.43 -8.22
N LEU C 254 -19.73 3.74 -7.11
CA LEU C 254 -20.41 4.14 -5.87
C LEU C 254 -20.03 5.58 -5.54
N LEU C 255 -18.78 5.92 -5.85
CA LEU C 255 -18.20 7.23 -5.59
C LEU C 255 -18.21 8.14 -6.83
N SER C 256 -18.98 7.82 -7.88
CA SER C 256 -19.00 8.60 -9.14
C SER C 256 -19.90 9.81 -9.21
N SER C 257 -20.70 10.06 -8.21
CA SER C 257 -21.61 11.20 -8.25
C SER C 257 -21.75 11.79 -6.88
N VAL C 258 -21.97 13.09 -6.85
CA VAL C 258 -22.13 13.82 -5.61
C VAL C 258 -23.28 14.80 -5.77
N PRO C 259 -23.82 15.39 -4.72
CA PRO C 259 -24.74 16.48 -4.80
C PRO C 259 -23.98 17.61 -5.45
N LYS C 260 -24.66 18.49 -6.14
CA LYS C 260 -23.97 19.64 -6.74
C LYS C 260 -23.35 20.51 -5.66
N ASP C 261 -23.88 20.39 -4.45
CA ASP C 261 -23.47 21.14 -3.29
C ASP C 261 -22.37 20.42 -2.51
N GLY C 262 -21.98 19.24 -2.95
CA GLY C 262 -20.95 18.42 -2.31
C GLY C 262 -21.45 17.58 -1.14
N LEU C 263 -20.51 16.86 -0.52
CA LEU C 263 -20.70 15.97 0.62
C LEU C 263 -20.16 16.66 1.88
N LYS C 264 -20.58 16.24 3.07
CA LYS C 264 -20.00 16.85 4.24
C LYS C 264 -18.60 16.33 4.46
N SER C 265 -18.44 15.01 4.37
CA SER C 265 -17.10 14.45 4.57
C SER C 265 -16.38 14.37 3.23
N GLN C 266 -16.18 15.54 2.63
CA GLN C 266 -15.62 15.62 1.30
C GLN C 266 -14.15 15.24 1.31
N GLU C 267 -13.46 15.66 2.36
CA GLU C 267 -12.05 15.42 2.54
C GLU C 267 -11.70 13.97 2.91
N LEU C 268 -12.77 13.27 3.26
CA LEU C 268 -12.63 11.84 3.12
C LEU C 268 -13.03 11.30 1.77
N PHE C 269 -14.11 11.74 1.20
CA PHE C 269 -14.56 11.18 -0.07
C PHE C 269 -13.45 11.16 -1.11
N ASP C 270 -12.74 12.27 -1.19
CA ASP C 270 -11.68 12.46 -2.17
C ASP C 270 -10.55 11.46 -1.97
N GLU C 271 -10.39 10.97 -0.74
CA GLU C 271 -9.35 10.07 -0.34
C GLU C 271 -9.70 8.68 -0.77
N ILE C 272 -11.01 8.51 -0.86
CA ILE C 272 -11.47 7.15 -0.88
C ILE C 272 -11.36 6.92 -2.36
N ARG C 273 -11.74 7.95 -3.13
CA ARG C 273 -11.64 7.80 -4.57
C ARG C 273 -10.20 7.60 -4.96
N MET C 274 -9.26 8.37 -4.44
CA MET C 274 -7.90 8.11 -4.85
C MET C 274 -7.45 6.73 -4.44
N THR C 275 -7.94 6.27 -3.32
CA THR C 275 -7.58 4.98 -2.82
C THR C 275 -8.00 3.89 -3.77
N TYR C 276 -9.22 3.97 -4.26
CA TYR C 276 -9.65 2.94 -5.16
C TYR C 276 -9.10 3.14 -6.56
N ILE C 277 -8.75 4.38 -6.93
CA ILE C 277 -8.11 4.64 -8.20
C ILE C 277 -6.77 3.94 -8.20
N LYS C 278 -6.06 4.06 -7.10
CA LYS C 278 -4.79 3.40 -6.94
C LYS C 278 -4.96 1.90 -7.07
N GLU C 279 -6.02 1.35 -6.46
CA GLU C 279 -6.26 -0.08 -6.53
C GLU C 279 -6.59 -0.53 -7.93
N LEU C 280 -7.32 0.29 -8.68
CA LEU C 280 -7.64 -0.07 -10.04
C LEU C 280 -6.37 -0.12 -10.85
N GLY C 281 -5.50 0.87 -10.66
CA GLY C 281 -4.26 0.88 -11.39
C GLY C 281 -3.54 -0.43 -11.12
N LYS C 282 -3.42 -0.79 -9.86
CA LYS C 282 -2.73 -2.01 -9.50
C LYS C 282 -3.41 -3.24 -10.11
N ALA C 283 -4.74 -3.26 -10.12
CA ALA C 283 -5.51 -4.37 -10.67
C ALA C 283 -5.18 -4.60 -12.13
N ILE C 284 -4.90 -3.51 -12.84
CA ILE C 284 -4.53 -3.55 -14.24
C ILE C 284 -3.08 -3.94 -14.41
N VAL C 285 -2.20 -3.32 -13.67
CA VAL C 285 -0.78 -3.54 -13.88
C VAL C 285 -0.39 -4.97 -13.66
N LYS C 286 -0.87 -5.55 -12.59
CA LYS C 286 -0.47 -6.90 -12.26
C LYS C 286 -1.06 -7.96 -13.18
N ARG C 287 -2.06 -7.61 -13.99
CA ARG C 287 -2.64 -8.61 -14.84
C ARG C 287 -2.25 -8.44 -16.29
N GLU C 288 -2.08 -7.21 -16.73
CA GLU C 288 -1.72 -6.95 -18.12
C GLU C 288 -0.24 -7.18 -18.40
N GLY C 289 0.66 -6.81 -17.46
CA GLY C 289 2.10 -7.00 -17.69
C GLY C 289 2.72 -5.91 -18.56
N ASN C 290 1.91 -4.95 -18.92
CA ASN C 290 2.22 -3.82 -19.79
C ASN C 290 2.76 -2.60 -19.08
N SER C 291 3.08 -1.56 -19.85
CA SER C 291 3.57 -0.32 -19.28
C SER C 291 2.65 0.81 -19.76
N SER C 292 2.92 1.32 -20.96
CA SER C 292 2.13 2.40 -21.52
C SER C 292 0.73 1.93 -21.83
N GLN C 293 0.56 0.62 -22.00
CA GLN C 293 -0.75 0.08 -22.28
C GLN C 293 -1.54 -0.01 -21.01
N ASN C 294 -0.88 0.03 -19.84
CA ASN C 294 -1.64 -0.03 -18.61
C ASN C 294 -2.25 1.33 -18.46
N TRP C 295 -1.46 2.34 -18.84
CA TRP C 295 -1.95 3.70 -18.78
C TRP C 295 -3.19 3.78 -19.63
N GLN C 296 -3.07 3.29 -20.86
CA GLN C 296 -4.19 3.36 -21.75
C GLN C 296 -5.34 2.48 -21.35
N ARG C 297 -5.11 1.30 -20.78
CA ARG C 297 -6.24 0.47 -20.41
C ARG C 297 -7.01 1.16 -19.33
N PHE C 298 -6.30 1.78 -18.42
CA PHE C 298 -6.87 2.52 -17.33
C PHE C 298 -7.78 3.58 -17.87
N TYR C 299 -7.30 4.36 -18.83
CA TYR C 299 -8.15 5.39 -19.36
C TYR C 299 -9.33 4.78 -20.13
N GLN C 300 -9.10 3.71 -20.90
CA GLN C 300 -10.18 3.08 -21.68
C GLN C 300 -11.30 2.61 -20.80
N LEU C 301 -10.94 2.08 -19.64
CA LEU C 301 -11.92 1.64 -18.69
C LEU C 301 -12.57 2.82 -18.01
N THR C 302 -11.81 3.87 -17.73
CA THR C 302 -12.37 5.05 -17.08
C THR C 302 -13.40 5.69 -17.95
N LYS C 303 -13.15 5.68 -19.23
CA LYS C 303 -14.03 6.25 -20.19
C LYS C 303 -15.41 5.59 -20.15
N LEU C 304 -15.52 4.37 -19.62
CA LEU C 304 -16.78 3.69 -19.57
C LEU C 304 -17.55 4.34 -18.48
N LEU C 305 -16.77 4.74 -17.48
CA LEU C 305 -17.43 4.97 -16.24
C LEU C 305 -17.87 6.42 -16.36
N ASP C 306 -17.11 7.16 -17.16
CA ASP C 306 -17.43 8.56 -17.46
C ASP C 306 -18.58 8.63 -18.48
N SER C 307 -18.62 7.73 -19.48
CA SER C 307 -19.68 7.79 -20.50
C SER C 307 -20.96 7.25 -19.92
N MET C 308 -20.81 6.48 -18.85
CA MET C 308 -21.93 5.92 -18.17
C MET C 308 -22.79 6.96 -17.52
N HIS C 309 -22.36 8.20 -17.48
CA HIS C 309 -23.22 9.19 -16.92
C HIS C 309 -24.43 9.35 -17.87
N GLU C 310 -24.21 9.21 -19.18
CA GLU C 310 -25.28 9.31 -20.17
C GLU C 310 -26.09 8.05 -20.10
N VAL C 311 -25.40 6.94 -19.93
CA VAL C 311 -26.09 5.66 -19.87
C VAL C 311 -27.10 5.75 -18.77
N VAL C 312 -26.68 6.27 -17.64
CA VAL C 312 -27.59 6.42 -16.55
C VAL C 312 -28.64 7.47 -16.77
N GLU C 313 -28.34 8.65 -17.24
CA GLU C 313 -29.47 9.57 -17.30
C GLU C 313 -30.55 9.07 -18.23
N ASN C 314 -30.16 8.42 -19.32
CA ASN C 314 -31.19 7.99 -20.21
C ASN C 314 -31.99 6.83 -19.61
N LEU C 315 -31.32 5.88 -18.95
CA LEU C 315 -32.02 4.76 -18.34
C LEU C 315 -32.89 5.23 -17.19
N LEU C 316 -32.40 6.23 -16.48
CA LEU C 316 -33.04 6.82 -15.32
C LEU C 316 -34.34 7.45 -15.74
N ASN C 317 -34.32 8.19 -16.83
CA ASN C 317 -35.54 8.82 -17.26
C ASN C 317 -36.57 7.77 -17.60
N TYR C 318 -36.14 6.63 -18.14
CA TYR C 318 -37.11 5.59 -18.41
C TYR C 318 -37.64 4.97 -17.15
N CYS C 319 -36.81 4.79 -16.12
CA CYS C 319 -37.39 4.18 -14.92
C CYS C 319 -38.35 5.18 -14.28
N PHE C 320 -38.10 6.47 -14.48
CA PHE C 320 -38.99 7.44 -13.92
C PHE C 320 -40.32 7.35 -14.61
N GLN C 321 -40.31 7.21 -15.92
CA GLN C 321 -41.52 7.14 -16.69
C GLN C 321 -42.36 5.91 -16.37
N THR C 322 -41.71 4.77 -16.18
CA THR C 322 -42.41 3.53 -15.87
C THR C 322 -43.13 3.63 -14.53
N PHE C 323 -42.45 4.17 -13.52
CA PHE C 323 -43.04 4.36 -12.19
C PHE C 323 -44.09 5.47 -12.15
N LEU C 324 -43.83 6.58 -12.84
CA LEU C 324 -44.72 7.75 -12.85
C LEU C 324 -46.02 7.54 -13.57
N ASP C 325 -46.00 6.90 -14.74
CA ASP C 325 -47.21 6.77 -15.49
C ASP C 325 -47.94 5.54 -14.97
N LYS C 326 -49.11 5.26 -15.51
CA LYS C 326 -49.86 4.11 -15.03
C LYS C 326 -50.51 3.38 -16.21
N THR C 327 -49.67 2.91 -17.13
CA THR C 327 -50.13 2.31 -18.37
C THR C 327 -49.91 0.81 -18.41
N MET C 328 -49.18 0.31 -17.44
CA MET C 328 -48.79 -1.07 -17.39
C MET C 328 -49.12 -1.64 -16.02
N SER C 329 -49.53 -2.89 -15.97
CA SER C 329 -49.87 -3.56 -14.71
C SER C 329 -48.63 -4.00 -13.97
N ILE C 330 -47.88 -3.04 -13.48
CA ILE C 330 -46.59 -3.30 -12.86
C ILE C 330 -46.58 -3.09 -11.38
N GLU C 331 -46.09 -4.11 -10.67
CA GLU C 331 -45.94 -3.95 -9.25
C GLU C 331 -44.53 -3.41 -9.07
N PHE C 332 -44.36 -2.53 -8.12
CA PHE C 332 -43.05 -1.99 -7.82
C PHE C 332 -42.88 -2.17 -6.33
N PRO C 333 -41.68 -2.40 -5.81
CA PRO C 333 -41.41 -2.45 -4.41
C PRO C 333 -41.48 -1.05 -3.89
N GLU C 334 -41.84 -0.92 -2.63
CA GLU C 334 -41.88 0.38 -2.01
C GLU C 334 -40.51 1.01 -2.01
N MET C 335 -39.46 0.22 -1.84
CA MET C 335 -38.14 0.82 -1.78
C MET C 335 -37.83 1.60 -3.03
N LEU C 336 -38.00 0.99 -4.19
CA LEU C 336 -37.65 1.73 -5.37
C LEU C 336 -38.60 2.86 -5.57
N ALA C 337 -39.87 2.65 -5.22
CA ALA C 337 -40.82 3.70 -5.44
C ALA C 337 -40.48 4.94 -4.60
N GLU C 338 -40.02 4.75 -3.37
CA GLU C 338 -39.63 5.88 -2.54
C GLU C 338 -38.43 6.57 -3.09
N ILE C 339 -37.47 5.78 -3.55
CA ILE C 339 -36.25 6.33 -4.07
C ILE C 339 -36.53 7.20 -5.24
N ILE C 340 -37.33 6.70 -6.16
CA ILE C 340 -37.71 7.42 -7.36
C ILE C 340 -38.54 8.64 -7.02
N THR C 341 -39.45 8.52 -6.08
CA THR C 341 -40.22 9.69 -5.71
C THR C 341 -39.30 10.81 -5.26
N ASN C 342 -38.32 10.47 -4.44
CA ASN C 342 -37.39 11.44 -3.95
C ASN C 342 -36.31 11.84 -4.94
N GLN C 343 -35.95 10.93 -5.85
CA GLN C 343 -34.89 11.14 -6.83
C GLN C 343 -35.33 11.93 -8.05
N ILE C 344 -36.56 11.78 -8.49
CA ILE C 344 -36.96 12.51 -9.68
C ILE C 344 -36.69 13.99 -9.63
N PRO C 345 -37.07 14.75 -8.58
CA PRO C 345 -36.78 16.16 -8.47
C PRO C 345 -35.31 16.47 -8.32
N LYS C 346 -34.49 15.51 -7.92
CA LYS C 346 -33.10 15.84 -7.77
C LYS C 346 -32.53 15.82 -9.16
N TYR C 347 -32.98 14.83 -9.93
CA TYR C 347 -32.55 14.73 -11.29
C TYR C 347 -32.99 15.92 -12.11
N SER C 348 -34.29 16.22 -12.06
CA SER C 348 -34.83 17.27 -12.88
C SER C 348 -34.37 18.64 -12.49
N ASN C 349 -33.96 18.84 -11.24
CA ASN C 349 -33.48 20.14 -10.83
C ASN C 349 -31.99 20.29 -11.03
N GLY C 350 -31.32 19.26 -11.53
CA GLY C 350 -29.89 19.34 -11.72
C GLY C 350 -29.12 19.31 -10.40
N ASN C 351 -29.66 18.63 -9.38
CA ASN C 351 -29.00 18.63 -8.08
C ASN C 351 -27.95 17.55 -7.94
N ILE C 352 -27.81 16.70 -8.96
CA ILE C 352 -26.83 15.64 -8.92
C ILE C 352 -25.71 15.93 -9.91
N LYS C 353 -24.51 15.99 -9.39
CA LYS C 353 -23.29 16.30 -10.12
C LYS C 353 -22.54 15.06 -10.54
N LYS C 354 -22.10 15.04 -11.78
CA LYS C 354 -21.37 13.91 -12.31
C LYS C 354 -19.89 14.12 -12.08
N LEU C 355 -19.14 13.06 -11.80
CA LEU C 355 -17.72 13.26 -11.67
C LEU C 355 -16.96 12.79 -12.90
N LEU C 356 -15.91 13.51 -13.24
CA LEU C 356 -15.04 13.10 -14.32
C LEU C 356 -13.82 12.42 -13.77
N PHE C 357 -13.66 11.15 -14.10
CA PHE C 357 -12.55 10.39 -13.58
C PHE C 357 -11.27 10.53 -14.37
N HIS C 358 -11.31 10.66 -15.70
CA HIS C 358 -9.99 10.78 -16.31
C HIS C 358 -9.96 11.55 -17.60
N GLN C 359 -8.87 12.31 -17.72
CA GLN C 359 -8.45 13.06 -18.88
C GLN C 359 -6.96 12.77 -19.00
N LYS C 360 -6.41 12.75 -20.24
CA LYS C 360 -4.98 12.51 -20.61
C LYS C 360 -4.72 10.99 -20.76
N SER D 12 -17.24 -44.41 -11.63
CA SER D 12 -17.55 -43.38 -10.66
C SER D 12 -19.04 -43.55 -10.20
N PRO D 13 -19.37 -44.04 -8.94
CA PRO D 13 -20.73 -44.25 -8.41
C PRO D 13 -21.61 -43.01 -8.51
N THR D 14 -21.00 -41.83 -8.45
CA THR D 14 -21.76 -40.60 -8.51
C THR D 14 -22.20 -40.26 -9.94
N ALA D 15 -21.56 -40.90 -10.93
CA ALA D 15 -21.96 -40.71 -12.32
C ALA D 15 -22.98 -41.79 -12.65
N THR D 16 -22.81 -42.96 -12.03
CA THR D 16 -23.68 -44.10 -12.30
C THR D 16 -25.12 -43.75 -11.96
N VAL D 17 -25.27 -43.12 -10.80
CA VAL D 17 -26.56 -42.69 -10.28
C VAL D 17 -27.22 -41.59 -11.09
N ALA D 18 -26.55 -41.04 -12.10
CA ALA D 18 -27.11 -39.98 -12.90
C ALA D 18 -28.44 -40.35 -13.51
N GLU D 19 -28.61 -41.64 -13.84
CA GLU D 19 -29.85 -42.13 -14.42
C GLU D 19 -30.55 -43.18 -13.54
N GLN D 20 -30.25 -43.21 -12.24
CA GLN D 20 -30.83 -44.22 -11.34
C GLN D 20 -31.58 -43.58 -10.20
N GLY D 21 -32.53 -44.29 -9.61
CA GLY D 21 -33.20 -43.77 -8.42
C GLY D 21 -34.70 -43.90 -8.50
N GLU D 22 -35.35 -43.71 -7.37
CA GLU D 22 -36.81 -43.79 -7.28
C GLU D 22 -37.35 -42.47 -7.78
N ASP D 23 -38.60 -42.46 -8.25
CA ASP D 23 -39.21 -41.26 -8.80
C ASP D 23 -39.82 -40.22 -7.87
N ILE D 24 -39.20 -39.05 -7.84
CA ILE D 24 -39.70 -37.88 -7.14
C ILE D 24 -40.02 -36.91 -8.26
N THR D 25 -41.29 -36.60 -8.49
CA THR D 25 -41.58 -35.80 -9.67
C THR D 25 -42.47 -34.61 -9.47
N SER D 26 -42.39 -33.75 -10.47
CA SER D 26 -43.21 -32.59 -10.72
C SER D 26 -43.36 -32.71 -12.21
N LYS D 27 -42.24 -33.16 -12.78
CA LYS D 27 -42.04 -33.43 -14.20
C LYS D 27 -41.41 -34.82 -14.29
N LYS D 28 -42.01 -35.71 -15.06
CA LYS D 28 -41.54 -37.09 -15.16
C LYS D 28 -40.21 -37.25 -15.88
N ASP D 29 -39.95 -36.41 -16.88
CA ASP D 29 -38.72 -36.55 -17.64
C ASP D 29 -37.58 -35.72 -17.09
N ARG D 30 -37.80 -35.09 -15.94
CA ARG D 30 -36.79 -34.31 -15.26
C ARG D 30 -36.89 -34.75 -13.82
N GLY D 31 -37.33 -33.87 -12.95
CA GLY D 31 -37.59 -34.32 -11.60
C GLY D 31 -36.33 -34.63 -10.83
N VAL D 32 -36.52 -35.43 -9.79
CA VAL D 32 -35.50 -35.81 -8.84
C VAL D 32 -35.35 -37.32 -8.69
N LEU D 33 -34.11 -37.75 -8.69
CA LEU D 33 -33.76 -39.13 -8.50
C LEU D 33 -33.42 -39.41 -7.05
N LYS D 34 -34.17 -40.31 -6.45
CA LYS D 34 -33.88 -40.66 -5.08
C LYS D 34 -32.86 -41.77 -5.09
N ILE D 35 -31.63 -41.41 -4.73
CA ILE D 35 -30.49 -42.29 -4.73
C ILE D 35 -29.92 -42.28 -3.33
N VAL D 36 -30.82 -41.95 -2.40
CA VAL D 36 -30.56 -41.78 -0.97
C VAL D 36 -30.05 -43.05 -0.37
N LYS D 37 -28.92 -42.97 0.31
CA LYS D 37 -28.36 -44.19 0.89
C LYS D 37 -29.08 -44.62 2.16
N ARG D 38 -29.45 -43.69 3.04
CA ARG D 38 -30.09 -44.18 4.26
C ARG D 38 -30.89 -43.15 5.00
N VAL D 39 -31.79 -43.62 5.86
CA VAL D 39 -32.51 -42.73 6.75
C VAL D 39 -32.10 -43.10 8.16
N GLY D 40 -31.63 -42.13 8.95
CA GLY D 40 -31.17 -42.35 10.29
C GLY D 40 -32.24 -42.09 11.35
N ASN D 41 -31.86 -41.36 12.38
CA ASN D 41 -32.03 -40.76 13.69
C ASN D 41 -32.80 -39.45 13.66
N GLY D 42 -34.12 -39.55 13.72
CA GLY D 42 -34.97 -38.38 13.62
C GLY D 42 -36.34 -38.76 13.12
N GLU D 43 -37.29 -37.83 13.19
CA GLU D 43 -38.64 -38.11 12.73
C GLU D 43 -38.67 -38.46 11.25
N GLU D 44 -39.40 -39.55 10.94
CA GLU D 44 -39.56 -40.14 9.60
C GLU D 44 -40.50 -39.37 8.67
N THR D 45 -41.20 -38.41 9.22
CA THR D 45 -42.14 -37.56 8.53
C THR D 45 -41.34 -36.59 7.65
N PRO D 46 -41.66 -36.38 6.35
CA PRO D 46 -41.06 -35.34 5.54
C PRO D 46 -41.40 -34.03 6.22
N MET D 47 -40.48 -33.11 6.34
CA MET D 47 -40.80 -31.86 7.03
C MET D 47 -40.25 -30.63 6.31
N ILE D 48 -40.96 -29.50 6.41
CA ILE D 48 -41.19 -28.09 6.15
C ILE D 48 -40.82 -27.23 7.35
N GLY D 49 -39.84 -26.33 7.14
CA GLY D 49 -39.30 -25.47 8.21
C GLY D 49 -38.11 -24.60 7.80
N ASP D 50 -37.82 -23.59 8.63
CA ASP D 50 -36.81 -22.56 8.41
C ASP D 50 -35.60 -22.75 9.31
N LYS D 51 -34.48 -22.17 8.91
CA LYS D 51 -33.25 -22.16 9.69
C LYS D 51 -32.80 -23.55 10.02
N VAL D 52 -32.86 -24.39 9.01
CA VAL D 52 -32.44 -25.75 9.20
C VAL D 52 -31.05 -25.86 8.65
N TYR D 53 -30.09 -26.23 9.48
CA TYR D 53 -28.71 -26.27 9.03
C TYR D 53 -28.27 -27.69 8.75
N VAL D 54 -27.67 -27.92 7.59
CA VAL D 54 -27.25 -29.28 7.26
C VAL D 54 -25.80 -29.31 6.83
N HIS D 55 -25.18 -30.49 6.91
CA HIS D 55 -23.77 -30.60 6.48
C HIS D 55 -23.67 -31.60 5.35
N TYR D 56 -22.81 -31.32 4.38
CA TYR D 56 -22.79 -32.19 3.22
C TYR D 56 -21.49 -32.22 2.45
N LYS D 57 -21.32 -33.28 1.63
CA LYS D 57 -20.20 -33.46 0.69
C LYS D 57 -20.71 -34.00 -0.66
N GLY D 58 -20.04 -33.73 -1.80
CA GLY D 58 -20.61 -34.30 -3.03
C GLY D 58 -19.93 -34.06 -4.37
N LYS D 59 -20.61 -34.59 -5.40
CA LYS D 59 -20.11 -34.57 -6.77
C LYS D 59 -21.18 -34.30 -7.82
N LEU D 60 -20.69 -33.86 -8.97
CA LEU D 60 -21.45 -33.58 -10.17
C LEU D 60 -22.01 -34.86 -10.74
N SER D 61 -23.12 -34.76 -11.46
CA SER D 61 -23.81 -35.90 -12.06
C SER D 61 -22.96 -36.62 -13.11
N ASN D 62 -21.92 -35.95 -13.57
CA ASN D 62 -21.00 -36.52 -14.54
C ASN D 62 -19.81 -37.20 -13.84
N GLY D 63 -19.84 -37.25 -12.52
CA GLY D 63 -18.82 -37.89 -11.69
C GLY D 63 -17.70 -36.97 -11.21
N LYS D 64 -17.66 -35.74 -11.70
CA LYS D 64 -16.63 -34.77 -11.34
C LYS D 64 -16.73 -34.22 -9.92
N LYS D 65 -15.59 -34.15 -9.23
CA LYS D 65 -15.57 -33.61 -7.87
C LYS D 65 -15.99 -32.15 -7.96
N PHE D 66 -16.86 -31.70 -7.06
CA PHE D 66 -17.29 -30.32 -7.18
C PHE D 66 -16.43 -29.32 -6.40
N ASP D 67 -15.98 -28.26 -7.07
CA ASP D 67 -15.13 -27.26 -6.41
C ASP D 67 -15.94 -26.22 -5.65
N SER D 68 -16.44 -26.60 -4.47
CA SER D 68 -17.29 -25.69 -3.68
C SER D 68 -17.24 -25.93 -2.15
N SER D 69 -18.17 -25.27 -1.46
CA SER D 69 -18.32 -25.17 -0.01
C SER D 69 -18.62 -26.45 0.74
N HIS D 70 -19.04 -27.48 0.02
CA HIS D 70 -19.33 -28.74 0.66
C HIS D 70 -18.03 -29.38 1.15
N ASP D 71 -16.88 -28.97 0.62
CA ASP D 71 -15.65 -29.58 1.12
C ASP D 71 -15.21 -28.96 2.44
N ARG D 72 -15.95 -27.96 2.89
CA ARG D 72 -15.71 -27.30 4.16
C ARG D 72 -16.85 -27.67 5.10
N ASN D 73 -17.70 -28.63 4.67
CA ASN D 73 -18.87 -29.06 5.40
C ASN D 73 -19.76 -27.88 5.72
N GLU D 74 -19.96 -27.00 4.75
CA GLU D 74 -20.79 -25.82 4.97
C GLU D 74 -22.12 -26.12 5.64
N PRO D 75 -22.48 -25.41 6.72
CA PRO D 75 -23.73 -25.54 7.46
C PRO D 75 -24.80 -24.83 6.65
N PHE D 76 -25.19 -25.45 5.56
CA PHE D 76 -26.13 -24.83 4.64
C PHE D 76 -27.42 -24.60 5.33
N VAL D 77 -28.01 -23.43 5.14
CA VAL D 77 -29.27 -23.18 5.81
C VAL D 77 -30.46 -23.07 4.88
N PHE D 78 -31.52 -23.74 5.27
CA PHE D 78 -32.77 -23.63 4.56
C PHE D 78 -33.52 -22.50 5.24
N SER D 79 -33.61 -21.39 4.53
CA SER D 79 -34.17 -20.13 5.02
C SER D 79 -35.68 -20.01 5.07
N LEU D 80 -36.37 -20.69 4.16
CA LEU D 80 -37.82 -20.65 4.10
C LEU D 80 -38.38 -22.05 4.30
N GLY D 81 -39.60 -22.11 4.82
CA GLY D 81 -40.22 -23.38 5.15
C GLY D 81 -40.29 -24.38 4.03
N LYS D 82 -40.52 -23.89 2.83
CA LYS D 82 -40.64 -24.75 1.66
C LYS D 82 -39.43 -24.62 0.73
N GLY D 83 -38.36 -24.00 1.23
CA GLY D 83 -37.14 -23.82 0.47
C GLY D 83 -37.01 -22.47 -0.22
N GLN D 84 -35.77 -22.10 -0.59
CA GLN D 84 -35.57 -20.80 -1.26
C GLN D 84 -34.48 -20.70 -2.33
N VAL D 85 -33.27 -21.18 -2.04
CA VAL D 85 -32.12 -20.88 -2.90
C VAL D 85 -31.43 -22.01 -3.66
N ILE D 86 -31.80 -23.26 -3.43
CA ILE D 86 -31.21 -24.34 -4.20
C ILE D 86 -32.38 -25.10 -4.72
N LYS D 87 -32.70 -24.98 -5.99
CA LYS D 87 -33.92 -25.66 -6.41
C LYS D 87 -33.85 -27.15 -6.14
N ALA D 88 -32.67 -27.75 -6.32
CA ALA D 88 -32.42 -29.16 -6.05
C ALA D 88 -32.65 -29.54 -4.59
N TRP D 89 -32.41 -28.63 -3.66
CA TRP D 89 -32.62 -29.02 -2.29
C TRP D 89 -33.95 -28.57 -1.78
N ASP D 90 -34.63 -27.67 -2.48
CA ASP D 90 -35.91 -27.16 -2.02
C ASP D 90 -37.01 -28.14 -2.49
N ILE D 91 -36.78 -28.70 -3.67
CA ILE D 91 -37.64 -29.72 -4.27
C ILE D 91 -37.58 -30.97 -3.41
N GLY D 92 -36.43 -31.15 -2.76
CA GLY D 92 -35.54 -31.85 -1.85
C GLY D 92 -36.19 -31.85 -0.48
N VAL D 93 -36.40 -30.65 0.10
CA VAL D 93 -37.02 -30.50 1.44
C VAL D 93 -38.33 -31.20 1.49
N ALA D 94 -39.07 -31.13 0.41
CA ALA D 94 -40.37 -31.77 0.39
C ALA D 94 -40.33 -33.27 0.81
N THR D 95 -39.23 -34.00 0.53
CA THR D 95 -39.13 -35.40 0.88
C THR D 95 -38.10 -35.68 1.99
N MET D 96 -37.54 -34.63 2.61
CA MET D 96 -36.50 -34.77 3.64
C MET D 96 -36.96 -35.06 5.06
N LYS D 97 -36.24 -35.99 5.68
CA LYS D 97 -36.48 -36.44 7.05
C LYS D 97 -35.35 -36.05 7.98
N LYS D 98 -35.63 -35.93 9.27
CA LYS D 98 -34.54 -35.63 10.18
C LYS D 98 -33.69 -36.86 10.28
N GLY D 99 -32.39 -36.71 10.21
CA GLY D 99 -31.53 -37.87 10.36
C GLY D 99 -31.31 -38.54 9.03
N GLU D 100 -32.00 -38.11 7.99
CA GLU D 100 -31.82 -38.71 6.71
C GLU D 100 -30.52 -38.28 6.15
N ILE D 101 -29.84 -39.20 5.48
CA ILE D 101 -28.65 -38.81 4.81
C ILE D 101 -29.06 -38.88 3.35
N CYS D 102 -29.27 -37.70 2.78
CA CYS D 102 -29.80 -37.62 1.45
C CYS D 102 -28.78 -37.65 0.39
N HIS D 103 -29.18 -38.23 -0.71
CA HIS D 103 -28.49 -38.25 -1.95
C HIS D 103 -29.59 -38.06 -2.95
N LEU D 104 -29.91 -36.82 -3.24
CA LEU D 104 -30.98 -36.54 -4.16
C LEU D 104 -30.38 -35.86 -5.34
N LEU D 105 -30.50 -36.49 -6.48
CA LEU D 105 -29.91 -35.93 -7.67
C LEU D 105 -30.97 -35.30 -8.49
N CYS D 106 -30.85 -34.01 -8.66
CA CYS D 106 -31.91 -33.32 -9.33
C CYS D 106 -31.49 -32.94 -10.74
N LYS D 107 -32.36 -33.18 -11.69
CA LYS D 107 -32.06 -32.90 -13.08
C LYS D 107 -31.86 -31.37 -13.27
N PRO D 108 -31.30 -30.87 -14.40
CA PRO D 108 -30.92 -29.48 -14.67
C PRO D 108 -31.93 -28.38 -14.33
N GLU D 109 -33.23 -28.66 -14.36
CA GLU D 109 -34.22 -27.63 -14.04
C GLU D 109 -34.09 -27.18 -12.58
N TYR D 110 -33.41 -27.98 -11.76
CA TYR D 110 -33.20 -27.73 -10.34
C TYR D 110 -31.76 -27.35 -10.02
N ALA D 111 -30.95 -27.09 -11.05
CA ALA D 111 -29.54 -26.84 -10.83
C ALA D 111 -29.22 -25.36 -10.64
N TYR D 112 -28.78 -24.64 -11.66
CA TYR D 112 -28.42 -23.26 -11.35
C TYR D 112 -29.35 -22.24 -11.97
N GLY D 113 -30.44 -22.70 -12.53
CA GLY D 113 -31.44 -21.84 -13.13
C GLY D 113 -31.22 -21.58 -14.62
N SER D 114 -32.11 -20.79 -15.22
CA SER D 114 -32.07 -20.50 -16.67
C SER D 114 -30.83 -19.71 -17.13
N ALA D 115 -30.27 -18.92 -16.24
CA ALA D 115 -29.04 -18.16 -16.45
C ALA D 115 -27.88 -19.03 -16.06
N GLY D 116 -28.12 -19.78 -15.01
CA GLY D 116 -27.12 -20.61 -14.44
C GLY D 116 -26.23 -19.77 -13.55
N SER D 117 -25.09 -20.31 -13.15
CA SER D 117 -24.16 -19.59 -12.28
C SER D 117 -22.90 -19.36 -13.08
N LEU D 118 -23.08 -19.47 -14.38
CA LEU D 118 -22.09 -19.25 -15.38
C LEU D 118 -21.86 -17.75 -15.25
N PRO D 119 -20.65 -17.22 -15.36
CA PRO D 119 -19.35 -17.75 -15.79
C PRO D 119 -18.69 -18.92 -15.06
N LYS D 120 -19.05 -19.21 -13.81
CA LYS D 120 -18.36 -20.33 -13.17
C LYS D 120 -19.04 -21.66 -13.47
N ILE D 121 -20.35 -21.72 -13.31
CA ILE D 121 -21.00 -23.01 -13.46
C ILE D 121 -22.18 -23.01 -14.47
N PRO D 122 -22.12 -23.83 -15.54
CA PRO D 122 -23.14 -23.99 -16.55
C PRO D 122 -24.44 -24.38 -15.86
N SER D 123 -25.56 -23.97 -16.44
CA SER D 123 -26.87 -24.19 -15.82
C SER D 123 -27.24 -25.63 -15.55
N ASN D 124 -26.74 -26.55 -16.36
CA ASN D 124 -27.07 -27.95 -16.19
C ASN D 124 -26.04 -28.79 -15.48
N ALA D 125 -25.03 -28.17 -14.89
CA ALA D 125 -23.99 -28.93 -14.22
C ALA D 125 -24.42 -29.29 -12.81
N THR D 126 -25.43 -30.17 -12.73
CA THR D 126 -26.04 -30.51 -11.46
C THR D 126 -25.27 -31.50 -10.62
N LEU D 127 -25.70 -31.60 -9.37
CA LEU D 127 -25.10 -32.38 -8.28
C LEU D 127 -26.01 -33.11 -7.35
N PHE D 128 -25.41 -34.05 -6.64
CA PHE D 128 -26.09 -34.56 -5.47
C PHE D 128 -25.01 -34.64 -4.43
N PHE D 129 -25.43 -34.53 -3.19
CA PHE D 129 -24.52 -34.55 -2.08
C PHE D 129 -25.02 -35.51 -1.06
N GLU D 130 -24.11 -35.98 -0.21
CA GLU D 130 -24.41 -36.77 0.96
C GLU D 130 -24.74 -35.72 2.00
N ILE D 131 -26.03 -35.56 2.31
CA ILE D 131 -26.41 -34.47 3.18
C ILE D 131 -26.97 -34.99 4.48
N GLU D 132 -26.35 -34.62 5.60
CA GLU D 132 -26.82 -35.03 6.90
C GLU D 132 -27.79 -33.99 7.42
N LEU D 133 -29.05 -34.39 7.55
CA LEU D 133 -30.08 -33.43 7.88
C LEU D 133 -30.48 -33.21 9.32
N LEU D 134 -30.71 -31.93 9.60
CA LEU D 134 -31.18 -31.35 10.85
C LEU D 134 -32.68 -31.29 10.77
N ASP D 135 -33.34 -31.25 11.92
CA ASP D 135 -34.80 -31.25 11.98
C ASP D 135 -35.40 -30.13 11.15
N PHE D 136 -36.26 -30.52 10.21
CA PHE D 136 -36.91 -29.58 9.33
C PHE D 136 -38.29 -29.17 9.71
N LYS D 137 -38.80 -29.57 10.86
CA LYS D 137 -40.15 -29.11 11.12
C LYS D 137 -40.20 -27.79 11.83
N GLY D 138 -40.89 -26.85 11.22
CA GLY D 138 -41.11 -25.56 11.79
C GLY D 138 -40.35 -24.40 11.18
N GLU D 139 -41.13 -23.41 10.84
CA GLU D 139 -40.73 -22.17 10.23
C GLU D 139 -40.17 -21.27 11.33
N ASP D 140 -39.76 -20.06 10.98
CA ASP D 140 -39.09 -19.20 11.93
C ASP D 140 -40.04 -18.59 12.92
N LEU D 141 -39.45 -17.84 13.81
CA LEU D 141 -40.17 -17.15 14.83
C LEU D 141 -40.31 -15.68 14.53
N PHE D 142 -39.28 -14.91 14.89
CA PHE D 142 -39.35 -13.49 14.72
C PHE D 142 -38.01 -12.88 15.01
N GLU D 143 -37.69 -11.78 14.35
CA GLU D 143 -36.44 -11.10 14.64
C GLU D 143 -36.29 -10.63 16.09
N ASP D 144 -37.39 -10.22 16.70
CA ASP D 144 -37.37 -9.74 18.08
C ASP D 144 -37.76 -10.85 19.06
N GLY D 145 -38.03 -12.04 18.52
CA GLY D 145 -38.55 -13.14 19.31
C GLY D 145 -40.02 -12.80 19.62
N GLY D 146 -40.66 -13.60 20.45
CA GLY D 146 -42.04 -13.33 20.88
C GLY D 146 -43.12 -14.06 20.07
N ILE D 147 -42.77 -14.56 18.90
CA ILE D 147 -43.74 -15.28 18.09
C ILE D 147 -43.20 -16.43 17.34
N ILE D 148 -44.01 -17.46 17.29
CA ILE D 148 -43.75 -18.65 16.51
C ILE D 148 -44.70 -18.65 15.33
N ARG D 149 -44.16 -18.67 14.10
CA ARG D 149 -45.01 -18.63 12.92
C ARG D 149 -44.92 -19.90 12.10
N ARG D 150 -46.06 -20.47 11.71
CA ARG D 150 -46.04 -21.68 10.87
C ARG D 150 -46.94 -21.47 9.67
N THR D 151 -46.62 -21.94 8.47
CA THR D 151 -47.55 -21.62 7.39
C THR D 151 -48.15 -22.77 6.62
N LYS D 152 -49.34 -22.50 6.09
CA LYS D 152 -50.05 -23.44 5.25
C LYS D 152 -50.13 -22.94 3.82
N ARG D 153 -50.33 -21.64 3.66
CA ARG D 153 -50.49 -21.08 2.32
C ARG D 153 -49.81 -19.75 2.15
N LYS D 154 -49.05 -19.61 1.07
CA LYS D 154 -48.42 -18.33 0.75
C LYS D 154 -49.46 -17.40 0.19
N GLY D 155 -49.32 -16.11 0.48
CA GLY D 155 -50.24 -15.13 -0.06
C GLY D 155 -49.75 -14.61 -1.41
N GLU D 156 -50.24 -13.46 -1.84
CA GLU D 156 -49.92 -12.90 -3.15
C GLU D 156 -48.42 -12.77 -3.42
N GLY D 157 -47.70 -12.30 -2.42
CA GLY D 157 -46.26 -12.11 -2.53
C GLY D 157 -45.85 -10.71 -2.97
N TYR D 158 -46.80 -9.93 -3.46
CA TYR D 158 -46.55 -8.58 -3.91
C TYR D 158 -47.24 -7.56 -3.04
N SER D 159 -47.91 -8.04 -2.01
CA SER D 159 -48.68 -7.13 -1.21
C SER D 159 -48.84 -7.55 0.23
N ASN D 160 -48.58 -6.61 1.10
CA ASN D 160 -48.69 -6.80 2.53
C ASN D 160 -49.30 -5.54 3.12
N PRO D 161 -49.96 -5.61 4.27
CA PRO D 161 -50.44 -4.51 5.03
C PRO D 161 -49.29 -3.72 5.53
N ASN D 162 -49.52 -2.45 5.72
CA ASN D 162 -48.54 -1.59 6.30
C ASN D 162 -49.32 -0.77 7.29
N GLU D 163 -48.73 -0.38 8.40
CA GLU D 163 -49.51 0.40 9.34
C GLU D 163 -50.16 1.61 8.69
N GLY D 164 -51.44 1.75 8.95
CA GLY D 164 -52.27 2.81 8.41
C GLY D 164 -53.37 2.16 7.60
N ALA D 165 -53.13 0.91 7.21
CA ALA D 165 -54.12 0.15 6.49
C ALA D 165 -54.93 -0.71 7.42
N THR D 166 -56.22 -0.77 7.15
CA THR D 166 -57.14 -1.67 7.79
C THR D 166 -56.95 -3.00 7.10
N VAL D 167 -56.97 -4.08 7.86
CA VAL D 167 -56.86 -5.37 7.25
C VAL D 167 -58.01 -6.25 7.69
N GLU D 168 -58.34 -7.23 6.90
CA GLU D 168 -59.35 -8.20 7.25
C GLU D 168 -58.68 -9.50 7.56
N ILE D 169 -58.81 -9.92 8.80
CA ILE D 169 -58.14 -11.09 9.25
C ILE D 169 -59.13 -12.14 9.72
N HIS D 170 -59.01 -13.36 9.23
CA HIS D 170 -59.84 -14.45 9.71
C HIS D 170 -59.23 -15.04 10.94
N LEU D 171 -60.01 -15.18 11.98
CA LEU D 171 -59.48 -15.78 13.19
C LEU D 171 -60.30 -17.01 13.56
N GLU D 172 -59.63 -18.12 13.88
CA GLU D 172 -60.35 -19.35 14.24
C GLU D 172 -61.27 -19.33 15.46
N GLY D 173 -60.96 -18.47 16.43
CA GLY D 173 -61.71 -18.39 17.68
C GLY D 173 -60.92 -19.04 18.80
N ARG D 174 -59.98 -19.86 18.37
CA ARG D 174 -59.09 -20.65 19.20
C ARG D 174 -57.90 -19.84 19.58
N CYS D 175 -57.23 -20.27 20.64
CA CYS D 175 -56.01 -19.68 21.14
C CYS D 175 -55.28 -20.44 22.24
N GLY D 176 -54.30 -21.26 21.88
CA GLY D 176 -53.54 -22.01 22.88
C GLY D 176 -54.31 -23.19 23.45
N GLY D 177 -55.27 -23.71 22.69
CA GLY D 177 -56.11 -24.81 23.16
C GLY D 177 -57.31 -24.27 23.94
N ARG D 178 -57.42 -22.96 23.97
CA ARG D 178 -58.45 -22.23 24.68
C ARG D 178 -59.08 -21.21 23.76
N MET D 179 -60.21 -20.64 24.17
CA MET D 179 -60.90 -19.65 23.35
C MET D 179 -60.77 -18.23 23.93
N PHE D 180 -60.84 -17.21 23.06
CA PHE D 180 -60.91 -15.80 23.51
C PHE D 180 -61.76 -15.07 22.50
N ASP D 181 -61.93 -13.74 22.64
CA ASP D 181 -62.73 -12.99 21.68
C ASP D 181 -61.90 -12.79 20.40
N CYS D 182 -61.78 -13.90 19.71
CA CYS D 182 -61.01 -14.15 18.53
C CYS D 182 -62.02 -14.33 17.43
N ARG D 183 -62.09 -13.37 16.55
CA ARG D 183 -63.11 -13.33 15.53
C ARG D 183 -62.59 -12.69 14.29
N ASP D 184 -63.23 -12.95 13.16
CA ASP D 184 -62.78 -12.27 11.99
C ASP D 184 -62.86 -10.79 12.27
N VAL D 185 -61.77 -10.08 12.02
CA VAL D 185 -61.74 -8.67 12.34
C VAL D 185 -61.21 -7.75 11.25
N ALA D 186 -61.90 -6.64 11.02
CA ALA D 186 -61.41 -5.61 10.08
C ALA D 186 -60.49 -4.68 10.85
N PHE D 187 -59.37 -5.26 11.22
CA PHE D 187 -58.36 -4.75 12.12
C PHE D 187 -57.53 -3.56 11.68
N THR D 188 -57.36 -2.62 12.59
CA THR D 188 -56.45 -1.53 12.39
C THR D 188 -55.45 -1.66 13.52
N VAL D 189 -54.28 -1.06 13.41
CA VAL D 189 -53.27 -1.27 14.44
C VAL D 189 -53.66 -0.90 15.86
N GLY D 190 -54.41 0.16 16.08
CA GLY D 190 -54.75 0.53 17.46
C GLY D 190 -55.49 -0.60 18.25
N GLU D 191 -56.08 -1.54 17.51
CA GLU D 191 -56.86 -2.68 18.01
C GLU D 191 -56.03 -3.71 18.75
N GLY D 192 -54.72 -3.66 18.56
CA GLY D 192 -53.84 -4.56 19.28
C GLY D 192 -54.11 -4.33 20.77
N GLU D 193 -54.43 -3.10 21.17
CA GLU D 193 -54.76 -2.93 22.57
C GLU D 193 -56.26 -2.62 22.71
N ASP D 194 -56.85 -1.87 21.76
CA ASP D 194 -58.25 -1.48 21.91
C ASP D 194 -59.26 -2.62 21.88
N HIS D 195 -58.98 -3.67 21.12
CA HIS D 195 -59.89 -4.78 20.99
C HIS D 195 -59.30 -6.04 21.56
N ASP D 196 -58.28 -5.88 22.40
CA ASP D 196 -57.64 -6.99 23.04
C ASP D 196 -57.17 -8.05 22.05
N ILE D 197 -56.66 -7.62 20.91
CA ILE D 197 -56.17 -8.57 19.94
C ILE D 197 -54.70 -8.70 20.25
N PRO D 198 -54.12 -9.89 20.39
CA PRO D 198 -52.74 -10.03 20.82
C PRO D 198 -51.92 -9.00 20.07
N ILE D 199 -51.21 -8.20 20.85
CA ILE D 199 -50.49 -7.01 20.42
C ILE D 199 -49.39 -7.15 19.41
N GLY D 200 -48.73 -8.26 19.36
CA GLY D 200 -47.67 -8.44 18.41
C GLY D 200 -48.21 -8.69 17.00
N ILE D 201 -49.53 -8.83 16.89
CA ILE D 201 -50.18 -9.02 15.62
C ILE D 201 -49.94 -7.75 14.83
N ASP D 202 -49.75 -6.63 15.55
CA ASP D 202 -49.57 -5.34 14.94
C ASP D 202 -48.40 -5.36 13.97
N LYS D 203 -47.36 -6.17 14.23
CA LYS D 203 -46.25 -6.21 13.30
C LYS D 203 -46.26 -7.49 12.48
N ALA D 204 -46.83 -8.58 13.01
CA ALA D 204 -46.82 -9.85 12.29
C ALA D 204 -47.55 -9.71 10.95
N LEU D 205 -48.58 -8.88 10.97
CA LEU D 205 -49.40 -8.63 9.81
C LEU D 205 -48.67 -7.92 8.70
N GLU D 206 -47.58 -7.21 9.01
CA GLU D 206 -46.90 -6.50 7.96
C GLU D 206 -46.01 -7.42 7.14
N LYS D 207 -45.76 -8.63 7.64
CA LYS D 207 -44.93 -9.53 6.87
C LYS D 207 -45.83 -10.48 6.12
N MET D 208 -47.05 -10.67 6.64
CA MET D 208 -47.99 -11.55 5.99
C MET D 208 -48.44 -10.94 4.68
N GLN D 209 -48.63 -11.79 3.70
CA GLN D 209 -49.07 -11.39 2.39
C GLN D 209 -50.55 -11.62 2.27
N ARG D 210 -51.20 -10.92 1.37
CA ARG D 210 -52.63 -11.15 1.24
C ARG D 210 -52.90 -12.60 0.88
N GLU D 211 -53.87 -13.20 1.57
CA GLU D 211 -54.31 -14.61 1.49
C GLU D 211 -53.32 -15.58 2.14
N GLU D 212 -52.37 -15.07 2.91
CA GLU D 212 -51.48 -15.94 3.64
C GLU D 212 -52.14 -16.57 4.86
N GLN D 213 -51.96 -17.88 4.98
CA GLN D 213 -52.48 -18.67 6.10
C GLN D 213 -51.35 -19.05 7.00
N CYS D 214 -51.38 -18.54 8.23
CA CYS D 214 -50.29 -18.77 9.15
C CYS D 214 -50.77 -18.98 10.58
N ILE D 215 -50.11 -19.88 11.29
CA ILE D 215 -50.44 -20.12 12.67
C ILE D 215 -49.57 -19.20 13.46
N LEU D 216 -50.18 -18.37 14.27
CA LEU D 216 -49.42 -17.39 15.01
C LEU D 216 -49.53 -17.56 16.50
N TYR D 217 -48.39 -17.79 17.14
CA TYR D 217 -48.22 -17.91 18.58
C TYR D 217 -47.81 -16.60 19.17
N LEU D 218 -48.62 -15.98 20.00
CA LEU D 218 -48.13 -14.71 20.53
C LEU D 218 -47.70 -14.93 21.99
N GLY D 219 -46.37 -14.85 22.20
CA GLY D 219 -45.65 -15.14 23.43
C GLY D 219 -45.91 -14.18 24.58
N PRO D 220 -45.20 -14.27 25.72
CA PRO D 220 -45.40 -13.49 26.93
C PRO D 220 -45.53 -11.98 26.76
N ARG D 221 -44.73 -11.42 25.84
CA ARG D 221 -44.69 -9.98 25.59
C ARG D 221 -45.20 -9.61 24.21
N TYR D 222 -45.76 -10.58 23.53
CA TYR D 222 -46.17 -10.40 22.17
C TYR D 222 -47.68 -10.60 22.24
N GLY D 223 -48.03 -11.35 23.26
CA GLY D 223 -49.37 -11.73 23.63
C GLY D 223 -49.74 -10.98 24.91
N PHE D 224 -50.52 -11.60 25.79
CA PHE D 224 -50.96 -10.94 27.00
C PHE D 224 -50.54 -11.70 28.25
N GLY D 225 -49.48 -12.47 28.10
CA GLY D 225 -48.93 -13.32 29.15
C GLY D 225 -48.47 -12.54 30.34
N GLU D 226 -47.59 -11.58 30.08
CA GLU D 226 -47.05 -10.71 31.11
C GLU D 226 -48.15 -9.85 31.68
N ALA D 227 -49.07 -9.43 30.81
CA ALA D 227 -50.20 -8.62 31.21
C ALA D 227 -51.16 -9.43 32.10
N GLY D 228 -51.28 -10.73 31.82
CA GLY D 228 -52.17 -11.59 32.56
C GLY D 228 -53.61 -11.24 32.24
N LYS D 229 -53.90 -10.87 30.99
CA LYS D 229 -55.27 -10.44 30.74
C LYS D 229 -56.33 -11.52 30.96
N PRO D 230 -57.28 -11.30 31.93
CA PRO D 230 -58.34 -12.21 32.34
C PRO D 230 -59.39 -12.32 31.26
N LYS D 231 -59.33 -11.37 30.33
CA LYS D 231 -60.25 -11.31 29.22
C LYS D 231 -60.03 -12.51 28.36
N PHE D 232 -58.79 -12.94 28.27
CA PHE D 232 -58.48 -14.13 27.54
C PHE D 232 -58.80 -15.21 28.53
N GLY D 233 -58.19 -15.10 29.71
CA GLY D 233 -58.47 -16.08 30.74
C GLY D 233 -57.90 -17.43 30.35
N ILE D 234 -56.81 -17.40 29.61
CA ILE D 234 -56.18 -18.59 29.08
C ILE D 234 -54.96 -18.93 29.90
N GLU D 235 -54.88 -20.14 30.46
CA GLU D 235 -53.72 -20.43 31.26
C GLU D 235 -52.46 -20.05 30.46
N PRO D 236 -52.30 -20.47 29.18
CA PRO D 236 -51.27 -20.00 28.32
C PRO D 236 -51.57 -18.62 27.72
N ASN D 237 -51.65 -17.59 28.59
CA ASN D 237 -51.91 -16.19 28.13
C ASN D 237 -50.69 -15.70 27.38
N ALA D 238 -49.59 -16.40 27.66
CA ALA D 238 -48.25 -16.23 27.13
C ALA D 238 -47.98 -17.11 25.92
N GLU D 239 -48.95 -17.91 25.48
CA GLU D 239 -48.74 -18.79 24.34
C GLU D 239 -50.01 -18.77 23.51
N LEU D 240 -50.32 -17.61 22.96
CA LEU D 240 -51.60 -17.43 22.31
C LEU D 240 -51.54 -17.89 20.88
N ILE D 241 -51.57 -19.20 20.68
CA ILE D 241 -51.42 -19.79 19.33
C ILE D 241 -52.68 -20.32 18.65
N TYR D 242 -52.92 -19.79 17.44
CA TYR D 242 -54.08 -20.13 16.61
C TYR D 242 -53.92 -19.76 15.14
N GLU D 243 -54.79 -20.27 14.26
CA GLU D 243 -54.68 -19.83 12.86
C GLU D 243 -55.29 -18.47 12.61
N VAL D 244 -54.49 -17.71 11.88
CA VAL D 244 -54.79 -16.38 11.41
C VAL D 244 -54.62 -16.33 9.88
N THR D 245 -55.63 -15.86 9.17
CA THR D 245 -55.48 -15.74 7.71
C THR D 245 -55.67 -14.30 7.33
N LEU D 246 -54.77 -13.78 6.53
CA LEU D 246 -54.95 -12.42 6.11
C LEU D 246 -55.72 -12.50 4.83
N LYS D 247 -56.93 -11.99 4.82
CA LYS D 247 -57.76 -12.21 3.64
C LYS D 247 -57.78 -11.01 2.73
N SER D 248 -57.72 -9.83 3.31
CA SER D 248 -57.79 -8.63 2.49
C SER D 248 -57.22 -7.50 3.26
N PHE D 249 -56.96 -6.41 2.58
CA PHE D 249 -56.52 -5.19 3.22
C PHE D 249 -56.54 -4.02 2.29
N GLU D 250 -56.49 -2.84 2.86
CA GLU D 250 -56.36 -1.65 2.04
C GLU D 250 -54.91 -1.26 2.02
N LYS D 251 -54.61 -0.23 1.27
CA LYS D 251 -53.24 0.22 1.20
C LYS D 251 -53.00 1.42 2.07
N ALA D 252 -51.99 1.33 2.92
CA ALA D 252 -51.63 2.46 3.73
C ALA D 252 -51.02 3.48 2.80
N LYS D 253 -51.28 4.74 3.02
CA LYS D 253 -50.59 5.69 2.18
C LYS D 253 -49.25 5.92 2.83
N GLU D 254 -48.19 5.82 2.06
CA GLU D 254 -46.85 5.95 2.61
C GLU D 254 -46.47 7.38 2.83
N SER D 255 -45.49 7.61 3.68
CA SER D 255 -45.09 8.97 4.00
C SER D 255 -44.56 9.76 2.81
N TRP D 256 -44.11 9.05 1.78
CA TRP D 256 -43.63 9.69 0.55
C TRP D 256 -44.74 9.78 -0.49
N GLU D 257 -45.90 9.22 -0.17
CA GLU D 257 -47.10 9.24 -1.01
C GLU D 257 -48.10 10.28 -0.47
N MET D 258 -48.05 10.51 0.84
CA MET D 258 -48.91 11.46 1.54
C MET D 258 -48.45 12.86 1.21
N ASP D 259 -49.39 13.79 1.16
CA ASP D 259 -49.04 15.15 0.85
C ASP D 259 -48.51 15.87 2.07
N THR D 260 -48.13 17.12 1.89
CA THR D 260 -47.54 17.89 2.97
C THR D 260 -48.59 18.27 4.00
N LYS D 261 -49.78 18.57 3.54
CA LYS D 261 -50.79 18.95 4.48
C LYS D 261 -51.41 17.71 5.04
N GLU D 262 -51.43 16.65 4.24
CA GLU D 262 -52.02 15.40 4.65
C GLU D 262 -51.27 14.85 5.84
N LYS D 263 -49.95 14.93 5.79
CA LYS D 263 -49.14 14.49 6.91
C LYS D 263 -49.35 15.37 8.13
N LEU D 264 -49.51 16.69 7.97
CA LEU D 264 -49.76 17.51 9.14
C LEU D 264 -51.13 17.18 9.75
N GLU D 265 -52.12 16.93 8.89
CA GLU D 265 -53.46 16.60 9.38
C GLU D 265 -53.45 15.29 10.12
N GLN D 266 -52.75 14.29 9.58
CA GLN D 266 -52.71 13.03 10.26
C GLN D 266 -51.91 13.16 11.51
N ALA D 267 -50.88 13.99 11.54
CA ALA D 267 -50.14 14.11 12.78
C ALA D 267 -51.07 14.61 13.87
N ALA D 268 -51.95 15.55 13.56
CA ALA D 268 -52.89 16.02 14.57
C ALA D 268 -53.84 14.91 15.06
N ILE D 269 -54.30 14.08 14.13
CA ILE D 269 -55.26 13.00 14.43
C ILE D 269 -54.65 11.91 15.26
N VAL D 270 -53.49 11.50 14.83
CA VAL D 270 -52.72 10.46 15.42
C VAL D 270 -52.27 10.92 16.78
N LYS D 271 -51.91 12.20 16.92
CA LYS D 271 -51.49 12.75 18.18
C LYS D 271 -52.58 12.60 19.19
N GLU D 272 -53.82 12.86 18.81
CA GLU D 272 -54.88 12.67 19.76
C GLU D 272 -55.04 11.21 20.12
N LYS D 273 -54.89 10.32 19.13
CA LYS D 273 -55.03 8.90 19.45
C LYS D 273 -53.94 8.48 20.41
N GLY D 274 -52.72 8.97 20.18
CA GLY D 274 -51.57 8.65 20.97
C GLY D 274 -51.74 9.13 22.39
N THR D 275 -52.32 10.31 22.54
CA THR D 275 -52.58 10.88 23.84
C THR D 275 -53.53 10.01 24.60
N VAL D 276 -54.57 9.54 23.93
CA VAL D 276 -55.53 8.68 24.57
C VAL D 276 -54.91 7.37 24.97
N TYR D 277 -54.12 6.79 24.09
CA TYR D 277 -53.51 5.54 24.41
C TYR D 277 -52.60 5.69 25.60
N PHE D 278 -51.87 6.79 25.65
CA PHE D 278 -50.96 7.03 26.74
C PHE D 278 -51.72 7.05 28.03
N LYS D 279 -52.79 7.84 28.05
CA LYS D 279 -53.58 8.00 29.25
C LYS D 279 -54.26 6.71 29.68
N GLY D 280 -54.62 5.89 28.69
CA GLY D 280 -55.29 4.64 28.93
C GLY D 280 -54.35 3.53 29.40
N GLY D 281 -53.05 3.82 29.46
CA GLY D 281 -52.04 2.85 29.88
C GLY D 281 -51.55 2.02 28.72
N LYS D 282 -52.07 2.34 27.54
CA LYS D 282 -51.75 1.65 26.32
C LYS D 282 -50.53 2.31 25.75
N TYR D 283 -49.41 2.13 26.42
CA TYR D 283 -48.22 2.84 26.02
C TYR D 283 -47.68 2.28 24.76
N MET D 284 -47.89 1.00 24.52
CA MET D 284 -47.39 0.46 23.28
C MET D 284 -48.09 1.17 22.14
N GLN D 285 -49.42 1.28 22.20
CA GLN D 285 -50.09 1.97 21.12
C GLN D 285 -49.77 3.42 21.09
N ALA D 286 -49.52 4.03 22.24
CA ALA D 286 -49.19 5.44 22.21
C ALA D 286 -47.92 5.61 21.43
N VAL D 287 -46.97 4.70 21.65
CA VAL D 287 -45.71 4.74 20.93
C VAL D 287 -45.92 4.57 19.47
N ILE D 288 -46.79 3.66 19.10
CA ILE D 288 -47.05 3.44 17.70
C ILE D 288 -47.61 4.68 17.04
N GLN D 289 -48.57 5.33 17.68
CA GLN D 289 -49.14 6.51 17.07
C GLN D 289 -48.11 7.61 17.00
N TYR D 290 -47.30 7.74 18.04
CA TYR D 290 -46.34 8.79 18.04
C TYR D 290 -45.22 8.48 17.09
N GLY D 291 -44.98 7.21 16.87
CA GLY D 291 -43.98 6.75 15.93
C GLY D 291 -44.35 7.25 14.54
N LYS D 292 -45.61 7.05 14.14
CA LYS D 292 -46.05 7.54 12.84
C LYS D 292 -45.88 9.04 12.75
N ILE D 293 -46.19 9.73 13.84
CA ILE D 293 -46.09 11.17 13.82
C ILE D 293 -44.69 11.61 13.59
N VAL D 294 -43.76 11.04 14.31
CA VAL D 294 -42.41 11.45 14.14
C VAL D 294 -41.87 11.13 12.77
N SER D 295 -42.10 9.92 12.25
CA SER D 295 -41.48 9.60 10.97
C SER D 295 -42.00 10.50 9.86
N TRP D 296 -43.24 10.96 9.97
CA TRP D 296 -43.77 11.86 8.98
C TRP D 296 -43.11 13.23 9.11
N LEU D 297 -43.03 13.71 10.34
CA LEU D 297 -42.54 15.05 10.64
C LEU D 297 -41.08 15.26 10.40
N GLU D 298 -40.31 14.19 10.48
CA GLU D 298 -38.89 14.22 10.22
C GLU D 298 -38.57 14.48 8.74
N MET D 299 -39.52 14.25 7.86
CA MET D 299 -39.33 14.39 6.43
C MET D 299 -39.43 15.83 6.00
N GLU D 300 -38.81 16.17 4.88
CA GLU D 300 -39.01 17.49 4.31
C GLU D 300 -40.44 17.65 3.80
N TYR D 301 -41.09 18.74 4.22
CA TYR D 301 -42.46 19.07 3.81
C TYR D 301 -42.61 20.21 2.78
N GLY D 302 -41.60 21.07 2.59
CA GLY D 302 -41.79 22.20 1.69
C GLY D 302 -42.68 23.29 2.28
N LEU D 303 -42.68 23.41 3.61
CA LEU D 303 -43.51 24.37 4.33
C LEU D 303 -42.82 25.69 4.53
N SER D 304 -43.61 26.73 4.71
CA SER D 304 -43.09 28.05 5.01
C SER D 304 -42.59 28.01 6.41
N GLU D 305 -41.89 29.03 6.84
CA GLU D 305 -41.35 29.01 8.17
C GLU D 305 -42.42 28.94 9.25
N LYS D 306 -43.54 29.64 9.10
CA LYS D 306 -44.54 29.52 10.16
C LYS D 306 -45.25 28.17 10.08
N GLU D 307 -45.41 27.64 8.87
CA GLU D 307 -46.09 26.35 8.69
C GLU D 307 -45.25 25.20 9.26
N SER D 308 -43.94 25.37 9.20
CA SER D 308 -43.01 24.38 9.69
C SER D 308 -43.15 24.22 11.19
N LYS D 309 -43.81 25.19 11.87
CA LYS D 309 -43.97 25.09 13.29
C LYS D 309 -45.09 24.14 13.62
N ALA D 310 -46.03 23.89 12.69
CA ALA D 310 -47.05 22.91 13.00
C ALA D 310 -46.33 21.60 13.07
N SER D 311 -45.38 21.43 12.15
CA SER D 311 -44.62 20.21 12.11
C SER D 311 -43.78 20.06 13.38
N GLU D 312 -43.08 21.13 13.79
CA GLU D 312 -42.25 21.06 14.98
C GLU D 312 -43.06 20.82 16.24
N SER D 313 -44.25 21.41 16.33
CA SER D 313 -45.09 21.23 17.50
C SER D 313 -45.49 19.78 17.64
N PHE D 314 -45.92 19.17 16.53
CA PHE D 314 -46.35 17.79 16.56
C PHE D 314 -45.16 16.89 16.90
N LEU D 315 -44.00 17.24 16.35
CA LEU D 315 -42.79 16.46 16.48
C LEU D 315 -42.25 16.50 17.89
N LEU D 316 -42.22 17.67 18.49
CA LEU D 316 -41.69 17.81 19.82
C LEU D 316 -42.59 17.13 20.80
N ALA D 317 -43.90 17.30 20.61
CA ALA D 317 -44.82 16.66 21.51
C ALA D 317 -44.67 15.17 21.42
N ALA D 318 -44.49 14.65 20.20
CA ALA D 318 -44.34 13.24 20.07
C ALA D 318 -43.10 12.75 20.75
N PHE D 319 -41.99 13.49 20.65
CA PHE D 319 -40.78 13.02 21.29
C PHE D 319 -40.96 12.95 22.77
N LEU D 320 -41.59 13.96 23.34
CA LEU D 320 -41.74 13.98 24.75
C LEU D 320 -42.74 12.92 25.25
N ASN D 321 -43.79 12.65 24.47
CA ASN D 321 -44.76 11.65 24.88
C ASN D 321 -44.09 10.30 24.80
N LEU D 322 -43.28 10.12 23.77
CA LEU D 322 -42.58 8.90 23.58
C LEU D 322 -41.62 8.72 24.70
N ALA D 323 -40.96 9.80 25.12
CA ALA D 323 -40.04 9.63 26.20
C ALA D 323 -40.77 9.08 27.40
N MET D 324 -41.96 9.58 27.69
CA MET D 324 -42.66 9.02 28.84
C MET D 324 -43.15 7.61 28.62
N CYS D 325 -43.54 7.29 27.41
CA CYS D 325 -44.03 5.96 27.15
C CYS D 325 -42.92 5.01 27.41
N TYR D 326 -41.73 5.38 26.94
CA TYR D 326 -40.57 4.58 27.10
C TYR D 326 -40.10 4.60 28.52
N LEU D 327 -40.31 5.67 29.25
CA LEU D 327 -39.89 5.61 30.65
C LEU D 327 -40.69 4.51 31.33
N LYS D 328 -41.94 4.29 30.92
CA LYS D 328 -42.71 3.24 31.54
C LYS D 328 -42.50 1.86 30.89
N LEU D 329 -42.27 1.82 29.59
CA LEU D 329 -42.12 0.58 28.84
C LEU D 329 -40.73 -0.02 28.83
N ARG D 330 -39.72 0.82 28.88
CA ARG D 330 -38.33 0.41 28.75
C ARG D 330 -37.48 1.08 29.80
N GLU D 331 -36.45 0.41 30.20
CA GLU D 331 -35.62 0.98 31.24
C GLU D 331 -34.63 1.99 30.76
N TYR D 332 -35.13 3.17 30.47
CA TYR D 332 -34.36 4.35 30.11
C TYR D 332 -33.50 4.15 28.90
N THR D 333 -34.08 3.58 27.87
CA THR D 333 -33.33 3.34 26.66
C THR D 333 -33.76 4.33 25.61
N LYS D 334 -34.83 3.99 24.92
CA LYS D 334 -35.41 4.84 23.90
C LYS D 334 -35.90 6.13 24.51
N ALA D 335 -36.20 6.11 25.81
CA ALA D 335 -36.64 7.32 26.49
C ALA D 335 -35.55 8.37 26.45
N VAL D 336 -34.29 7.94 26.51
CA VAL D 336 -33.18 8.84 26.51
C VAL D 336 -33.08 9.41 25.15
N GLU D 337 -33.19 8.55 24.16
CA GLU D 337 -33.08 9.00 22.79
C GLU D 337 -34.16 10.01 22.49
N CYS D 338 -35.35 9.76 22.98
CA CYS D 338 -36.46 10.64 22.72
C CYS D 338 -36.21 11.97 23.34
N CYS D 339 -35.68 11.98 24.55
CA CYS D 339 -35.42 13.24 25.18
C CYS D 339 -34.34 13.97 24.41
N ASP D 340 -33.32 13.25 23.93
CA ASP D 340 -32.24 13.89 23.21
C ASP D 340 -32.78 14.55 21.94
N LYS D 341 -33.73 13.90 21.30
CA LYS D 341 -34.34 14.42 20.09
C LYS D 341 -35.19 15.63 20.42
N ALA D 342 -35.91 15.58 21.53
CA ALA D 342 -36.74 16.67 21.99
C ALA D 342 -35.90 17.89 22.30
N LEU D 343 -34.73 17.64 22.85
CA LEU D 343 -33.82 18.71 23.24
C LEU D 343 -33.05 19.23 22.05
N GLY D 344 -32.78 18.37 21.07
CA GLY D 344 -32.12 18.83 19.87
C GLY D 344 -33.05 19.84 19.20
N LEU D 345 -34.35 19.53 19.23
CA LEU D 345 -35.40 20.39 18.68
C LEU D 345 -35.66 21.63 19.57
N ASP D 346 -35.69 21.45 20.89
CA ASP D 346 -35.90 22.55 21.83
C ASP D 346 -35.06 22.34 23.08
N SER D 347 -33.93 23.03 23.13
CA SER D 347 -32.94 22.87 24.17
C SER D 347 -33.39 23.38 25.52
N ALA D 348 -34.48 24.16 25.54
CA ALA D 348 -35.00 24.72 26.77
C ALA D 348 -36.30 24.02 27.16
N ASN D 349 -36.61 22.90 26.53
CA ASN D 349 -37.86 22.31 26.94
C ASN D 349 -37.58 21.52 28.20
N GLU D 350 -37.98 22.10 29.31
CA GLU D 350 -37.74 21.58 30.64
C GLU D 350 -38.29 20.18 30.81
N LYS D 351 -39.27 19.80 30.01
CA LYS D 351 -39.84 18.48 30.15
C LYS D 351 -38.83 17.45 29.72
N GLY D 352 -38.10 17.75 28.65
CA GLY D 352 -37.12 16.84 28.09
C GLY D 352 -35.89 16.84 28.96
N LEU D 353 -35.56 18.01 29.51
CA LEU D 353 -34.38 18.09 30.33
C LEU D 353 -34.61 17.27 31.55
N TYR D 354 -35.80 17.39 32.12
CA TYR D 354 -36.12 16.68 33.31
C TYR D 354 -36.19 15.20 33.08
N ARG D 355 -36.94 14.80 32.06
CA ARG D 355 -37.16 13.40 31.79
C ARG D 355 -35.87 12.71 31.42
N ARG D 356 -34.98 13.40 30.72
CA ARG D 356 -33.74 12.75 30.39
C ARG D 356 -32.97 12.61 31.67
N GLY D 357 -33.00 13.63 32.54
CA GLY D 357 -32.27 13.55 33.78
C GLY D 357 -32.75 12.38 34.60
N GLU D 358 -34.06 12.11 34.59
CA GLU D 358 -34.50 10.94 35.32
C GLU D 358 -34.02 9.70 34.67
N ALA D 359 -34.02 9.65 33.35
CA ALA D 359 -33.55 8.45 32.72
C ALA D 359 -32.12 8.21 33.16
N GLN D 360 -31.33 9.26 33.29
CA GLN D 360 -29.96 9.06 33.69
C GLN D 360 -29.87 8.61 35.14
N LEU D 361 -30.66 9.19 36.02
CA LEU D 361 -30.57 8.81 37.42
C LEU D 361 -31.00 7.40 37.61
N LEU D 362 -31.98 7.00 36.86
CA LEU D 362 -32.57 5.71 36.98
C LEU D 362 -31.71 4.63 36.36
N MET D 363 -30.60 5.01 35.73
CA MET D 363 -29.61 4.11 35.18
C MET D 363 -28.36 4.17 36.02
N ASN D 364 -28.45 4.81 37.18
CA ASN D 364 -27.35 5.08 38.10
C ASN D 364 -26.24 5.90 37.47
N GLU D 365 -26.60 6.87 36.65
CA GLU D 365 -25.65 7.76 36.05
C GLU D 365 -25.84 9.06 36.79
N PHE D 366 -25.09 9.22 37.85
CA PHE D 366 -25.39 10.31 38.75
C PHE D 366 -24.91 11.63 38.22
N GLU D 367 -23.80 11.61 37.54
CA GLU D 367 -23.21 12.84 37.08
C GLU D 367 -24.02 13.46 35.97
N SER D 368 -24.50 12.64 35.05
CA SER D 368 -25.27 13.14 33.96
C SER D 368 -26.66 13.49 34.44
N ALA D 369 -27.17 12.79 35.43
CA ALA D 369 -28.46 13.12 35.93
C ALA D 369 -28.43 14.48 36.57
N LYS D 370 -27.39 14.74 37.36
CA LYS D 370 -27.29 16.03 38.01
C LYS D 370 -27.17 17.11 36.99
N GLY D 371 -26.38 16.90 35.93
CA GLY D 371 -26.24 17.94 34.93
C GLY D 371 -27.57 18.28 34.29
N ASP D 372 -28.38 17.27 33.98
CA ASP D 372 -29.66 17.56 33.38
C ASP D 372 -30.61 18.26 34.30
N PHE D 373 -30.59 17.93 35.58
CA PHE D 373 -31.51 18.59 36.47
C PHE D 373 -31.07 20.03 36.69
N GLU D 374 -29.76 20.26 36.65
CA GLU D 374 -29.26 21.60 36.80
C GLU D 374 -29.75 22.43 35.62
N LYS D 375 -29.77 21.83 34.41
CA LYS D 375 -30.28 22.53 33.24
C LYS D 375 -31.78 22.82 33.37
N VAL D 376 -32.53 21.90 33.98
CA VAL D 376 -33.97 22.11 34.13
C VAL D 376 -34.19 23.38 34.91
N LEU D 377 -33.38 23.58 35.94
CA LEU D 377 -33.47 24.73 36.80
C LEU D 377 -32.91 26.03 36.21
N GLU D 378 -32.23 25.97 35.07
CA GLU D 378 -31.77 27.22 34.49
C GLU D 378 -32.95 27.75 33.71
N VAL D 379 -33.67 26.81 33.10
CA VAL D 379 -34.87 27.08 32.33
C VAL D 379 -36.00 27.49 33.26
N ASN D 380 -36.15 26.74 34.35
CA ASN D 380 -37.16 27.00 35.33
C ASN D 380 -36.65 26.79 36.74
N PRO D 381 -36.07 27.81 37.38
CA PRO D 381 -35.49 27.78 38.71
C PRO D 381 -36.47 27.35 39.80
N GLN D 382 -37.77 27.42 39.50
CA GLN D 382 -38.76 27.06 40.49
C GLN D 382 -39.22 25.64 40.34
N ASN D 383 -38.64 24.92 39.39
CA ASN D 383 -39.10 23.57 39.23
C ASN D 383 -38.38 22.69 40.21
N LYS D 384 -38.99 22.63 41.37
CA LYS D 384 -38.49 21.94 42.52
C LYS D 384 -38.33 20.45 42.25
N ALA D 385 -38.95 19.91 41.19
CA ALA D 385 -38.78 18.50 40.91
C ALA D 385 -37.33 18.24 40.61
N ALA D 386 -36.68 19.18 39.93
CA ALA D 386 -35.29 19.02 39.56
C ALA D 386 -34.45 19.22 40.79
N ARG D 387 -34.88 20.12 41.67
CA ARG D 387 -34.09 20.35 42.87
C ARG D 387 -34.07 19.09 43.72
N LEU D 388 -35.21 18.41 43.79
CA LEU D 388 -35.28 17.19 44.54
C LEU D 388 -34.45 16.11 43.91
N GLN D 389 -34.51 16.00 42.59
CA GLN D 389 -33.75 14.98 41.92
C GLN D 389 -32.26 15.16 42.11
N ILE D 390 -31.79 16.41 42.17
CA ILE D 390 -30.38 16.65 42.38
C ILE D 390 -30.01 16.15 43.74
N SER D 391 -30.82 16.46 44.75
CA SER D 391 -30.51 16.01 46.08
C SER D 391 -30.48 14.49 46.12
N MET D 392 -31.42 13.84 45.42
CA MET D 392 -31.42 12.39 45.45
C MET D 392 -30.21 11.82 44.75
N CYS D 393 -29.75 12.44 43.68
CA CYS D 393 -28.60 11.94 42.95
C CYS D 393 -27.41 11.95 43.87
N GLN D 394 -27.28 13.03 44.64
CA GLN D 394 -26.19 13.20 45.55
C GLN D 394 -26.25 12.16 46.66
N LYS D 395 -27.45 11.89 47.16
CA LYS D 395 -27.57 10.91 48.20
C LYS D 395 -27.23 9.52 47.71
N LYS D 396 -27.66 9.17 46.50
CA LYS D 396 -27.36 7.85 46.00
C LYS D 396 -25.89 7.69 45.79
N ALA D 397 -25.24 8.74 45.31
CA ALA D 397 -23.82 8.63 45.09
C ALA D 397 -23.12 8.34 46.41
N LYS D 398 -23.59 8.99 47.49
CA LYS D 398 -23.00 8.75 48.79
C LYS D 398 -23.17 7.31 49.20
N GLU D 399 -24.35 6.74 48.96
CA GLU D 399 -24.58 5.36 49.34
C GLU D 399 -23.63 4.42 48.64
N HIS D 400 -23.36 4.68 47.36
CA HIS D 400 -22.48 3.81 46.62
C HIS D 400 -21.07 3.93 47.14
N ASN D 401 -20.66 5.13 47.50
CA ASN D 401 -19.32 5.31 47.97
C ASN D 401 -19.09 4.56 49.29
N GLU D 402 -20.12 4.54 50.12
CA GLU D 402 -20.03 3.86 51.38
C GLU D 402 -19.95 2.35 51.19
N ARG D 403 -20.68 1.83 50.22
CA ARG D 403 -20.60 0.40 49.98
C ARG D 403 -19.18 0.03 49.60
N ASP D 404 -18.54 0.84 48.78
CA ASP D 404 -17.19 0.49 48.42
C ASP D 404 -16.31 0.46 49.63
N ARG D 405 -16.47 1.39 50.56
CA ARG D 405 -15.59 1.35 51.71
C ARG D 405 -15.81 0.09 52.50
N ARG D 406 -17.04 -0.35 52.60
CA ARG D 406 -17.31 -1.55 53.35
C ARG D 406 -16.57 -2.76 52.77
N ILE D 407 -16.42 -2.82 51.46
CA ILE D 407 -15.77 -3.96 50.84
C ILE D 407 -14.26 -3.87 50.76
N TYR D 408 -13.80 -2.74 50.27
CA TYR D 408 -12.40 -2.53 49.98
C TYR D 408 -11.56 -2.07 51.13
N ALA D 409 -12.15 -1.49 52.15
CA ALA D 409 -11.28 -0.96 53.17
C ALA D 409 -10.36 -2.02 53.72
N ASN D 410 -9.11 -1.62 53.76
CA ASN D 410 -8.00 -2.41 54.28
C ASN D 410 -7.79 -3.74 53.57
N MET D 411 -8.11 -3.78 52.28
CA MET D 411 -7.89 -4.99 51.52
C MET D 411 -6.45 -5.32 51.40
N PHE D 412 -5.58 -4.33 51.49
CA PHE D 412 -4.21 -4.73 51.32
C PHE D 412 -3.76 -5.61 52.45
N LYS D 413 -4.32 -5.39 53.64
CA LYS D 413 -3.94 -6.22 54.74
C LYS D 413 -4.55 -7.58 54.54
N LYS D 414 -5.80 -7.61 54.10
CA LYS D 414 -6.46 -8.89 53.92
C LYS D 414 -5.66 -9.74 52.96
N PHE D 415 -5.16 -9.12 51.92
CA PHE D 415 -4.42 -9.85 50.92
C PHE D 415 -3.11 -10.34 51.47
N ALA D 416 -2.42 -9.48 52.22
CA ALA D 416 -1.13 -9.84 52.78
C ALA D 416 -1.24 -11.04 53.71
N GLU D 417 -2.35 -11.13 54.43
CA GLU D 417 -2.56 -12.21 55.36
C GLU D 417 -2.98 -13.49 54.66
N GLN D 418 -3.75 -13.37 53.59
CA GLN D 418 -4.15 -14.55 52.83
C GLN D 418 -2.92 -15.17 52.25
N ASP D 419 -1.96 -14.33 51.91
CA ASP D 419 -0.74 -14.81 51.34
C ASP D 419 0.20 -15.39 52.41
N ALA D 420 -0.14 -16.64 52.81
CA ALA D 420 0.51 -17.46 53.82
C ALA D 420 1.30 -18.53 53.10
#